data_8KI7
#
_entry.id   8KI7
#
_cell.length_a   1.00
_cell.length_b   1.00
_cell.length_c   1.00
_cell.angle_alpha   90.00
_cell.angle_beta   90.00
_cell.angle_gamma   90.00
#
_symmetry.space_group_name_H-M   'P 1'
#
loop_
_entity.id
_entity.type
_entity.pdbx_description
1 polymer 'RNA-directed RNA polymerase L'
2 polymer "RNA (5'-R(P*AP*GP*AP*GP*CP*AP*AP*UP*CP*A)-3')"
3 polymer "RNA (5'-R(P*GP*CP*AP*AP*UP*CP*AP*GP*G)-3')"
4 polymer "RNA (5'-R(P*AP*CP*CP*UP*GP*AP*UP*UP*GP*CP*UP*CP*U)-3')"
#
loop_
_entity_poly.entity_id
_entity_poly.type
_entity_poly.pdbx_seq_one_letter_code
_entity_poly.pdbx_strand_id
1 'polypeptide(L)'
;MNIQKIQKLIENGTTLLLSIEDCVGSNYDLALDLHKRNSDEIPEDVIINNNAKNYETMRELIVKITADGEGLNKGMATVD
VKKLSEMVSLFEQKYLETELARHDIFGELISRHLRIKPKQRSEVEIEHALREYLDELNKKSCINKLSDDEFERINKEYVA
TNATPDNYVIYKESKNSELCLIIYDWKISVDARTETKTMEKYYKNIWKSFKDIKVNGKPFLEDHPVFVSIVILKPIAGMP
ITVTSSRVLEKFEDSPSALHGERIKHARNAKLLNISHVGQIVGTTPTVVRNYYANTQKIKSEVRGILGDDFGSKDVFFSH
WTSKYKERNPTEIAYSEDIERIIDSLVTDEITKEEIIHFLFGNFCFHIETMNDQHIADKFKGYQSSCINLKIEPKVDLAD
LKDHLIQKQQIWESLYGKHLEKIMLRIREKKKKEKEIPDITTAFNQNAAEYEEKYPNCFTNDLSETKTNFSMTWSPSFEK
IELSSEVDYNNAIINKFRESFKSSSRVIYNSPYSSINNQTNKARDITNLVRLCLTELSCDTTKMEKQELEDEIDINTGSI
KVERTKKSKEWNKQGSCLTRNKNEFCMKETGRENKTIYFKGLAVMNIGMSSKKRILKKEEIKERISKGLEYDTSERQADP
NDDYSSIDMSSLTHMKKLIRHDNEDSLSWCERIKDSLFVLHNGDIREEGKITSVYNNYAKNPECLYIQDSVLKTELETCK
KINKLCNDLAIYHYSEDMMQFSKGLMVADRYMTKESFKILTTANTSMMLLAFKGDGMNTGGSGVPYIALHIVDEDMSDQF
NICYTKEIYSYFRNGSNYIYIMRPQRLNQVRLLSLFKTPSKVPVCFAQFSKKANEMEKWLKNKDIEKVNVFSMTMTVKQI
LINIVFSSVMIGTVTKLSRMGIFDFMRYAGFLPLSDYSNIKEYIRDKFDPDITNVADIYFVNGIKKLLFRMEDLNLSTNA
KPVVVDHENDIIGGITDLNIKCPITGSTLLTLEDLYNNVYLAIYMMPKSLHNHVHNLTSLLNVPAEWELKFRKELGFNIF
EDIYPKKAMFDDKDLFSINGALNVKALSDYYLGNIENVGLMRSEIENKEDFLSPCYKISTLKSSKKCSQSNIISTDEIIE
CLQNAKIQDIENWKGNNLAIIKGLIRTYNEEKNRLVEFFEDNCVNSLYLVEKLKEIINSGSITVGKSVTSKFIRNNHPLT
VETYLKTKLYYRNNVTVLKSKKVSEELYDLVKQFHNMMEIDLDSVMNLGKGTEGKKHTFLQMLEFVMSKAKNVTGSVDFL
VSVFEKMQRTKTDREIYLMSMKVKMMLYFIEHTFKHVAQSDPSEAISISGDNKIRALSTLSLDTITSYNDILNKNSKKSR
LAFLSADQSKWSASDLTYKYVLAIILNPILTTGEASLMIECILMYVKLKKVCIPTDIFLNLRKAQGTFGQNETAIGLLTK
GLTTNTYPVSMNWLQGNLNYLSSVYHSCAMKAYHKTLECYKDCDFQTRWIVHSDDNATSLIASGEVDKMLTDFSSSSLPE
MLFRSIEAHFKSFCITLNPKKSYASSSEVEFISERIVNGAIIPLYCRHLANCCTESSHISYFDDLMSLSIHVTMLLRKGC
PNEVIPFAYGAVQVQALSIYSMLPGEVNDSIRIFKKLGVSLKSNEIPTNMGGWLTSPIEPLSILGPSSNDQIIYYNVIRD
FLNKKSLEEVKDSVSSSSYLQMRFRELKGKYEKGTLEEKDKKMIFLINLFEKASVSEDSDVLTIGMKFQTMLTQIIKLPN
FINENALNKMSSYKDFSKLYPNLKKNEDLYKSTKNLKIDEDAILEEDELYEKIASSLEMESVHDIMIKNPETILIAPLND
RDFLLSQLFMYTSPSKRNQLSNQSTEKLALDRVLRSKARTFVDISSTVKMTYEENMEKKILEMLKFDLDSYCSFKTCVNL
VIKDVNFSMLIPILDSAYPCESRKRDNYNFRWFQTEKWIPVVEGSPGLVVMHAVYGSNYIENLGLKNIPLTDDSINVLTS
TFGTGLIMEDVKSLVKGKDSFETEAFSNSNECQRLVKACNYMIAAQNRLLAINTCFTRKSFPFYSKFNLGRGFISNTLAL
LSTIYSKEES
;
A
2 'polyribonucleotide' AGAGCAAUCA E
3 'polyribonucleotide' GCAAUCAGG B
4 'polyribonucleotide' ACCUGAUUGCUCU F
#
loop_
_chem_comp.id
_chem_comp.type
_chem_comp.name
_chem_comp.formula
A RNA linking ADENOSINE-5'-MONOPHOSPHATE 'C10 H14 N5 O7 P'
C RNA linking CYTIDINE-5'-MONOPHOSPHATE 'C9 H14 N3 O8 P'
G RNA linking GUANOSINE-5'-MONOPHOSPHATE 'C10 H14 N5 O8 P'
U RNA linking URIDINE-5'-MONOPHOSPHATE 'C9 H13 N2 O9 P'
#
# COMPACT_ATOMS: atom_id res chain seq x y z
N MET A 1 11.09 -3.86 -34.62
CA MET A 1 10.92 -3.30 -35.96
C MET A 1 9.77 -2.29 -36.00
N ASN A 2 9.76 -1.46 -37.03
CA ASN A 2 8.74 -0.43 -37.19
C ASN A 2 8.31 -0.35 -38.65
N ILE A 3 7.02 -0.53 -38.89
CA ILE A 3 6.48 -0.38 -40.24
C ILE A 3 6.54 1.08 -40.68
N GLN A 4 6.47 2.02 -39.73
CA GLN A 4 6.66 3.42 -40.05
C GLN A 4 8.08 3.69 -40.54
N LYS A 5 9.08 3.04 -39.92
CA LYS A 5 10.46 3.14 -40.41
C LYS A 5 10.62 2.47 -41.76
N ILE A 6 9.95 1.32 -41.95
CA ILE A 6 10.05 0.57 -43.20
C ILE A 6 9.40 1.36 -44.35
N GLN A 7 8.44 2.23 -44.01
CA GLN A 7 7.85 3.10 -45.03
C GLN A 7 8.68 4.36 -45.22
N LYS A 8 9.25 4.90 -44.14
CA LYS A 8 10.02 6.13 -44.21
C LYS A 8 11.34 5.96 -44.95
N LEU A 9 11.88 4.73 -45.01
CA LEU A 9 13.06 4.53 -45.85
C LEU A 9 12.71 4.48 -47.34
N ILE A 10 11.44 4.30 -47.69
CA ILE A 10 11.08 4.12 -49.10
C ILE A 10 11.10 5.44 -49.85
N GLU A 11 10.37 6.44 -49.35
CA GLU A 11 10.21 7.70 -50.08
C GLU A 11 11.46 8.58 -50.05
N ASN A 12 12.44 8.26 -49.20
CA ASN A 12 13.71 8.96 -49.18
C ASN A 12 14.75 8.32 -50.09
N GLY A 13 14.33 7.33 -50.89
CA GLY A 13 15.27 6.56 -51.70
C GLY A 13 15.98 7.36 -52.77
N THR A 14 15.29 8.36 -53.35
CA THR A 14 15.91 9.17 -54.40
C THR A 14 17.06 10.02 -53.85
N THR A 15 16.81 10.73 -52.75
CA THR A 15 17.85 11.55 -52.13
C THR A 15 18.95 10.68 -51.53
N LEU A 16 18.58 9.50 -51.00
CA LEU A 16 19.58 8.57 -50.49
C LEU A 16 20.48 8.05 -51.60
N LEU A 17 19.90 7.74 -52.77
CA LEU A 17 20.69 7.26 -53.88
C LEU A 17 21.60 8.34 -54.44
N LEU A 18 21.11 9.59 -54.50
CA LEU A 18 21.95 10.71 -54.93
C LEU A 18 23.10 10.93 -53.96
N SER A 19 22.83 10.86 -52.66
CA SER A 19 23.88 11.03 -51.66
C SER A 19 24.88 9.88 -51.70
N ILE A 20 24.41 8.66 -52.00
CA ILE A 20 25.30 7.51 -52.08
C ILE A 20 26.21 7.61 -53.32
N GLU A 21 25.65 8.04 -54.45
CA GLU A 21 26.47 8.25 -55.65
C GLU A 21 27.49 9.36 -55.44
N ASP A 22 27.08 10.44 -54.75
CA ASP A 22 28.02 11.49 -54.38
C ASP A 22 29.09 10.98 -53.42
N CYS A 23 28.71 10.09 -52.50
CA CYS A 23 29.67 9.47 -51.58
C CYS A 23 30.72 8.65 -52.33
N VAL A 24 30.27 7.87 -53.32
CA VAL A 24 31.18 7.08 -54.14
C VAL A 24 32.13 7.99 -54.91
N GLY A 25 31.60 9.06 -55.51
CA GLY A 25 32.44 9.99 -56.25
C GLY A 25 33.46 10.70 -55.37
N SER A 26 33.03 11.13 -54.17
CA SER A 26 33.94 11.82 -53.25
C SER A 26 35.01 10.88 -52.71
N ASN A 27 34.65 9.62 -52.42
CA ASN A 27 35.62 8.64 -51.94
C ASN A 27 36.64 8.30 -53.02
N TYR A 28 36.18 8.16 -54.27
CA TYR A 28 37.12 7.88 -55.36
C TYR A 28 38.02 9.07 -55.64
N ASP A 29 37.50 10.29 -55.51
CA ASP A 29 38.33 11.49 -55.65
C ASP A 29 39.37 11.58 -54.55
N LEU A 30 38.99 11.23 -53.31
CA LEU A 30 39.94 11.20 -52.20
C LEU A 30 41.02 10.15 -52.43
N ALA A 31 40.63 8.98 -52.93
CA ALA A 31 41.59 7.91 -53.20
C ALA A 31 42.58 8.31 -54.30
N LEU A 32 42.07 8.96 -55.36
CA LEU A 32 42.96 9.43 -56.42
C LEU A 32 43.88 10.55 -55.94
N ASP A 33 43.37 11.45 -55.10
CA ASP A 33 44.18 12.54 -54.55
C ASP A 33 45.29 12.01 -53.65
N LEU A 34 44.98 10.98 -52.86
CA LEU A 34 46.03 10.40 -52.02
C LEU A 34 47.01 9.57 -52.82
N HIS A 35 46.55 8.86 -53.85
CA HIS A 35 47.42 7.97 -54.61
C HIS A 35 48.33 8.73 -55.58
N LYS A 36 47.89 9.88 -56.09
CA LYS A 36 48.73 10.61 -57.03
C LYS A 36 49.92 11.30 -56.35
N ARG A 37 49.86 11.48 -55.03
CA ARG A 37 50.99 12.00 -54.28
C ARG A 37 51.71 10.94 -53.45
N ASN A 38 51.04 9.83 -53.14
CA ASN A 38 51.66 8.69 -52.47
C ASN A 38 51.41 7.46 -53.33
N SER A 39 52.36 7.12 -54.19
CA SER A 39 52.22 5.96 -55.05
C SER A 39 52.33 4.65 -54.28
N ASP A 40 52.93 4.66 -53.09
CA ASP A 40 53.02 3.48 -52.26
C ASP A 40 51.68 3.21 -51.56
N GLU A 41 51.60 2.05 -50.91
CA GLU A 41 50.42 1.72 -50.14
C GLU A 41 50.32 2.59 -48.89
N ILE A 42 49.11 2.98 -48.55
CA ILE A 42 48.86 3.87 -47.41
C ILE A 42 47.89 3.16 -46.48
N PRO A 43 47.90 3.49 -45.19
CA PRO A 43 46.87 2.97 -44.28
C PRO A 43 45.46 3.40 -44.63
N GLU A 44 45.29 4.52 -45.36
CA GLU A 44 43.96 4.96 -45.75
C GLU A 44 43.36 4.12 -46.87
N ASP A 45 44.19 3.34 -47.59
CA ASP A 45 43.71 2.60 -48.75
C ASP A 45 42.73 1.49 -48.38
N VAL A 46 43.00 0.77 -47.28
CA VAL A 46 42.15 -0.34 -46.87
C VAL A 46 40.78 0.17 -46.44
N ILE A 47 40.74 1.23 -45.63
CA ILE A 47 39.46 1.78 -45.19
C ILE A 47 38.74 2.49 -46.33
N ILE A 48 39.47 3.03 -47.31
CA ILE A 48 38.83 3.62 -48.49
C ILE A 48 38.17 2.54 -49.34
N ASN A 49 38.85 1.40 -49.52
CA ASN A 49 38.26 0.29 -50.26
C ASN A 49 37.06 -0.30 -49.53
N ASN A 50 37.14 -0.39 -48.19
CA ASN A 50 36.00 -0.85 -47.40
C ASN A 50 34.83 0.11 -47.51
N ASN A 51 35.11 1.42 -47.51
CA ASN A 51 34.10 2.44 -47.73
C ASN A 51 33.45 2.29 -49.10
N ALA A 52 34.25 1.97 -50.12
CA ALA A 52 33.72 1.81 -51.47
C ALA A 52 32.80 0.60 -51.59
N LYS A 53 33.21 -0.55 -51.03
CA LYS A 53 32.35 -1.74 -51.15
C LYS A 53 31.10 -1.61 -50.30
N ASN A 54 31.20 -0.97 -49.12
CA ASN A 54 29.99 -0.73 -48.35
C ASN A 54 29.09 0.30 -49.02
N TYR A 55 29.67 1.27 -49.74
CA TYR A 55 28.87 2.26 -50.46
C TYR A 55 28.08 1.62 -51.60
N GLU A 56 28.73 0.74 -52.37
CA GLU A 56 27.97 0.05 -53.41
C GLU A 56 26.99 -0.97 -52.82
N THR A 57 27.30 -1.49 -51.63
CA THR A 57 26.34 -2.34 -50.92
C THR A 57 25.08 -1.57 -50.56
N MET A 58 25.21 -0.38 -49.99
CA MET A 58 24.01 0.39 -49.68
C MET A 58 23.33 0.94 -50.92
N ARG A 59 24.08 1.13 -52.02
CA ARG A 59 23.46 1.50 -53.28
C ARG A 59 22.53 0.41 -53.78
N GLU A 60 23.01 -0.84 -53.80
CA GLU A 60 22.16 -1.97 -54.17
C GLU A 60 21.02 -2.17 -53.19
N LEU A 61 21.28 -1.90 -51.89
CA LEU A 61 20.25 -2.04 -50.87
C LEU A 61 19.11 -1.05 -51.08
N ILE A 62 19.44 0.24 -51.27
CA ILE A 62 18.40 1.24 -51.44
C ILE A 62 17.69 1.07 -52.78
N VAL A 63 18.40 0.54 -53.80
CA VAL A 63 17.75 0.21 -55.07
C VAL A 63 16.72 -0.89 -54.89
N LYS A 64 17.07 -1.94 -54.13
CA LYS A 64 16.13 -3.04 -53.92
C LYS A 64 14.96 -2.64 -53.05
N ILE A 65 15.18 -1.80 -52.03
CA ILE A 65 14.08 -1.33 -51.19
C ILE A 65 13.16 -0.40 -51.99
N THR A 66 13.72 0.44 -52.85
CA THR A 66 12.90 1.31 -53.69
C THR A 66 12.10 0.50 -54.71
N ALA A 67 12.67 -0.61 -55.20
CA ALA A 67 11.93 -1.47 -56.11
C ALA A 67 10.83 -2.26 -55.39
N ASP A 68 11.10 -2.71 -54.17
CA ASP A 68 10.15 -3.52 -53.43
C ASP A 68 9.00 -2.70 -52.83
N GLY A 69 9.28 -1.46 -52.43
CA GLY A 69 8.30 -0.67 -51.70
C GLY A 69 7.26 0.03 -52.54
N GLU A 70 7.18 -0.26 -53.83
CA GLU A 70 6.16 0.35 -54.69
C GLU A 70 4.76 -0.15 -54.34
N GLY A 71 4.63 -1.41 -53.97
CA GLY A 71 3.33 -1.99 -53.67
C GLY A 71 2.93 -1.86 -52.21
N LEU A 72 3.89 -1.57 -51.33
CA LEU A 72 3.59 -1.42 -49.92
C LEU A 72 2.80 -0.15 -49.64
N ASN A 73 3.06 0.91 -50.40
CA ASN A 73 2.34 2.16 -50.21
C ASN A 73 0.91 2.09 -50.72
N LYS A 74 0.59 1.12 -51.58
CA LYS A 74 -0.77 0.91 -52.03
C LYS A 74 -1.51 -0.15 -51.21
N GLY A 75 -0.87 -0.70 -50.17
CA GLY A 75 -1.54 -1.65 -49.31
C GLY A 75 -1.60 -3.07 -49.82
N MET A 76 -0.66 -3.46 -50.69
CA MET A 76 -0.63 -4.82 -51.19
C MET A 76 -0.07 -5.75 -50.14
N ALA A 77 -0.69 -6.94 -50.00
CA ALA A 77 -0.35 -7.87 -48.95
C ALA A 77 0.82 -8.79 -49.29
N THR A 78 1.37 -8.69 -50.50
CA THR A 78 2.48 -9.55 -50.92
C THR A 78 3.83 -8.85 -50.79
N VAL A 79 4.00 -8.04 -49.75
CA VAL A 79 5.24 -7.31 -49.52
C VAL A 79 6.02 -8.01 -48.42
N ASP A 80 7.28 -8.33 -48.70
CA ASP A 80 8.14 -9.08 -47.78
C ASP A 80 8.66 -8.12 -46.71
N VAL A 81 7.88 -7.98 -45.64
CA VAL A 81 8.20 -7.01 -44.59
C VAL A 81 9.43 -7.45 -43.80
N LYS A 82 9.55 -8.75 -43.53
CA LYS A 82 10.72 -9.25 -42.80
C LYS A 82 11.98 -9.13 -43.64
N LYS A 83 11.89 -9.37 -44.94
CA LYS A 83 13.03 -9.18 -45.83
C LYS A 83 13.43 -7.71 -45.92
N LEU A 84 12.44 -6.81 -45.94
CA LEU A 84 12.74 -5.38 -45.91
C LEU A 84 13.40 -4.97 -44.61
N SER A 85 12.98 -5.56 -43.49
CA SER A 85 13.60 -5.28 -42.20
C SER A 85 15.04 -5.79 -42.16
N GLU A 86 15.29 -6.98 -42.71
CA GLU A 86 16.66 -7.50 -42.78
C GLU A 86 17.53 -6.64 -43.68
N MET A 87 16.98 -6.14 -44.78
CA MET A 87 17.74 -5.26 -45.66
C MET A 87 18.00 -3.90 -45.00
N VAL A 88 17.06 -3.42 -44.18
CA VAL A 88 17.27 -2.20 -43.40
C VAL A 88 18.39 -2.41 -42.38
N SER A 89 18.42 -3.59 -41.74
CA SER A 89 19.50 -3.91 -40.82
C SER A 89 20.85 -3.97 -41.54
N LEU A 90 20.88 -4.58 -42.74
CA LEU A 90 22.11 -4.64 -43.53
C LEU A 90 22.59 -3.25 -43.93
N PHE A 91 21.65 -2.40 -44.38
CA PHE A 91 21.90 -0.97 -44.60
C PHE A 91 22.54 -0.32 -43.39
N GLU A 92 22.02 -0.61 -42.19
CA GLU A 92 22.50 0.13 -41.04
C GLU A 92 23.87 -0.35 -40.57
N GLN A 93 24.15 -1.67 -40.58
CA GLN A 93 25.51 -2.05 -40.16
C GLN A 93 26.54 -1.69 -41.23
N LYS A 94 26.15 -1.66 -42.51
CA LYS A 94 27.06 -1.11 -43.52
C LYS A 94 27.31 0.37 -43.30
N TYR A 95 26.28 1.12 -42.89
CA TYR A 95 26.51 2.54 -42.59
C TYR A 95 27.36 2.72 -41.33
N LEU A 96 27.22 1.84 -40.35
CA LEU A 96 28.07 1.89 -39.17
C LEU A 96 29.53 1.61 -39.53
N GLU A 97 29.74 0.67 -40.44
CA GLU A 97 31.09 0.41 -40.95
C GLU A 97 31.65 1.61 -41.69
N THR A 98 30.81 2.31 -42.47
CA THR A 98 31.30 3.52 -43.15
C THR A 98 31.58 4.65 -42.17
N GLU A 99 30.80 4.76 -41.10
CA GLU A 99 31.05 5.79 -40.09
C GLU A 99 32.37 5.54 -39.38
N LEU A 100 32.63 4.28 -39.01
CA LEU A 100 33.92 3.92 -38.40
C LEU A 100 35.07 4.11 -39.39
N ALA A 101 34.84 3.80 -40.67
CA ALA A 101 35.86 3.99 -41.69
C ALA A 101 36.16 5.47 -41.91
N ARG A 102 35.14 6.34 -41.84
CA ARG A 102 35.35 7.77 -41.99
C ARG A 102 36.08 8.34 -40.77
N HIS A 103 35.79 7.83 -39.58
CA HIS A 103 36.56 8.23 -38.39
C HIS A 103 38.02 7.82 -38.51
N ASP A 104 38.28 6.60 -39.00
CA ASP A 104 39.64 6.14 -39.19
C ASP A 104 40.35 6.91 -40.29
N ILE A 105 39.61 7.30 -41.34
CA ILE A 105 40.18 8.13 -42.40
C ILE A 105 40.58 9.49 -41.85
N PHE A 106 39.73 10.07 -41.00
CA PHE A 106 40.06 11.34 -40.35
C PHE A 106 41.31 11.20 -39.49
N GLY A 107 41.39 10.12 -38.71
CA GLY A 107 42.53 9.93 -37.82
C GLY A 107 43.83 9.70 -38.56
N GLU A 108 43.81 8.88 -39.62
CA GLU A 108 45.02 8.66 -40.41
C GLU A 108 45.42 9.90 -41.18
N LEU A 109 44.46 10.77 -41.51
CA LEU A 109 44.81 12.02 -42.15
C LEU A 109 45.45 13.00 -41.16
N ILE A 110 44.92 13.09 -39.95
CA ILE A 110 45.41 14.10 -39.01
C ILE A 110 46.71 13.63 -38.35
N SER A 111 46.93 12.30 -38.30
CA SER A 111 48.04 11.72 -37.55
C SER A 111 49.41 12.05 -38.13
N ARG A 112 49.48 12.52 -39.38
CA ARG A 112 50.75 12.92 -39.95
C ARG A 112 51.25 14.27 -39.43
N HIS A 113 50.35 15.19 -39.09
CA HIS A 113 50.72 16.55 -38.74
C HIS A 113 50.79 16.80 -37.24
N LEU A 114 50.71 15.76 -36.42
CA LEU A 114 50.83 15.91 -34.98
C LEU A 114 52.26 16.29 -34.59
N ARG A 115 52.39 17.06 -33.52
CA ARG A 115 53.70 17.25 -32.91
C ARG A 115 54.16 15.99 -32.20
N ILE A 116 53.23 15.12 -31.80
CA ILE A 116 53.51 13.80 -31.25
C ILE A 116 52.72 12.82 -32.11
N LYS A 117 53.36 12.32 -33.17
CA LYS A 117 52.67 11.46 -34.12
C LYS A 117 52.49 10.06 -33.53
N PRO A 118 51.27 9.57 -33.39
CA PRO A 118 51.08 8.21 -32.89
C PRO A 118 51.25 7.17 -34.00
N LYS A 119 51.64 5.97 -33.56
CA LYS A 119 51.73 4.82 -34.45
C LYS A 119 50.35 4.37 -34.90
N GLN A 120 50.28 3.85 -36.12
CA GLN A 120 49.02 3.40 -36.71
C GLN A 120 48.62 2.07 -36.08
N ARG A 121 47.44 2.04 -35.45
CA ARG A 121 46.90 0.81 -34.90
C ARG A 121 45.43 0.68 -35.27
N SER A 122 44.93 -0.54 -35.23
CA SER A 122 43.54 -0.83 -35.59
C SER A 122 42.66 -0.95 -34.35
N GLU A 123 42.99 -1.85 -33.43
CA GLU A 123 42.23 -2.04 -32.21
C GLU A 123 42.98 -1.39 -31.05
N VAL A 124 42.29 -0.51 -30.33
CA VAL A 124 42.89 0.29 -29.26
C VAL A 124 42.00 0.20 -28.02
N GLU A 125 42.64 0.26 -26.86
CA GLU A 125 41.90 0.16 -25.60
C GLU A 125 42.74 0.79 -24.49
N ILE A 126 42.02 1.44 -23.56
CA ILE A 126 42.63 2.07 -22.38
C ILE A 126 43.38 1.05 -21.54
N GLU A 127 42.93 -0.20 -21.53
CA GLU A 127 43.60 -1.26 -20.77
C GLU A 127 45.03 -1.48 -21.25
N HIS A 128 45.20 -1.78 -22.55
CA HIS A 128 46.55 -1.98 -23.08
C HIS A 128 47.35 -0.69 -23.09
N ALA A 129 46.69 0.47 -23.22
CA ALA A 129 47.39 1.75 -23.07
C ALA A 129 48.01 1.87 -21.69
N LEU A 130 47.27 1.51 -20.64
CA LEU A 130 47.77 1.64 -19.28
C LEU A 130 48.85 0.60 -18.98
N ARG A 131 48.68 -0.64 -19.48
CA ARG A 131 49.74 -1.64 -19.29
C ARG A 131 51.04 -1.23 -19.98
N GLU A 132 50.95 -0.74 -21.22
CA GLU A 132 52.16 -0.34 -21.93
C GLU A 132 52.80 0.90 -21.32
N TYR A 133 51.98 1.80 -20.76
CA TYR A 133 52.54 2.95 -20.05
C TYR A 133 53.26 2.52 -18.78
N LEU A 134 52.70 1.52 -18.07
CA LEU A 134 53.36 1.04 -16.86
C LEU A 134 54.68 0.31 -17.16
N ASP A 135 54.71 -0.53 -18.21
CA ASP A 135 55.97 -1.21 -18.49
C ASP A 135 57.00 -0.27 -19.10
N GLU A 136 56.55 0.77 -19.82
CA GLU A 136 57.49 1.77 -20.30
C GLU A 136 58.02 2.63 -19.17
N LEU A 137 57.20 2.91 -18.15
CA LEU A 137 57.69 3.58 -16.95
C LEU A 137 58.72 2.72 -16.21
N ASN A 138 58.48 1.41 -16.15
CA ASN A 138 59.41 0.52 -15.46
C ASN A 138 60.72 0.36 -16.23
N LYS A 139 60.66 0.32 -17.56
CA LYS A 139 61.85 0.08 -18.37
C LYS A 139 62.66 1.34 -18.64
N LYS A 140 62.02 2.39 -19.17
CA LYS A 140 62.74 3.60 -19.53
C LYS A 140 63.14 4.39 -18.29
N SER A 141 64.30 5.06 -18.39
CA SER A 141 64.81 5.89 -17.31
C SER A 141 64.27 7.30 -17.45
N CYS A 142 63.68 7.82 -16.37
CA CYS A 142 63.09 9.15 -16.37
C CYS A 142 63.03 9.66 -14.94
N ILE A 143 62.45 10.84 -14.77
CA ILE A 143 62.26 11.41 -13.44
C ILE A 143 61.26 10.59 -12.64
N ASN A 144 60.16 10.18 -13.29
CA ASN A 144 59.09 9.44 -12.65
C ASN A 144 59.22 7.93 -12.87
N LYS A 145 60.45 7.42 -12.91
CA LYS A 145 60.69 6.02 -13.25
C LYS A 145 60.22 5.10 -12.14
N LEU A 146 59.39 4.11 -12.50
CA LEU A 146 58.91 3.13 -11.55
C LEU A 146 60.00 2.11 -11.25
N SER A 147 59.87 1.43 -10.11
CA SER A 147 60.80 0.38 -9.75
C SER A 147 60.15 -0.99 -9.95
N ASP A 148 60.98 -2.04 -9.86
CA ASP A 148 60.54 -3.40 -10.16
C ASP A 148 59.55 -3.94 -9.13
N ASP A 149 59.79 -3.66 -7.84
CA ASP A 149 58.84 -4.06 -6.81
C ASP A 149 57.56 -3.25 -6.89
N GLU A 150 57.66 -2.01 -7.35
CA GLU A 150 56.52 -1.10 -7.49
C GLU A 150 55.70 -1.38 -8.75
N PHE A 151 56.26 -2.15 -9.70
CA PHE A 151 55.53 -2.54 -10.90
C PHE A 151 54.30 -3.39 -10.58
N GLU A 152 54.42 -4.32 -9.64
CA GLU A 152 53.39 -5.36 -9.47
C GLU A 152 52.15 -4.84 -8.76
N ARG A 153 52.31 -4.10 -7.66
CA ARG A 153 51.14 -3.78 -6.85
C ARG A 153 50.27 -2.68 -7.46
N ILE A 154 50.78 -1.92 -8.44
CA ILE A 154 49.92 -1.03 -9.21
C ILE A 154 48.88 -1.82 -9.98
N ASN A 155 49.32 -2.87 -10.68
CA ASN A 155 48.38 -3.73 -11.40
C ASN A 155 47.56 -4.59 -10.44
N LYS A 156 48.09 -4.89 -9.26
CA LYS A 156 47.32 -5.62 -8.26
C LYS A 156 46.15 -4.80 -7.73
N GLU A 157 46.41 -3.55 -7.35
CA GLU A 157 45.38 -2.66 -6.83
C GLU A 157 44.58 -1.97 -7.94
N TYR A 158 44.96 -2.15 -9.19
CA TYR A 158 44.32 -1.47 -10.30
C TYR A 158 42.94 -2.06 -10.58
N VAL A 159 41.99 -1.20 -10.92
CA VAL A 159 40.63 -1.60 -11.29
C VAL A 159 40.41 -1.20 -12.74
N ALA A 160 40.09 -2.19 -13.58
CA ALA A 160 39.93 -1.95 -15.01
C ALA A 160 38.61 -1.26 -15.30
N THR A 161 38.61 -0.50 -16.41
CA THR A 161 37.42 0.19 -16.89
C THR A 161 37.20 -0.13 -18.36
N ASN A 162 35.96 0.05 -18.81
CA ASN A 162 35.55 -0.34 -20.15
C ASN A 162 35.18 0.91 -20.95
N ALA A 163 36.07 1.30 -21.85
CA ALA A 163 35.81 2.39 -22.79
C ALA A 163 36.70 2.19 -24.01
N THR A 164 36.27 2.78 -25.13
CA THR A 164 36.97 2.61 -26.41
C THR A 164 37.56 3.94 -26.87
N PRO A 165 38.87 4.12 -26.76
CA PRO A 165 39.53 5.30 -27.31
C PRO A 165 39.81 5.10 -28.79
N ASP A 166 40.55 6.05 -29.37
CA ASP A 166 40.93 5.97 -30.78
C ASP A 166 42.42 5.71 -31.00
N ASN A 167 43.29 6.27 -30.16
CA ASN A 167 44.72 5.94 -30.16
C ASN A 167 45.33 6.37 -28.84
N TYR A 168 46.59 6.00 -28.64
CA TYR A 168 47.34 6.44 -27.48
C TYR A 168 48.81 6.49 -27.86
N VAL A 169 49.53 7.44 -27.26
CA VAL A 169 50.93 7.66 -27.62
C VAL A 169 51.71 7.92 -26.32
N ILE A 170 52.99 7.56 -26.33
CA ILE A 170 53.90 7.81 -25.21
C ILE A 170 55.01 8.73 -25.71
N TYR A 171 55.22 9.84 -25.02
CA TYR A 171 56.04 10.93 -25.54
C TYR A 171 57.12 11.29 -24.53
N LYS A 172 58.31 11.59 -25.03
CA LYS A 172 59.44 12.07 -24.23
C LYS A 172 59.79 13.48 -24.66
N GLU A 173 59.81 14.41 -23.70
CA GLU A 173 60.25 15.77 -24.00
C GLU A 173 61.75 15.82 -24.27
N SER A 174 62.54 15.18 -23.43
CA SER A 174 63.99 15.15 -23.58
C SER A 174 64.51 13.86 -22.95
N LYS A 175 65.83 13.78 -22.77
CA LYS A 175 66.43 12.59 -22.19
C LYS A 175 66.14 12.49 -20.70
N ASN A 176 66.26 13.60 -19.97
CA ASN A 176 66.04 13.63 -18.53
C ASN A 176 64.68 14.23 -18.18
N SER A 177 63.68 14.02 -19.03
CA SER A 177 62.32 14.49 -18.80
C SER A 177 61.46 13.34 -18.30
N GLU A 178 60.20 13.66 -18.03
CA GLU A 178 59.26 12.68 -17.50
C GLU A 178 58.57 11.92 -18.62
N LEU A 179 58.39 10.61 -18.40
CA LEU A 179 57.62 9.79 -19.33
C LEU A 179 56.13 10.07 -19.13
N CYS A 180 55.40 10.23 -20.23
CA CYS A 180 53.97 10.48 -20.15
C CYS A 180 53.30 9.92 -21.39
N LEU A 181 51.98 9.71 -21.28
CA LEU A 181 51.18 9.23 -22.39
C LEU A 181 50.02 10.19 -22.63
N ILE A 182 49.56 10.23 -23.88
CA ILE A 182 48.46 11.08 -24.30
C ILE A 182 47.43 10.18 -24.98
N ILE A 183 46.16 10.35 -24.60
CA ILE A 183 45.05 9.60 -25.18
C ILE A 183 44.46 10.42 -26.31
N TYR A 184 44.43 9.85 -27.52
CA TYR A 184 43.91 10.53 -28.70
C TYR A 184 42.53 9.98 -29.03
N ASP A 185 41.60 10.89 -29.33
CA ASP A 185 40.30 10.51 -29.86
C ASP A 185 39.98 11.38 -31.06
N TRP A 186 39.22 10.83 -31.99
CA TRP A 186 38.87 11.50 -33.24
C TRP A 186 37.35 11.41 -33.43
N LYS A 187 36.64 12.43 -32.98
CA LYS A 187 35.19 12.51 -33.14
C LYS A 187 34.84 13.73 -33.98
N ILE A 188 33.75 13.62 -34.75
CA ILE A 188 33.31 14.69 -35.63
C ILE A 188 31.83 15.00 -35.37
N SER A 189 31.56 16.27 -35.07
CA SER A 189 30.22 16.73 -34.74
C SER A 189 30.19 18.25 -34.85
N VAL A 190 28.97 18.79 -34.94
CA VAL A 190 28.80 20.23 -35.07
C VAL A 190 28.84 20.94 -33.72
N ASP A 191 28.20 20.38 -32.70
CA ASP A 191 28.13 20.99 -31.38
C ASP A 191 29.02 20.16 -30.46
N ALA A 192 29.62 20.83 -29.47
CA ALA A 192 30.70 20.27 -28.66
C ALA A 192 30.23 19.34 -27.55
N ARG A 193 28.98 18.87 -27.57
CA ARG A 193 28.55 17.93 -26.54
C ARG A 193 29.25 16.58 -26.69
N THR A 194 29.64 16.21 -27.91
CA THR A 194 30.45 15.01 -28.11
C THR A 194 31.82 15.16 -27.47
N GLU A 195 32.44 16.32 -27.65
CA GLU A 195 33.74 16.61 -27.02
C GLU A 195 33.63 16.56 -25.50
N THR A 196 32.60 17.21 -24.96
CA THR A 196 32.43 17.24 -23.51
C THR A 196 32.15 15.86 -22.94
N LYS A 197 31.30 15.08 -23.61
CA LYS A 197 30.96 13.75 -23.14
C LYS A 197 32.16 12.81 -23.19
N THR A 198 32.88 12.79 -24.32
CA THR A 198 34.04 11.91 -24.46
C THR A 198 35.16 12.30 -23.51
N MET A 199 35.42 13.61 -23.37
CA MET A 199 36.50 14.09 -22.53
C MET A 199 36.20 13.80 -21.07
N GLU A 200 34.96 14.01 -20.64
CA GLU A 200 34.59 13.71 -19.26
C GLU A 200 34.54 12.20 -18.99
N LYS A 201 34.14 11.39 -19.98
CA LYS A 201 34.17 9.95 -19.80
C LYS A 201 35.59 9.44 -19.61
N TYR A 202 36.52 9.93 -20.43
CA TYR A 202 37.93 9.54 -20.31
C TYR A 202 38.52 10.03 -19.00
N TYR A 203 38.20 11.26 -18.60
CA TYR A 203 38.65 11.80 -17.32
C TYR A 203 38.12 10.98 -16.16
N LYS A 204 36.85 10.59 -16.21
CA LYS A 204 36.23 9.89 -15.09
C LYS A 204 36.73 8.47 -14.96
N ASN A 205 36.90 7.73 -16.06
CA ASN A 205 37.35 6.35 -15.83
C ASN A 205 38.84 6.28 -15.57
N ILE A 206 39.64 7.23 -16.09
CA ILE A 206 41.04 7.30 -15.69
C ILE A 206 41.17 7.66 -14.21
N TRP A 207 40.35 8.61 -13.73
CA TRP A 207 40.38 8.99 -12.33
C TRP A 207 39.88 7.86 -11.42
N LYS A 208 38.87 7.11 -11.85
CA LYS A 208 38.39 5.98 -11.07
C LYS A 208 39.39 4.83 -11.07
N SER A 209 40.14 4.67 -12.15
CA SER A 209 41.20 3.67 -12.17
C SER A 209 42.37 4.05 -11.27
N PHE A 210 42.72 5.34 -11.22
CA PHE A 210 43.90 5.78 -10.48
C PHE A 210 43.56 6.68 -9.29
N LYS A 211 42.42 6.43 -8.63
CA LYS A 211 42.12 7.18 -7.42
C LYS A 211 42.81 6.57 -6.20
N ASP A 212 42.64 5.26 -5.99
CA ASP A 212 43.20 4.59 -4.84
C ASP A 212 44.65 4.17 -5.02
N ILE A 213 45.20 4.31 -6.22
CA ILE A 213 46.58 3.89 -6.49
C ILE A 213 47.52 5.01 -6.06
N LYS A 214 48.43 4.68 -5.15
CA LYS A 214 49.39 5.65 -4.60
C LYS A 214 50.81 5.17 -4.85
N VAL A 215 51.69 6.12 -5.15
CA VAL A 215 53.11 5.86 -5.35
C VAL A 215 53.87 6.62 -4.26
N ASN A 216 54.59 5.87 -3.42
CA ASN A 216 55.42 6.40 -2.32
C ASN A 216 54.62 7.25 -1.34
N GLY A 217 53.35 6.90 -1.12
CA GLY A 217 52.47 7.68 -0.27
C GLY A 217 51.91 8.93 -0.91
N LYS A 218 52.15 9.14 -2.20
CA LYS A 218 51.72 10.30 -2.96
C LYS A 218 50.72 9.87 -4.03
N PRO A 219 49.91 10.79 -4.55
CA PRO A 219 49.06 10.46 -5.70
C PRO A 219 49.88 10.08 -6.93
N PHE A 220 49.33 9.16 -7.71
CA PHE A 220 50.02 8.66 -8.90
C PHE A 220 50.12 9.73 -9.97
N LEU A 221 49.08 10.56 -10.12
CA LEU A 221 49.06 11.55 -11.19
C LEU A 221 49.95 12.74 -10.91
N GLU A 222 50.30 12.98 -9.64
CA GLU A 222 51.17 14.09 -9.30
C GLU A 222 52.57 13.88 -9.84
N ASP A 223 53.08 12.65 -9.78
CA ASP A 223 54.41 12.34 -10.30
C ASP A 223 54.39 11.81 -11.72
N HIS A 224 53.34 11.07 -12.10
CA HIS A 224 53.30 10.39 -13.38
C HIS A 224 52.21 10.99 -14.26
N PRO A 225 52.55 11.73 -15.31
CA PRO A 225 51.52 12.44 -16.08
C PRO A 225 50.74 11.53 -17.01
N VAL A 226 49.42 11.71 -17.00
CA VAL A 226 48.51 11.10 -17.96
C VAL A 226 47.73 12.21 -18.63
N PHE A 227 47.74 12.22 -19.96
CA PHE A 227 47.17 13.31 -20.75
C PHE A 227 46.01 12.80 -21.59
N VAL A 228 44.97 13.63 -21.72
CA VAL A 228 43.82 13.36 -22.56
C VAL A 228 43.64 14.54 -23.51
N SER A 229 43.72 14.28 -24.82
CA SER A 229 43.59 15.29 -25.85
C SER A 229 42.53 14.85 -26.85
N ILE A 230 41.46 15.62 -26.98
CA ILE A 230 40.34 15.31 -27.86
C ILE A 230 40.26 16.40 -28.91
N VAL A 231 40.30 16.02 -30.19
CA VAL A 231 40.32 16.97 -31.29
C VAL A 231 39.02 16.85 -32.10
N ILE A 232 38.32 17.99 -32.26
CA ILE A 232 37.06 18.06 -33.01
C ILE A 232 37.19 19.12 -34.10
N LEU A 233 36.79 18.77 -35.31
CA LEU A 233 36.53 19.77 -36.35
C LEU A 233 35.04 19.97 -36.54
N LYS A 234 34.65 21.23 -36.76
CA LYS A 234 33.27 21.62 -36.98
C LYS A 234 32.95 21.47 -38.46
N PRO A 235 32.00 20.62 -38.85
CA PRO A 235 31.78 20.37 -40.27
C PRO A 235 30.85 21.36 -40.95
N ILE A 236 31.01 22.66 -40.67
CA ILE A 236 30.27 23.72 -41.35
C ILE A 236 31.26 24.84 -41.66
N ALA A 237 30.84 25.72 -42.58
CA ALA A 237 31.53 26.96 -42.96
C ALA A 237 32.90 26.62 -43.52
N GLY A 238 34.00 27.04 -42.91
CA GLY A 238 35.32 26.81 -43.45
C GLY A 238 36.09 25.68 -42.78
N MET A 239 35.35 24.71 -42.26
CA MET A 239 35.90 23.55 -41.54
C MET A 239 36.83 23.90 -40.38
N PRO A 240 36.35 24.58 -39.34
CA PRO A 240 37.24 24.92 -38.22
C PRO A 240 37.50 23.71 -37.32
N ILE A 241 38.77 23.54 -36.92
CA ILE A 241 39.20 22.43 -36.09
C ILE A 241 39.83 22.99 -34.83
N THR A 242 39.66 22.26 -33.72
CA THR A 242 40.19 22.67 -32.42
C THR A 242 40.60 21.43 -31.64
N VAL A 243 41.47 21.65 -30.64
CA VAL A 243 41.98 20.61 -29.78
C VAL A 243 41.68 21.02 -28.34
N THR A 244 41.08 20.09 -27.58
CA THR A 244 40.85 20.28 -26.15
C THR A 244 41.68 19.24 -25.42
N SER A 245 42.77 19.69 -24.79
CA SER A 245 43.68 18.79 -24.10
C SER A 245 43.83 19.23 -22.66
N SER A 246 43.86 18.25 -21.75
CA SER A 246 43.96 18.57 -20.33
C SER A 246 44.65 17.43 -19.59
N ARG A 247 45.24 17.78 -18.46
CA ARG A 247 45.94 16.83 -17.60
C ARG A 247 45.02 16.44 -16.44
N VAL A 248 44.80 15.13 -16.29
CA VAL A 248 43.97 14.62 -15.21
C VAL A 248 44.80 14.59 -13.92
N LEU A 249 44.27 15.19 -12.86
CA LEU A 249 44.92 15.07 -11.56
C LEU A 249 43.99 14.70 -10.42
N GLU A 250 42.79 15.26 -10.37
CA GLU A 250 41.87 15.07 -9.25
C GLU A 250 40.47 14.89 -9.80
N LYS A 251 39.47 15.04 -8.92
CA LYS A 251 38.07 15.04 -9.32
C LYS A 251 37.79 16.21 -10.28
N PHE A 252 37.07 15.89 -11.37
CA PHE A 252 36.90 16.81 -12.49
C PHE A 252 36.18 18.08 -12.07
N GLU A 253 35.12 17.94 -11.26
CA GLU A 253 34.37 19.10 -10.77
C GLU A 253 35.19 19.97 -9.82
N ASP A 254 36.25 19.41 -9.22
CA ASP A 254 37.18 20.21 -8.43
C ASP A 254 38.49 20.43 -9.17
N SER A 255 38.55 20.11 -10.46
CA SER A 255 39.76 20.29 -11.22
C SER A 255 39.73 21.60 -11.98
N PRO A 256 40.89 22.15 -12.36
CA PRO A 256 40.89 23.23 -13.36
C PRO A 256 40.57 22.75 -14.77
N SER A 257 40.45 21.44 -14.99
CA SER A 257 40.13 20.89 -16.29
C SER A 257 38.67 21.07 -16.67
N ALA A 258 37.84 21.59 -15.76
CA ALA A 258 36.40 21.70 -16.01
C ALA A 258 36.07 22.72 -17.09
N LEU A 259 36.86 23.80 -17.17
CA LEU A 259 36.56 24.87 -18.12
C LEU A 259 37.10 24.52 -19.50
N HIS A 260 36.31 24.84 -20.52
CA HIS A 260 36.71 24.64 -21.91
C HIS A 260 37.84 25.57 -22.32
N GLY A 261 37.84 26.80 -21.77
CA GLY A 261 38.90 27.74 -22.05
C GLY A 261 40.25 27.26 -21.57
N GLU A 262 40.30 26.61 -20.40
CA GLU A 262 41.55 26.02 -19.96
C GLU A 262 41.94 24.80 -20.77
N ARG A 263 40.98 24.06 -21.36
CA ARG A 263 41.34 22.99 -22.28
C ARG A 263 42.04 23.53 -23.51
N ILE A 264 41.47 24.57 -24.13
CA ILE A 264 42.09 25.08 -25.35
C ILE A 264 43.36 25.87 -25.03
N LYS A 265 43.45 26.44 -23.83
CA LYS A 265 44.69 27.12 -23.43
C LYS A 265 45.80 26.12 -23.11
N HIS A 266 45.45 24.96 -22.56
CA HIS A 266 46.45 23.92 -22.36
C HIS A 266 46.82 23.25 -23.68
N ALA A 267 45.91 23.28 -24.66
CA ALA A 267 46.27 22.94 -26.03
C ALA A 267 47.26 23.94 -26.59
N ARG A 268 47.08 25.22 -26.28
CA ARG A 268 48.06 26.23 -26.58
C ARG A 268 49.28 26.07 -25.67
N ASN A 269 50.38 26.71 -26.07
CA ASN A 269 51.71 26.72 -25.46
C ASN A 269 52.42 25.37 -25.54
N ALA A 270 51.80 24.33 -26.10
CA ALA A 270 52.46 23.09 -26.44
C ALA A 270 52.38 22.77 -27.93
N LYS A 271 51.41 23.34 -28.64
CA LYS A 271 51.25 23.27 -30.11
C LYS A 271 51.09 21.82 -30.56
N LEU A 272 49.98 21.22 -30.11
CA LEU A 272 49.66 19.85 -30.49
C LEU A 272 49.34 19.76 -31.98
N LEU A 273 48.65 20.76 -32.52
CA LEU A 273 48.29 20.78 -33.93
C LEU A 273 48.80 22.05 -34.59
N ASN A 274 49.19 21.91 -35.86
CA ASN A 274 49.58 23.01 -36.71
C ASN A 274 48.48 23.41 -37.67
N ILE A 275 47.25 22.97 -37.43
CA ILE A 275 46.16 23.00 -38.40
C ILE A 275 45.03 23.86 -37.85
N SER A 276 44.58 24.82 -38.66
CA SER A 276 43.37 25.59 -38.37
C SER A 276 42.17 25.11 -39.17
N HIS A 277 42.38 24.66 -40.40
CA HIS A 277 41.35 23.99 -41.19
C HIS A 277 42.05 22.98 -42.11
N VAL A 278 41.30 21.96 -42.53
CA VAL A 278 41.86 20.81 -43.22
C VAL A 278 42.41 21.19 -44.60
N GLY A 279 41.98 22.33 -45.17
CA GLY A 279 42.62 22.86 -46.37
C GLY A 279 44.07 23.26 -46.19
N GLN A 280 44.50 23.50 -44.96
CA GLN A 280 45.91 23.67 -44.65
C GLN A 280 46.68 22.35 -44.76
N ILE A 281 45.99 21.22 -44.68
CA ILE A 281 46.62 19.90 -44.58
C ILE A 281 47.32 19.56 -45.89
N VAL A 282 48.59 19.13 -45.79
CA VAL A 282 49.43 18.89 -46.95
C VAL A 282 48.93 17.66 -47.70
N GLY A 283 48.80 17.80 -49.02
CA GLY A 283 48.43 16.70 -49.87
C GLY A 283 46.95 16.52 -50.11
N THR A 284 46.11 17.39 -49.56
CA THR A 284 44.66 17.30 -49.69
C THR A 284 44.13 18.54 -50.38
N THR A 285 43.23 18.34 -51.34
CA THR A 285 42.56 19.46 -51.99
C THR A 285 41.46 20.00 -51.09
N PRO A 286 41.47 21.29 -50.77
CA PRO A 286 40.51 21.83 -49.79
C PRO A 286 39.06 21.72 -50.22
N THR A 287 38.74 22.07 -51.47
CA THR A 287 37.36 21.98 -51.94
C THR A 287 36.89 20.53 -52.01
N VAL A 288 37.79 19.61 -52.39
CA VAL A 288 37.46 18.20 -52.45
C VAL A 288 37.13 17.65 -51.06
N VAL A 289 37.98 17.97 -50.07
CA VAL A 289 37.77 17.45 -48.72
C VAL A 289 36.55 18.09 -48.06
N ARG A 290 36.33 19.40 -48.29
CA ARG A 290 35.15 20.07 -47.76
C ARG A 290 33.86 19.53 -48.37
N ASN A 291 33.86 19.32 -49.69
CA ASN A 291 32.69 18.75 -50.36
C ASN A 291 32.44 17.33 -49.89
N TYR A 292 33.50 16.57 -49.65
CA TYR A 292 33.34 15.19 -49.19
C TYR A 292 32.84 15.12 -47.75
N TYR A 293 33.28 16.05 -46.89
CA TYR A 293 32.80 16.07 -45.50
C TYR A 293 31.34 16.51 -45.41
N ALA A 294 30.97 17.60 -46.11
CA ALA A 294 29.57 17.99 -46.16
C ALA A 294 28.72 16.95 -46.87
N ASN A 295 29.33 16.22 -47.80
CA ASN A 295 28.67 15.13 -48.53
C ASN A 295 28.35 13.99 -47.58
N THR A 296 29.28 13.69 -46.65
CA THR A 296 29.01 12.68 -45.62
C THR A 296 27.92 13.14 -44.66
N GLN A 297 27.92 14.43 -44.27
CA GLN A 297 26.84 14.89 -43.40
C GLN A 297 25.49 14.97 -44.12
N LYS A 298 25.48 15.04 -45.45
CA LYS A 298 24.20 15.02 -46.19
C LYS A 298 23.82 13.58 -46.52
N ILE A 299 24.29 12.63 -45.71
CA ILE A 299 23.64 11.34 -45.59
C ILE A 299 23.55 11.03 -44.10
N LYS A 300 24.36 11.75 -43.30
CA LYS A 300 24.30 11.55 -41.86
C LYS A 300 23.06 12.21 -41.26
N SER A 301 22.58 13.28 -41.89
CA SER A 301 21.28 13.81 -41.52
C SER A 301 20.18 12.82 -41.85
N GLU A 302 20.22 12.22 -43.05
CA GLU A 302 19.10 11.41 -43.53
C GLU A 302 19.00 10.08 -42.80
N VAL A 303 20.12 9.37 -42.65
CA VAL A 303 20.13 8.05 -42.03
C VAL A 303 19.76 8.15 -40.55
N ARG A 304 20.33 9.14 -39.85
CA ARG A 304 19.96 9.34 -38.46
C ARG A 304 18.56 9.93 -38.30
N GLY A 305 18.04 10.59 -39.34
CA GLY A 305 16.65 11.03 -39.27
C GLY A 305 15.66 9.88 -39.38
N ILE A 306 15.91 8.95 -40.31
CA ILE A 306 14.96 7.86 -40.49
C ILE A 306 15.16 6.77 -39.44
N LEU A 307 16.38 6.26 -39.31
CA LEU A 307 16.64 5.13 -38.41
C LEU A 307 16.86 5.54 -36.96
N GLY A 308 16.83 6.83 -36.65
CA GLY A 308 17.09 7.24 -35.28
C GLY A 308 18.57 7.17 -34.94
N ASP A 309 18.85 6.89 -33.67
CA ASP A 309 20.21 6.77 -33.18
C ASP A 309 20.43 5.35 -32.64
N ASP A 310 20.82 4.45 -33.53
CA ASP A 310 21.19 3.08 -33.19
C ASP A 310 22.71 2.90 -33.23
N PHE A 311 23.44 3.90 -32.73
CA PHE A 311 24.90 3.89 -32.77
C PHE A 311 25.48 2.77 -31.90
N GLY A 312 25.16 2.78 -30.61
CA GLY A 312 25.62 1.75 -29.70
C GLY A 312 27.12 1.72 -29.46
N SER A 313 27.71 2.87 -29.13
CA SER A 313 29.14 2.94 -28.84
C SER A 313 29.46 2.17 -27.56
N LYS A 314 28.66 2.36 -26.51
CA LYS A 314 28.73 1.59 -25.27
C LYS A 314 27.34 1.12 -24.88
N ASP A 315 26.61 0.62 -25.89
CA ASP A 315 25.28 0.02 -25.86
C ASP A 315 24.16 1.03 -25.62
N VAL A 316 24.51 2.29 -25.30
CA VAL A 316 23.68 3.50 -25.20
C VAL A 316 22.27 3.43 -24.59
N PHE A 317 21.63 2.26 -24.61
CA PHE A 317 20.35 1.90 -24.00
C PHE A 317 19.15 2.59 -24.64
N PHE A 318 19.35 3.43 -25.66
CA PHE A 318 18.34 3.88 -26.62
C PHE A 318 17.19 4.62 -25.93
N SER A 319 17.53 5.79 -25.38
CA SER A 319 16.61 6.62 -24.61
C SER A 319 15.46 7.09 -25.50
N HIS A 320 14.28 6.54 -25.28
CA HIS A 320 13.09 6.89 -26.04
C HIS A 320 12.51 8.22 -25.56
N TRP A 321 11.46 8.67 -26.23
CA TRP A 321 10.89 9.99 -25.99
C TRP A 321 9.40 9.87 -25.74
N THR A 322 8.78 11.02 -25.46
CA THR A 322 7.36 11.13 -25.13
C THR A 322 6.77 12.18 -26.08
N SER A 323 6.13 11.74 -27.15
CA SER A 323 5.89 12.56 -28.33
C SER A 323 4.43 12.97 -28.45
N LYS A 324 4.18 14.29 -28.32
CA LYS A 324 3.01 15.09 -28.67
C LYS A 324 3.21 16.46 -28.05
N TYR A 325 3.48 16.47 -26.75
CA TYR A 325 3.92 17.66 -26.04
C TYR A 325 5.44 17.73 -25.99
N LYS A 326 6.12 17.01 -26.88
CA LYS A 326 7.57 16.92 -26.86
C LYS A 326 8.23 18.24 -27.26
N GLU A 327 7.63 18.96 -28.20
CA GLU A 327 8.25 20.19 -28.68
C GLU A 327 8.09 21.35 -27.71
N ARG A 328 7.15 21.26 -26.76
CA ARG A 328 6.93 22.39 -25.86
C ARG A 328 7.87 22.33 -24.67
N ASN A 329 7.89 23.43 -23.92
CA ASN A 329 8.87 23.73 -22.88
C ASN A 329 8.14 24.35 -21.69
N PRO A 330 8.71 24.25 -20.48
CA PRO A 330 7.95 24.60 -19.27
C PRO A 330 7.45 26.04 -19.17
N THR A 331 8.08 27.00 -19.82
CA THR A 331 7.64 28.39 -19.76
C THR A 331 7.10 28.85 -21.11
N GLU A 332 5.96 29.56 -21.04
CA GLU A 332 5.28 30.25 -22.14
C GLU A 332 4.72 29.32 -23.22
N ILE A 333 4.88 28.01 -23.08
CA ILE A 333 4.19 27.05 -23.93
C ILE A 333 3.25 26.15 -23.16
N ALA A 334 3.23 26.24 -21.83
CA ALA A 334 2.23 25.55 -21.02
C ALA A 334 0.95 26.36 -20.99
N TYR A 335 0.01 26.00 -20.12
CA TYR A 335 -1.29 26.67 -20.10
C TYR A 335 -1.20 28.05 -19.47
N SER A 336 -0.32 28.24 -18.49
CA SER A 336 -0.22 29.51 -17.79
C SER A 336 1.25 29.88 -17.60
N GLU A 337 1.50 31.18 -17.51
CA GLU A 337 2.83 31.71 -17.29
C GLU A 337 3.10 31.73 -15.79
N ASP A 338 3.96 30.84 -15.33
CA ASP A 338 4.26 30.72 -13.91
C ASP A 338 5.74 30.62 -13.59
N ILE A 339 6.58 30.21 -14.54
CA ILE A 339 8.01 30.11 -14.30
C ILE A 339 8.62 31.49 -14.12
N GLU A 340 8.06 32.51 -14.79
CA GLU A 340 8.57 33.88 -14.63
C GLU A 340 8.35 34.40 -13.21
N ARG A 341 7.19 34.14 -12.62
CA ARG A 341 7.01 34.52 -11.22
C ARG A 341 7.72 33.60 -10.25
N ILE A 342 7.97 32.34 -10.63
CA ILE A 342 8.87 31.47 -9.85
C ILE A 342 10.27 32.09 -9.80
N ILE A 343 10.73 32.61 -10.94
CA ILE A 343 12.07 33.18 -11.02
C ILE A 343 12.13 34.50 -10.24
N ASP A 344 11.08 35.32 -10.37
CA ASP A 344 10.99 36.57 -9.61
C ASP A 344 10.87 36.34 -8.12
N SER A 345 10.32 35.20 -7.69
CA SER A 345 10.37 34.84 -6.27
C SER A 345 11.76 34.35 -5.88
N LEU A 346 12.45 33.66 -6.79
CA LEU A 346 13.75 33.10 -6.47
C LEU A 346 14.87 34.14 -6.43
N VAL A 347 14.74 35.26 -7.15
CA VAL A 347 15.88 36.17 -7.31
C VAL A 347 16.12 36.95 -6.02
N THR A 348 17.37 36.99 -5.59
CA THR A 348 17.82 37.78 -4.45
C THR A 348 18.77 38.86 -4.95
N ASP A 349 19.35 39.62 -4.01
CA ASP A 349 20.33 40.63 -4.37
C ASP A 349 21.67 40.00 -4.74
N GLU A 350 22.08 38.95 -4.02
CA GLU A 350 23.37 38.33 -4.26
C GLU A 350 23.35 37.46 -5.51
N ILE A 351 22.27 36.73 -5.75
CA ILE A 351 22.14 35.83 -6.88
C ILE A 351 21.00 36.35 -7.76
N THR A 352 21.30 36.62 -9.04
CA THR A 352 20.42 37.38 -9.89
C THR A 352 19.48 36.48 -10.69
N LYS A 353 18.57 37.15 -11.42
CA LYS A 353 17.51 36.46 -12.16
C LYS A 353 18.08 35.63 -13.31
N GLU A 354 19.02 36.19 -14.06
CA GLU A 354 19.61 35.46 -15.18
C GLU A 354 20.45 34.28 -14.70
N GLU A 355 21.12 34.42 -13.55
CA GLU A 355 21.86 33.29 -12.99
C GLU A 355 20.93 32.19 -12.50
N ILE A 356 19.81 32.58 -11.85
CA ILE A 356 18.84 31.60 -11.39
C ILE A 356 18.23 30.85 -12.58
N ILE A 357 17.92 31.57 -13.66
CA ILE A 357 17.38 30.96 -14.88
C ILE A 357 18.41 30.02 -15.51
N HIS A 358 19.67 30.46 -15.59
CA HIS A 358 20.73 29.66 -16.21
C HIS A 358 20.97 28.36 -15.45
N PHE A 359 21.09 28.44 -14.12
CA PHE A 359 21.31 27.24 -13.32
C PHE A 359 20.11 26.31 -13.36
N LEU A 360 18.90 26.88 -13.23
CA LEU A 360 17.68 26.09 -13.16
C LEU A 360 17.40 25.35 -14.47
N PHE A 361 17.61 26.00 -15.60
CA PHE A 361 17.34 25.38 -16.89
C PHE A 361 18.57 24.79 -17.56
N GLY A 362 19.74 24.84 -16.91
CA GLY A 362 20.89 24.25 -17.53
C GLY A 362 21.76 23.43 -16.59
N ASN A 363 21.21 22.97 -15.46
CA ASN A 363 21.97 22.05 -14.61
C ASN A 363 21.95 20.57 -15.08
N PHE A 364 22.11 20.36 -16.39
CA PHE A 364 22.34 19.03 -16.93
C PHE A 364 23.80 18.79 -17.33
N CYS A 365 24.59 19.86 -17.46
CA CYS A 365 26.01 19.73 -17.77
C CYS A 365 26.82 19.16 -16.63
N PHE A 366 26.27 19.15 -15.41
CA PHE A 366 26.97 18.53 -14.28
C PHE A 366 26.86 17.01 -14.33
N HIS A 367 25.74 16.49 -14.82
CA HIS A 367 25.58 15.04 -15.01
C HIS A 367 25.84 14.63 -16.45
N ILE A 368 26.58 15.44 -17.21
CA ILE A 368 26.71 15.27 -18.66
C ILE A 368 27.50 14.03 -19.06
N GLU A 369 28.18 13.38 -18.11
CA GLU A 369 29.10 12.30 -18.45
C GLU A 369 28.40 11.01 -18.85
N THR A 370 27.11 10.85 -18.55
CA THR A 370 26.47 9.56 -18.75
C THR A 370 25.05 9.70 -19.30
N MET A 371 24.79 10.75 -20.06
CA MET A 371 23.57 10.77 -20.86
C MET A 371 23.81 10.19 -22.25
N ASN A 372 22.74 9.74 -22.87
CA ASN A 372 22.76 9.33 -24.27
C ASN A 372 22.73 10.56 -25.17
N ASP A 373 23.00 10.34 -26.45
CA ASP A 373 22.97 11.45 -27.38
C ASP A 373 21.53 11.82 -27.72
N GLN A 374 21.36 13.05 -28.22
CA GLN A 374 20.14 13.71 -28.69
C GLN A 374 19.13 14.00 -27.57
N HIS A 375 19.32 13.38 -26.41
CA HIS A 375 18.76 13.90 -25.16
C HIS A 375 19.39 15.23 -24.83
N ILE A 376 20.69 15.36 -25.13
CA ILE A 376 21.41 16.62 -24.95
C ILE A 376 20.83 17.68 -25.86
N ALA A 377 20.55 17.31 -27.12
CA ALA A 377 19.99 18.24 -28.09
C ALA A 377 18.58 18.69 -27.68
N ASP A 378 17.74 17.74 -27.23
CA ASP A 378 16.39 18.10 -26.81
C ASP A 378 16.40 18.99 -25.57
N LYS A 379 17.24 18.65 -24.58
CA LYS A 379 17.29 19.45 -23.35
C LYS A 379 17.91 20.82 -23.59
N PHE A 380 18.90 20.92 -24.48
CA PHE A 380 19.51 22.21 -24.75
C PHE A 380 18.60 23.09 -25.60
N LYS A 381 17.83 22.49 -26.52
CA LYS A 381 16.83 23.26 -27.25
C LYS A 381 15.74 23.76 -26.31
N GLY A 382 15.35 22.93 -25.33
CA GLY A 382 14.40 23.38 -24.33
C GLY A 382 14.94 24.50 -23.46
N TYR A 383 16.22 24.41 -23.09
CA TYR A 383 16.87 25.48 -22.32
C TYR A 383 16.95 26.77 -23.13
N GLN A 384 17.28 26.67 -24.41
CA GLN A 384 17.40 27.85 -25.26
C GLN A 384 16.05 28.54 -25.44
N SER A 385 15.01 27.76 -25.72
CA SER A 385 13.70 28.35 -25.89
C SER A 385 13.12 28.83 -24.56
N SER A 386 13.51 28.20 -23.44
CA SER A 386 13.09 28.69 -22.13
C SER A 386 13.74 30.02 -21.79
N CYS A 387 15.03 30.17 -22.12
CA CYS A 387 15.69 31.46 -21.94
C CYS A 387 15.10 32.53 -22.84
N ILE A 388 14.74 32.15 -24.07
CA ILE A 388 14.09 33.08 -25.00
C ILE A 388 12.73 33.51 -24.47
N ASN A 389 11.96 32.56 -23.92
CA ASN A 389 10.66 32.87 -23.36
C ASN A 389 10.75 33.70 -22.08
N LEU A 390 11.84 33.55 -21.32
CA LEU A 390 12.05 34.34 -20.12
C LEU A 390 12.88 35.59 -20.38
N LYS A 391 13.05 35.97 -21.66
CA LYS A 391 13.62 37.24 -22.10
C LYS A 391 15.07 37.44 -21.64
N ILE A 392 15.81 36.35 -21.53
CA ILE A 392 17.24 36.38 -21.23
C ILE A 392 17.98 35.77 -22.42
N GLU A 393 19.10 36.37 -22.81
CA GLU A 393 19.88 35.86 -23.92
C GLU A 393 20.47 34.51 -23.56
N PRO A 394 20.16 33.44 -24.30
CA PRO A 394 20.66 32.11 -23.93
C PRO A 394 22.15 31.96 -24.23
N LYS A 395 22.80 31.12 -23.44
CA LYS A 395 24.19 30.79 -23.70
C LYS A 395 24.27 29.88 -24.91
N VAL A 396 25.22 30.18 -25.81
CA VAL A 396 25.17 29.66 -27.17
C VAL A 396 25.54 28.18 -27.22
N ASP A 397 26.51 27.75 -26.43
CA ASP A 397 27.10 26.43 -26.56
C ASP A 397 27.33 25.82 -25.19
N LEU A 398 27.40 24.47 -25.16
CA LEU A 398 27.61 23.73 -23.92
C LEU A 398 28.94 24.06 -23.26
N ALA A 399 29.97 24.40 -24.05
CA ALA A 399 31.27 24.76 -23.48
C ALA A 399 31.18 26.05 -22.69
N ASP A 400 30.57 27.10 -23.27
CA ASP A 400 30.37 28.35 -22.56
C ASP A 400 29.44 28.18 -21.37
N LEU A 401 28.42 27.32 -21.52
CA LEU A 401 27.53 27.02 -20.40
C LEU A 401 28.29 26.34 -19.26
N LYS A 402 29.23 25.46 -19.58
CA LYS A 402 30.00 24.77 -18.56
C LYS A 402 30.96 25.71 -17.84
N ASP A 403 31.64 26.59 -18.58
CA ASP A 403 32.53 27.56 -17.94
C ASP A 403 31.75 28.54 -17.07
N HIS A 404 30.61 29.02 -17.60
CA HIS A 404 29.66 29.82 -16.86
C HIS A 404 29.27 29.15 -15.55
N LEU A 405 28.71 27.94 -15.64
CA LEU A 405 28.23 27.25 -14.45
C LEU A 405 29.33 26.82 -13.50
N ILE A 406 30.59 26.69 -13.96
CA ILE A 406 31.68 26.45 -13.03
C ILE A 406 31.94 27.70 -12.18
N GLN A 407 32.02 28.87 -12.83
CA GLN A 407 32.13 30.13 -12.07
C GLN A 407 30.89 30.36 -11.20
N LYS A 408 29.74 29.91 -11.68
CA LYS A 408 28.51 30.09 -10.93
C LYS A 408 28.39 29.11 -9.76
N GLN A 409 28.96 27.91 -9.83
CA GLN A 409 28.95 27.08 -8.62
C GLN A 409 29.97 27.60 -7.63
N GLN A 410 31.03 28.25 -8.14
CA GLN A 410 31.98 28.93 -7.26
C GLN A 410 31.30 30.04 -6.46
N ILE A 411 30.44 30.84 -7.08
CA ILE A 411 29.73 31.84 -6.28
C ILE A 411 28.57 31.18 -5.50
N TRP A 412 28.00 30.09 -6.02
CA TRP A 412 26.90 29.37 -5.35
C TRP A 412 27.32 28.76 -4.03
N GLU A 413 28.58 28.32 -3.91
CA GLU A 413 29.03 27.60 -2.72
C GLU A 413 29.03 28.46 -1.46
N SER A 414 29.11 29.79 -1.60
CA SER A 414 29.08 30.69 -0.44
C SER A 414 27.65 31.09 -0.09
N LEU A 415 26.84 30.07 0.21
CA LEU A 415 25.44 30.27 0.60
C LEU A 415 25.13 29.48 1.86
N TYR A 416 25.86 28.38 2.06
CA TYR A 416 25.61 27.52 3.21
C TYR A 416 26.09 28.16 4.52
N GLY A 417 27.05 29.08 4.45
CA GLY A 417 27.37 29.87 5.63
C GLY A 417 26.24 30.81 6.01
N LYS A 418 25.56 31.39 5.01
CA LYS A 418 24.37 32.18 5.26
C LYS A 418 23.26 31.34 5.86
N HIS A 419 23.10 30.11 5.36
CA HIS A 419 22.09 29.22 5.96
C HIS A 419 22.47 28.79 7.37
N LEU A 420 23.77 28.63 7.63
CA LEU A 420 24.22 28.25 8.98
C LEU A 420 23.98 29.36 9.99
N GLU A 421 24.28 30.61 9.62
CA GLU A 421 23.97 31.71 10.53
C GLU A 421 22.47 31.93 10.63
N LYS A 422 21.71 31.60 9.57
CA LYS A 422 20.26 31.67 9.64
C LYS A 422 19.68 30.65 10.63
N ILE A 423 20.17 29.41 10.60
CA ILE A 423 19.64 28.43 11.53
C ILE A 423 20.12 28.69 12.95
N MET A 424 21.32 29.25 13.12
CA MET A 424 21.76 29.64 14.47
C MET A 424 20.90 30.78 15.00
N LEU A 425 20.58 31.76 14.16
CA LEU A 425 19.68 32.85 14.54
C LEU A 425 18.29 32.34 14.88
N ARG A 426 17.77 31.39 14.10
CA ARG A 426 16.44 30.86 14.37
C ARG A 426 16.41 30.01 15.65
N ILE A 427 17.49 29.28 15.92
CA ILE A 427 17.58 28.51 17.17
C ILE A 427 17.61 29.45 18.36
N ARG A 428 18.44 30.51 18.29
CA ARG A 428 18.51 31.47 19.40
C ARG A 428 17.22 32.28 19.54
N GLU A 429 16.48 32.46 18.45
CA GLU A 429 15.20 33.15 18.53
C GLU A 429 14.12 32.25 19.15
N LYS A 430 14.11 30.97 18.78
CA LYS A 430 13.14 30.04 19.36
C LYS A 430 13.47 29.69 20.81
N LYS A 431 14.73 29.88 21.22
CA LYS A 431 15.08 29.67 22.63
C LYS A 431 14.39 30.68 23.54
N LYS A 432 14.30 31.94 23.10
CA LYS A 432 13.74 32.99 23.94
C LYS A 432 12.22 33.08 23.89
N LYS A 433 11.56 32.30 23.02
CA LYS A 433 10.12 32.38 22.90
C LYS A 433 9.38 31.24 23.60
N GLU A 434 10.02 30.10 23.81
CA GLU A 434 9.36 28.98 24.47
C GLU A 434 9.21 29.28 25.96
N LYS A 435 8.17 28.69 26.56
CA LYS A 435 7.88 28.87 27.98
C LYS A 435 8.10 27.55 28.70
N GLU A 436 8.95 27.58 29.72
CA GLU A 436 9.26 26.38 30.50
C GLU A 436 8.10 26.09 31.45
N ILE A 437 7.41 24.99 31.22
CA ILE A 437 6.34 24.55 32.12
C ILE A 437 6.97 24.06 33.42
N PRO A 438 6.48 24.47 34.59
CA PRO A 438 7.17 24.10 35.84
C PRO A 438 7.05 22.63 36.21
N ASP A 439 5.89 22.02 36.02
CA ASP A 439 5.68 20.67 36.52
C ASP A 439 4.68 19.93 35.62
N ILE A 440 4.72 18.61 35.69
CA ILE A 440 3.83 17.77 34.88
C ILE A 440 2.39 17.94 35.32
N THR A 441 2.16 18.10 36.63
CA THR A 441 0.81 18.35 37.14
C THR A 441 0.28 19.69 36.65
N THR A 442 1.13 20.72 36.60
CA THR A 442 0.69 22.00 36.08
C THR A 442 0.49 21.95 34.57
N ALA A 443 1.24 21.11 33.86
CA ALA A 443 1.00 20.90 32.44
C ALA A 443 -0.36 20.24 32.21
N PHE A 444 -0.70 19.25 33.04
CA PHE A 444 -2.01 18.62 32.99
C PHE A 444 -3.12 19.62 33.29
N ASN A 445 -2.90 20.49 34.28
CA ASN A 445 -3.90 21.49 34.64
C ASN A 445 -4.05 22.54 33.55
N GLN A 446 -2.95 22.90 32.87
CA GLN A 446 -3.04 23.84 31.76
C GLN A 446 -3.76 23.23 30.57
N ASN A 447 -3.52 21.94 30.30
CA ASN A 447 -4.26 21.26 29.24
C ASN A 447 -5.75 21.16 29.58
N ALA A 448 -6.07 20.88 30.84
CA ALA A 448 -7.47 20.84 31.26
C ALA A 448 -8.13 22.21 31.17
N ALA A 449 -7.39 23.27 31.51
CA ALA A 449 -7.93 24.62 31.41
C ALA A 449 -8.14 25.04 29.97
N GLU A 450 -7.23 24.65 29.07
CA GLU A 450 -7.40 24.95 27.65
C GLU A 450 -8.57 24.16 27.06
N TYR A 451 -8.74 22.90 27.50
CA TYR A 451 -9.89 22.11 27.06
C TYR A 451 -11.20 22.67 27.61
N GLU A 452 -11.18 23.22 28.83
CA GLU A 452 -12.37 23.87 29.38
C GLU A 452 -12.66 25.19 28.68
N GLU A 453 -11.63 25.88 28.21
CA GLU A 453 -11.86 27.08 27.41
C GLU A 453 -12.44 26.74 26.05
N LYS A 454 -11.97 25.64 25.46
CA LYS A 454 -12.50 25.20 24.17
C LYS A 454 -13.94 24.70 24.31
N TYR A 455 -14.23 23.95 25.37
CA TYR A 455 -15.57 23.43 25.64
C TYR A 455 -15.98 23.86 27.03
N PRO A 456 -16.86 24.85 27.18
CA PRO A 456 -17.20 25.36 28.51
C PRO A 456 -18.00 24.36 29.33
N ASN A 457 -17.86 24.50 30.65
CA ASN A 457 -18.42 23.72 31.76
C ASN A 457 -18.52 22.21 31.48
N CYS A 458 -17.44 21.64 30.96
CA CYS A 458 -17.39 20.21 30.65
C CYS A 458 -17.06 19.37 31.87
N PHE A 459 -16.04 19.77 32.63
CA PHE A 459 -15.66 19.02 33.82
C PHE A 459 -16.69 19.23 34.93
N THR A 460 -17.14 18.12 35.53
CA THR A 460 -18.11 18.16 36.61
C THR A 460 -17.65 17.25 37.74
N ASN A 461 -17.98 17.66 38.97
CA ASN A 461 -17.74 16.83 40.14
C ASN A 461 -18.89 15.88 40.42
N ASP A 462 -19.99 15.98 39.69
CA ASP A 462 -21.14 15.09 39.85
C ASP A 462 -20.86 13.83 39.05
N LEU A 463 -20.24 12.85 39.72
CA LEU A 463 -19.80 11.61 39.08
C LEU A 463 -20.95 10.78 38.52
N SER A 464 -22.17 11.01 38.99
CA SER A 464 -23.34 10.33 38.45
C SER A 464 -23.72 10.80 37.05
N GLU A 465 -23.11 11.88 36.55
CA GLU A 465 -23.49 12.44 35.26
C GLU A 465 -22.66 11.90 34.10
N THR A 466 -21.80 10.92 34.34
CA THR A 466 -20.94 10.39 33.29
C THR A 466 -21.68 9.32 32.47
N LYS A 467 -20.97 8.73 31.52
CA LYS A 467 -21.54 7.73 30.64
C LYS A 467 -21.41 6.35 31.29
N THR A 468 -21.66 5.29 30.52
CA THR A 468 -21.69 3.94 31.07
C THR A 468 -20.29 3.45 31.40
N ASN A 469 -20.19 2.69 32.50
CA ASN A 469 -18.90 2.32 33.06
C ASN A 469 -18.26 1.13 32.36
N PHE A 470 -18.86 -0.04 32.47
CA PHE A 470 -18.28 -1.26 31.90
C PHE A 470 -18.81 -1.55 30.51
N SER A 471 -18.66 -0.55 29.63
CA SER A 471 -19.21 -0.52 28.28
C SER A 471 -20.72 -0.79 28.27
N MET A 472 -21.26 -1.13 27.11
CA MET A 472 -22.65 -1.54 27.04
C MET A 472 -22.78 -3.05 27.10
N THR A 473 -22.08 -3.73 28.01
CA THR A 473 -21.91 -5.18 27.96
C THR A 473 -21.64 -5.72 29.35
N TRP A 474 -22.40 -6.75 29.77
CA TRP A 474 -22.23 -7.35 31.08
C TRP A 474 -22.42 -8.85 30.95
N SER A 475 -21.43 -9.61 31.40
CA SER A 475 -21.52 -11.07 31.47
C SER A 475 -21.09 -11.52 32.86
N PRO A 476 -21.98 -11.44 33.85
CA PRO A 476 -21.64 -11.90 35.20
C PRO A 476 -21.50 -13.41 35.27
N SER A 477 -20.68 -13.86 36.21
CA SER A 477 -20.54 -15.28 36.46
C SER A 477 -21.81 -15.84 37.08
N PHE A 478 -22.09 -17.11 36.82
CA PHE A 478 -23.33 -17.72 37.26
C PHE A 478 -23.07 -19.12 37.78
N GLU A 479 -24.04 -19.62 38.57
CA GLU A 479 -23.81 -20.70 39.51
C GLU A 479 -24.70 -21.92 39.32
N LYS A 480 -25.80 -21.81 38.59
CA LYS A 480 -26.75 -22.89 38.46
C LYS A 480 -26.41 -23.76 37.26
N ILE A 481 -27.09 -24.90 37.17
CA ILE A 481 -26.90 -25.83 36.05
C ILE A 481 -28.15 -26.66 35.84
N ASN A 490 -32.19 -24.15 26.52
CA ASN A 490 -32.23 -22.76 26.09
C ASN A 490 -33.37 -22.01 26.76
N ASN A 491 -34.55 -22.64 26.80
CA ASN A 491 -35.73 -22.03 27.39
C ASN A 491 -35.75 -22.11 28.91
N ALA A 492 -34.88 -22.93 29.50
CA ALA A 492 -34.86 -23.09 30.95
C ALA A 492 -34.49 -21.80 31.66
N ILE A 493 -33.53 -21.06 31.09
CA ILE A 493 -33.17 -19.73 31.59
C ILE A 493 -34.38 -18.79 31.50
N ILE A 494 -35.16 -18.93 30.42
CA ILE A 494 -36.28 -18.02 30.18
C ILE A 494 -37.40 -18.27 31.18
N ASN A 495 -37.72 -19.55 31.47
CA ASN A 495 -38.75 -19.78 32.49
C ASN A 495 -38.22 -19.53 33.89
N LYS A 496 -36.91 -19.64 34.10
CA LYS A 496 -36.31 -19.18 35.35
C LYS A 496 -36.52 -17.68 35.55
N PHE A 497 -36.32 -16.90 34.48
CA PHE A 497 -36.56 -15.47 34.55
C PHE A 497 -38.05 -15.15 34.69
N ARG A 498 -38.92 -15.97 34.08
CA ARG A 498 -40.36 -15.77 34.23
C ARG A 498 -40.82 -16.02 35.67
N GLU A 499 -40.32 -17.09 36.30
CA GLU A 499 -40.61 -17.31 37.70
C GLU A 499 -39.91 -16.31 38.61
N SER A 500 -38.86 -15.66 38.13
CA SER A 500 -38.27 -14.55 38.88
C SER A 500 -39.14 -13.31 38.82
N PHE A 501 -39.69 -13.00 37.65
CA PHE A 501 -40.40 -11.74 37.43
C PHE A 501 -41.89 -11.80 37.74
N LYS A 502 -42.40 -12.93 38.21
CA LYS A 502 -43.79 -13.02 38.64
C LYS A 502 -44.01 -12.47 40.04
N SER A 503 -42.95 -12.13 40.76
CA SER A 503 -43.06 -11.63 42.12
C SER A 503 -43.53 -10.18 42.13
N SER A 504 -43.81 -9.69 43.33
CA SER A 504 -44.37 -8.36 43.51
C SER A 504 -43.29 -7.28 43.31
N SER A 505 -43.72 -6.02 43.46
CA SER A 505 -42.84 -4.87 43.19
C SER A 505 -42.06 -4.52 44.45
N ARG A 506 -41.09 -5.36 44.77
CA ARG A 506 -40.09 -5.06 45.79
C ARG A 506 -38.80 -4.52 45.19
N VAL A 507 -38.87 -3.97 43.96
CA VAL A 507 -37.68 -3.54 43.27
C VAL A 507 -37.11 -2.28 43.92
N ILE A 508 -35.79 -2.12 43.82
CA ILE A 508 -35.08 -1.00 44.41
C ILE A 508 -34.39 -0.25 43.28
N TYR A 509 -34.90 0.94 42.97
CA TYR A 509 -34.31 1.75 41.92
C TYR A 509 -32.97 2.31 42.38
N ASN A 510 -31.95 2.16 41.54
CA ASN A 510 -30.57 2.40 41.93
C ASN A 510 -30.16 3.81 41.55
N SER A 511 -29.57 4.53 42.52
CA SER A 511 -28.84 5.74 42.20
C SER A 511 -27.61 5.36 41.37
N PRO A 512 -27.18 6.25 40.45
CA PRO A 512 -26.02 5.94 39.59
C PRO A 512 -24.73 5.65 40.34
N TYR A 513 -24.31 6.52 41.26
CA TYR A 513 -23.17 6.23 42.11
C TYR A 513 -23.51 6.29 43.59
N SER A 514 -24.16 7.35 44.05
CA SER A 514 -24.52 7.49 45.45
C SER A 514 -25.76 8.37 45.61
N THR A 520 -36.03 9.18 38.67
CA THR A 520 -35.87 7.76 38.38
C THR A 520 -37.12 7.19 37.72
N ASN A 521 -37.83 8.04 36.98
CA ASN A 521 -39.02 7.60 36.25
C ASN A 521 -38.65 6.65 35.12
N LYS A 522 -37.46 6.82 34.53
CA LYS A 522 -36.98 5.89 33.52
C LYS A 522 -36.76 4.50 34.10
N ALA A 523 -36.27 4.43 35.33
CA ALA A 523 -36.06 3.13 35.99
C ALA A 523 -37.39 2.42 36.25
N ARG A 524 -38.39 3.17 36.75
CA ARG A 524 -39.73 2.60 36.96
C ARG A 524 -40.34 2.13 35.66
N ASP A 525 -40.20 2.94 34.61
CA ASP A 525 -40.79 2.63 33.31
C ASP A 525 -40.12 1.40 32.70
N ILE A 526 -38.79 1.30 32.80
CA ILE A 526 -38.06 0.15 32.28
C ILE A 526 -38.42 -1.11 33.06
N THR A 527 -38.52 -1.02 34.39
CA THR A 527 -38.87 -2.19 35.20
C THR A 527 -40.28 -2.67 34.89
N ASN A 528 -41.22 -1.74 34.66
CA ASN A 528 -42.57 -2.11 34.24
C ASN A 528 -42.57 -2.76 32.86
N LEU A 529 -41.74 -2.25 31.94
CA LEU A 529 -41.66 -2.83 30.60
C LEU A 529 -41.11 -4.26 30.63
N VAL A 530 -40.05 -4.49 31.40
CA VAL A 530 -39.49 -5.84 31.52
C VAL A 530 -40.45 -6.79 32.23
N ARG A 531 -41.13 -6.31 33.27
CA ARG A 531 -42.06 -7.20 33.97
C ARG A 531 -43.29 -7.52 33.11
N LEU A 532 -43.71 -6.59 32.26
CA LEU A 532 -44.78 -6.88 31.30
C LEU A 532 -44.31 -7.91 30.26
N CYS A 533 -43.13 -7.69 29.68
CA CYS A 533 -42.60 -8.58 28.65
C CYS A 533 -42.22 -9.95 29.20
N LEU A 534 -42.01 -10.07 30.51
CA LEU A 534 -41.69 -11.35 31.12
C LEU A 534 -42.91 -12.08 31.65
N THR A 535 -43.95 -11.36 32.06
CA THR A 535 -45.14 -12.00 32.60
C THR A 535 -46.19 -12.27 31.53
N GLU A 536 -46.61 -11.23 30.80
CA GLU A 536 -47.79 -11.33 29.96
C GLU A 536 -47.48 -11.46 28.47
N LEU A 537 -46.21 -11.64 28.09
CA LEU A 537 -45.82 -11.67 26.68
C LEU A 537 -45.09 -12.94 26.28
N SER A 538 -44.28 -13.50 27.16
CA SER A 538 -43.39 -14.58 26.78
C SER A 538 -43.92 -15.95 27.23
N CYS A 539 -43.73 -16.95 26.37
CA CYS A 539 -44.09 -18.34 26.66
C CYS A 539 -42.96 -19.24 26.19
N ASP A 540 -43.22 -20.54 26.14
CA ASP A 540 -42.17 -21.55 26.12
C ASP A 540 -42.15 -22.33 24.80
N THR A 541 -41.36 -23.40 24.77
CA THR A 541 -41.05 -24.16 23.57
C THR A 541 -41.87 -25.44 23.44
N THR A 542 -43.13 -25.42 23.88
CA THR A 542 -44.00 -26.58 23.70
C THR A 542 -44.37 -26.79 22.24
N LYS A 543 -44.38 -25.71 21.47
CA LYS A 543 -44.71 -25.76 20.05
C LYS A 543 -43.58 -26.40 19.25
N MET A 544 -43.94 -27.10 18.17
CA MET A 544 -42.99 -27.92 17.42
C MET A 544 -42.84 -27.48 15.96
N GLU A 545 -43.20 -26.24 15.61
CA GLU A 545 -43.06 -25.79 14.24
C GLU A 545 -41.61 -25.55 13.85
N LYS A 546 -40.71 -25.45 14.84
CA LYS A 546 -39.26 -25.26 14.70
C LYS A 546 -38.89 -23.92 14.06
N GLN A 547 -37.61 -23.64 13.97
CA GLN A 547 -37.15 -22.38 13.41
C GLN A 547 -37.31 -22.37 11.89
N GLU A 548 -37.37 -21.17 11.33
CA GLU A 548 -37.48 -21.00 9.90
C GLU A 548 -36.11 -20.75 9.29
N LEU A 549 -35.82 -21.45 8.20
CA LEU A 549 -34.54 -21.32 7.51
C LEU A 549 -34.65 -20.27 6.42
N GLU A 550 -33.63 -19.44 6.30
CA GLU A 550 -33.65 -18.27 5.42
C GLU A 550 -32.79 -18.52 4.18
N ASP A 551 -33.36 -18.23 3.02
CA ASP A 551 -32.72 -18.43 1.71
C ASP A 551 -32.23 -17.09 1.18
N GLU A 552 -31.61 -17.12 0.01
CA GLU A 552 -31.32 -15.90 -0.73
C GLU A 552 -32.32 -15.76 -1.88
N ILE A 553 -32.16 -14.73 -2.69
CA ILE A 553 -33.09 -14.45 -3.77
C ILE A 553 -32.48 -14.68 -5.15
N ASP A 554 -31.14 -14.78 -5.24
CA ASP A 554 -30.32 -14.99 -6.45
C ASP A 554 -30.73 -14.10 -7.64
N ILE A 555 -31.25 -12.90 -7.36
CA ILE A 555 -31.48 -11.89 -8.39
C ILE A 555 -30.44 -10.80 -8.15
N ASN A 556 -30.50 -10.17 -6.98
CA ASN A 556 -29.36 -9.49 -6.39
C ASN A 556 -28.78 -10.47 -5.37
N THR A 557 -27.76 -11.21 -5.81
CA THR A 557 -27.26 -12.34 -5.04
C THR A 557 -26.56 -11.85 -3.78
N GLY A 558 -27.09 -12.26 -2.63
CA GLY A 558 -26.52 -11.86 -1.36
C GLY A 558 -27.55 -11.43 -0.35
N SER A 559 -28.65 -10.83 -0.81
CA SER A 559 -29.71 -10.37 0.07
C SER A 559 -30.49 -11.57 0.58
N ILE A 560 -30.22 -11.99 1.81
CA ILE A 560 -30.87 -13.16 2.39
C ILE A 560 -32.29 -12.79 2.79
N LYS A 561 -33.25 -13.58 2.30
CA LYS A 561 -34.67 -13.35 2.55
C LYS A 561 -35.27 -14.57 3.23
N VAL A 562 -36.07 -14.34 4.27
CA VAL A 562 -36.85 -15.42 4.86
C VAL A 562 -38.18 -15.60 4.12
N GLU A 563 -38.37 -14.84 3.03
CA GLU A 563 -39.45 -14.93 2.04
C GLU A 563 -40.77 -14.41 2.57
N ARG A 564 -41.46 -13.63 1.73
CA ARG A 564 -42.72 -12.97 2.06
C ARG A 564 -43.95 -13.85 1.82
N THR A 565 -43.75 -15.16 1.57
CA THR A 565 -44.80 -16.07 1.14
C THR A 565 -45.80 -16.43 2.24
N LYS A 566 -45.74 -15.79 3.42
CA LYS A 566 -46.70 -15.85 4.52
C LYS A 566 -46.66 -17.17 5.28
N LYS A 567 -45.91 -18.15 4.79
CA LYS A 567 -45.63 -19.33 5.60
C LYS A 567 -44.57 -19.04 6.66
N SER A 568 -43.62 -18.16 6.35
CA SER A 568 -42.69 -17.69 7.36
C SER A 568 -43.35 -16.67 8.28
N LYS A 569 -44.17 -15.78 7.73
CA LYS A 569 -44.89 -14.79 8.53
C LYS A 569 -46.27 -15.29 8.94
N GLU A 570 -46.32 -16.51 9.48
CA GLU A 570 -47.57 -17.03 10.05
C GLU A 570 -47.85 -16.44 11.41
N TRP A 571 -46.78 -16.09 12.14
CA TRP A 571 -46.73 -15.45 13.46
C TRP A 571 -47.14 -16.36 14.61
N ASN A 572 -47.70 -17.53 14.30
CA ASN A 572 -48.17 -18.57 15.22
C ASN A 572 -49.10 -18.00 16.31
N LYS A 573 -49.30 -18.78 17.38
CA LYS A 573 -50.01 -18.45 18.62
C LYS A 573 -49.62 -19.46 19.69
N GLN A 574 -49.64 -19.01 20.95
CA GLN A 574 -49.79 -19.93 22.09
C GLN A 574 -50.56 -19.13 23.15
N GLY A 575 -51.88 -19.19 23.07
CA GLY A 575 -52.73 -18.41 23.94
C GLY A 575 -52.87 -16.95 23.52
N SER A 576 -51.85 -16.13 23.82
CA SER A 576 -51.93 -14.71 23.49
C SER A 576 -50.58 -14.07 23.14
N CYS A 577 -49.62 -14.80 22.59
CA CYS A 577 -48.25 -14.30 22.48
C CYS A 577 -47.76 -14.03 21.07
N LEU A 578 -48.13 -14.87 20.09
CA LEU A 578 -47.73 -14.77 18.69
C LEU A 578 -46.21 -14.77 18.52
N THR A 579 -45.61 -15.93 18.80
CA THR A 579 -44.16 -16.09 18.67
C THR A 579 -43.76 -16.54 17.26
N ARG A 580 -42.64 -16.01 16.81
CA ARG A 580 -41.90 -16.51 15.66
C ARG A 580 -40.48 -16.85 16.08
N ASN A 581 -39.92 -17.88 15.43
CA ASN A 581 -38.53 -18.33 15.55
C ASN A 581 -38.17 -18.79 16.97
N LYS A 582 -39.17 -19.15 17.77
CA LYS A 582 -39.10 -19.70 19.13
C LYS A 582 -38.52 -18.73 20.16
N ASN A 583 -38.13 -17.52 19.77
CA ASN A 583 -37.67 -16.51 20.73
C ASN A 583 -38.26 -15.13 20.51
N GLU A 584 -38.73 -14.80 19.31
CA GLU A 584 -39.32 -13.50 19.03
C GLU A 584 -40.82 -13.58 19.28
N PHE A 585 -41.38 -12.56 19.96
CA PHE A 585 -42.83 -12.48 20.05
C PHE A 585 -43.24 -11.02 19.96
N CYS A 586 -44.43 -10.81 19.39
CA CYS A 586 -44.97 -9.48 19.17
C CYS A 586 -46.13 -9.24 20.14
N MET A 587 -46.74 -8.06 20.04
CA MET A 587 -47.99 -7.77 20.73
C MET A 587 -49.00 -7.29 19.70
N LYS A 588 -50.14 -7.96 19.63
CA LYS A 588 -51.23 -7.50 18.77
C LYS A 588 -52.58 -7.50 19.48
N GLU A 589 -52.84 -8.49 20.33
CA GLU A 589 -54.13 -8.62 20.99
C GLU A 589 -54.03 -8.52 22.52
N THR A 590 -52.97 -7.90 23.03
CA THR A 590 -52.87 -7.67 24.47
C THR A 590 -53.78 -6.50 24.86
N GLY A 591 -53.90 -6.28 26.16
CA GLY A 591 -54.75 -5.22 26.66
C GLY A 591 -54.24 -3.84 26.33
N ARG A 592 -55.15 -2.86 26.43
CA ARG A 592 -54.80 -1.48 26.10
C ARG A 592 -53.85 -0.89 27.14
N GLU A 593 -54.00 -1.26 28.41
CA GLU A 593 -53.03 -0.85 29.43
C GLU A 593 -51.66 -1.46 29.16
N ASN A 594 -51.63 -2.73 28.75
CA ASN A 594 -50.36 -3.38 28.41
C ASN A 594 -49.71 -2.72 27.20
N LYS A 595 -50.51 -2.34 26.20
CA LYS A 595 -49.99 -1.64 25.03
C LYS A 595 -49.45 -0.27 25.39
N THR A 596 -50.14 0.45 26.29
CA THR A 596 -49.66 1.75 26.75
C THR A 596 -48.35 1.63 27.53
N ILE A 597 -48.25 0.60 28.39
CA ILE A 597 -47.02 0.35 29.13
C ILE A 597 -45.88 -0.01 28.18
N TYR A 598 -46.17 -0.84 27.17
CA TYR A 598 -45.16 -1.24 26.20
C TYR A 598 -44.69 -0.04 25.37
N PHE A 599 -45.62 0.84 24.96
CA PHE A 599 -45.22 1.99 24.17
C PHE A 599 -44.51 3.04 25.01
N LYS A 600 -44.83 3.16 26.30
CA LYS A 600 -44.05 4.00 27.19
C LYS A 600 -42.65 3.43 27.40
N GLY A 601 -42.55 2.10 27.42
CA GLY A 601 -41.25 1.44 27.47
C GLY A 601 -40.41 1.72 26.23
N LEU A 602 -41.06 1.68 25.06
CA LEU A 602 -40.35 2.01 23.82
C LEU A 602 -40.01 3.49 23.74
N ALA A 603 -40.82 4.36 24.34
CA ALA A 603 -40.52 5.78 24.34
C ALA A 603 -39.32 6.09 25.25
N VAL A 604 -39.25 5.43 26.40
CA VAL A 604 -38.08 5.59 27.28
C VAL A 604 -36.85 4.97 26.64
N MET A 605 -37.02 3.81 25.98
CA MET A 605 -35.97 3.15 25.22
C MET A 605 -35.51 3.97 24.02
N ASN A 606 -36.37 4.89 23.56
CA ASN A 606 -36.16 5.73 22.37
C ASN A 606 -35.92 4.88 21.12
N ILE A 607 -36.74 3.84 20.96
CA ILE A 607 -36.88 3.16 19.68
C ILE A 607 -38.22 3.61 19.10
N GLY A 608 -38.16 4.38 18.03
CA GLY A 608 -39.35 4.97 17.48
C GLY A 608 -39.51 6.36 18.05
N MET A 609 -39.17 7.38 17.26
CA MET A 609 -39.23 8.75 17.75
C MET A 609 -40.57 9.36 17.44
N SER A 610 -41.26 9.84 18.48
CA SER A 610 -42.34 10.80 18.26
C SER A 610 -41.74 12.07 17.69
N SER A 611 -42.23 12.48 16.52
CA SER A 611 -41.66 13.63 15.84
C SER A 611 -41.93 14.92 16.58
N LYS A 612 -43.00 14.97 17.37
CA LYS A 612 -43.24 16.10 18.26
C LYS A 612 -42.13 16.24 19.29
N LYS A 613 -41.72 15.13 19.91
CA LYS A 613 -40.64 15.15 20.88
C LYS A 613 -39.30 15.47 20.22
N ARG A 614 -39.08 14.93 19.01
CA ARG A 614 -37.82 15.20 18.30
C ARG A 614 -37.69 16.67 17.92
N ILE A 615 -38.77 17.26 17.40
CA ILE A 615 -38.76 18.67 17.02
C ILE A 615 -38.67 19.57 18.25
N LEU A 616 -39.36 19.19 19.33
CA LEU A 616 -39.29 19.95 20.58
C LEU A 616 -37.89 19.93 21.17
N LYS A 617 -37.23 18.77 21.16
CA LYS A 617 -35.86 18.68 21.66
C LYS A 617 -34.90 19.47 20.77
N LYS A 618 -35.08 19.38 19.44
CA LYS A 618 -34.17 20.08 18.52
C LYS A 618 -34.33 21.60 18.62
N GLU A 619 -35.54 22.08 18.91
CA GLU A 619 -35.72 23.51 19.16
C GLU A 619 -35.20 23.91 20.53
N GLU A 620 -35.40 23.05 21.54
CA GLU A 620 -35.06 23.39 22.91
C GLU A 620 -33.56 23.43 23.13
N ILE A 621 -32.80 22.54 22.49
CA ILE A 621 -31.34 22.57 22.66
C ILE A 621 -30.75 23.84 22.03
N LYS A 622 -31.32 24.27 20.91
CA LYS A 622 -30.86 25.51 20.28
C LYS A 622 -31.22 26.72 21.11
N GLU A 623 -32.44 26.77 21.65
CA GLU A 623 -32.85 27.89 22.50
C GLU A 623 -32.05 27.94 23.80
N ARG A 624 -31.74 26.78 24.36
CA ARG A 624 -31.00 26.73 25.63
C ARG A 624 -29.52 27.05 25.44
N ILE A 625 -28.89 26.52 24.39
CA ILE A 625 -27.44 26.63 24.26
C ILE A 625 -27.02 27.87 23.49
N SER A 626 -27.72 28.20 22.39
CA SER A 626 -27.27 29.23 21.48
C SER A 626 -27.37 30.64 22.05
N LYS A 627 -28.10 30.84 23.15
CA LYS A 627 -28.14 32.15 23.79
C LYS A 627 -26.94 32.40 24.68
N GLY A 628 -26.15 31.37 24.99
CA GLY A 628 -24.99 31.53 25.84
C GLY A 628 -23.68 31.52 25.08
N HIS A 654 -22.45 21.52 21.97
CA HIS A 654 -21.54 20.68 22.75
C HIS A 654 -22.14 20.30 24.10
N MET A 655 -22.55 19.04 24.23
CA MET A 655 -23.15 18.52 25.44
C MET A 655 -22.26 17.48 26.11
N LYS A 656 -20.95 17.75 26.14
CA LYS A 656 -19.99 16.83 26.72
C LYS A 656 -20.01 16.91 28.25
N LYS A 657 -19.95 15.75 28.89
CA LYS A 657 -19.86 15.65 30.34
C LYS A 657 -18.54 14.96 30.68
N LEU A 658 -17.71 15.63 31.46
CA LEU A 658 -16.31 15.25 31.63
C LEU A 658 -15.96 15.09 33.09
N ILE A 659 -14.85 14.39 33.34
CA ILE A 659 -14.24 14.30 34.66
C ILE A 659 -12.77 14.71 34.53
N ARG A 660 -12.21 15.18 35.64
CA ARG A 660 -10.83 15.65 35.63
C ARG A 660 -9.87 14.49 35.87
N HIS A 661 -8.59 14.75 35.58
CA HIS A 661 -7.55 13.74 35.73
C HIS A 661 -7.14 13.50 37.17
N ASP A 662 -7.46 14.43 38.07
CA ASP A 662 -7.04 14.36 39.47
C ASP A 662 -8.23 14.13 40.40
N ASN A 663 -9.15 13.26 39.99
CA ASN A 663 -10.34 12.96 40.78
C ASN A 663 -10.07 11.72 41.64
N GLU A 664 -9.65 11.95 42.88
CA GLU A 664 -9.38 10.84 43.80
C GLU A 664 -10.64 10.10 44.21
N ASP A 665 -11.81 10.75 44.16
CA ASP A 665 -13.07 10.06 44.36
C ASP A 665 -13.28 9.06 43.23
N SER A 666 -12.99 9.46 41.99
CA SER A 666 -13.05 8.54 40.86
C SER A 666 -12.02 7.44 40.97
N LEU A 667 -10.84 7.75 41.52
CA LEU A 667 -9.81 6.72 41.73
C LEU A 667 -10.26 5.67 42.74
N SER A 668 -10.86 6.10 43.85
CA SER A 668 -11.38 5.17 44.85
C SER A 668 -12.53 4.35 44.29
N TRP A 669 -13.41 5.00 43.51
CA TRP A 669 -14.51 4.29 42.86
C TRP A 669 -13.98 3.23 41.89
N CYS A 670 -12.94 3.57 41.13
CA CYS A 670 -12.39 2.61 40.18
C CYS A 670 -11.64 1.48 40.87
N GLU A 671 -11.01 1.75 42.01
CA GLU A 671 -10.40 0.66 42.78
C GLU A 671 -11.46 -0.30 43.31
N ARG A 672 -12.59 0.24 43.78
CA ARG A 672 -13.71 -0.61 44.17
C ARG A 672 -14.26 -1.38 42.98
N ILE A 673 -14.28 -0.74 41.79
CA ILE A 673 -14.69 -1.40 40.55
C ILE A 673 -13.80 -2.60 40.26
N LYS A 674 -12.49 -2.42 40.41
CA LYS A 674 -11.53 -3.50 40.19
C LYS A 674 -11.77 -4.66 41.13
N ASP A 675 -11.84 -4.38 42.44
CA ASP A 675 -11.97 -5.45 43.44
C ASP A 675 -13.30 -6.19 43.29
N SER A 676 -14.37 -5.45 43.00
CA SER A 676 -15.67 -6.07 42.78
C SER A 676 -15.67 -6.90 41.50
N LEU A 677 -14.93 -6.48 40.47
CA LEU A 677 -14.83 -7.28 39.25
C LEU A 677 -14.10 -8.59 39.50
N PHE A 678 -13.03 -8.55 40.31
CA PHE A 678 -12.32 -9.80 40.58
C PHE A 678 -13.18 -10.75 41.42
N VAL A 679 -13.95 -10.21 42.37
CA VAL A 679 -14.85 -11.07 43.14
C VAL A 679 -15.96 -11.63 42.24
N LEU A 680 -16.42 -10.82 41.28
CA LEU A 680 -17.50 -11.25 40.39
C LEU A 680 -17.02 -12.33 39.41
N HIS A 681 -15.80 -12.22 38.91
CA HIS A 681 -15.33 -13.13 37.86
C HIS A 681 -15.06 -14.54 38.36
N ASN A 682 -14.94 -14.75 39.67
CA ASN A 682 -14.58 -16.05 40.22
C ASN A 682 -15.79 -16.90 40.60
N GLY A 683 -17.01 -16.45 40.28
CA GLY A 683 -18.21 -17.18 40.65
C GLY A 683 -18.72 -18.19 39.65
N ASP A 684 -18.00 -18.41 38.55
CA ASP A 684 -18.44 -19.34 37.52
C ASP A 684 -18.01 -20.76 37.85
N ILE A 685 -18.94 -21.70 37.69
CA ILE A 685 -18.70 -23.11 37.96
C ILE A 685 -18.81 -23.96 36.70
N ARG A 686 -19.00 -23.35 35.54
CA ARG A 686 -19.05 -24.10 34.29
C ARG A 686 -17.66 -24.61 33.92
N GLU A 687 -17.61 -25.83 33.38
CA GLU A 687 -16.35 -26.47 33.06
C GLU A 687 -16.24 -26.86 31.59
N GLU A 688 -17.34 -26.93 30.86
CA GLU A 688 -17.32 -27.24 29.44
C GLU A 688 -17.99 -26.12 28.68
N GLY A 689 -17.42 -25.75 27.54
CA GLY A 689 -17.98 -24.70 26.71
C GLY A 689 -17.55 -24.83 25.26
N LYS A 690 -17.65 -23.75 24.50
CA LYS A 690 -17.20 -23.76 23.12
C LYS A 690 -15.81 -23.16 22.97
N ILE A 691 -15.59 -21.99 23.57
CA ILE A 691 -14.27 -21.35 23.56
C ILE A 691 -13.29 -22.14 24.43
N THR A 692 -13.82 -22.73 25.51
CA THR A 692 -13.02 -23.59 26.38
C THR A 692 -12.45 -24.77 25.60
N SER A 693 -13.21 -25.30 24.64
CA SER A 693 -12.74 -26.46 23.87
C SER A 693 -11.54 -26.11 23.00
N VAL A 694 -11.62 -25.03 22.23
CA VAL A 694 -10.53 -24.67 21.32
C VAL A 694 -9.30 -24.19 22.10
N TYR A 695 -9.52 -23.40 23.17
CA TYR A 695 -8.36 -22.93 23.92
C TYR A 695 -7.73 -24.02 24.77
N ASN A 696 -8.52 -24.98 25.26
CA ASN A 696 -7.96 -26.11 25.97
C ASN A 696 -7.21 -27.04 25.03
N ASN A 697 -7.69 -27.18 23.79
CA ASN A 697 -6.95 -27.95 22.79
C ASN A 697 -5.62 -27.28 22.46
N TYR A 698 -5.61 -25.96 22.34
CA TYR A 698 -4.40 -25.28 21.91
C TYR A 698 -3.45 -24.92 23.05
N ALA A 699 -3.88 -24.98 24.31
CA ALA A 699 -3.00 -24.59 25.41
C ALA A 699 -2.94 -25.57 26.56
N LYS A 700 -3.84 -26.55 26.66
CA LYS A 700 -3.75 -27.55 27.71
C LYS A 700 -2.55 -28.47 27.49
N ASN A 701 -2.31 -28.88 26.25
CA ASN A 701 -1.13 -29.66 25.88
C ASN A 701 -0.49 -29.01 24.66
N PRO A 702 0.23 -27.90 24.83
CA PRO A 702 0.85 -27.24 23.69
C PRO A 702 2.18 -27.85 23.25
N GLU A 703 2.65 -28.90 23.93
CA GLU A 703 3.90 -29.56 23.56
C GLU A 703 3.81 -30.21 22.18
N CYS A 704 2.59 -30.57 21.74
CA CYS A 704 2.36 -31.07 20.40
C CYS A 704 2.63 -30.03 19.31
N LEU A 705 2.75 -28.75 19.68
CA LEU A 705 3.20 -27.73 18.75
C LEU A 705 4.70 -27.75 18.49
N TYR A 706 5.45 -28.55 19.23
CA TYR A 706 6.89 -28.66 19.08
C TYR A 706 7.29 -30.07 18.64
N ILE A 707 8.57 -30.24 18.38
CA ILE A 707 9.18 -31.56 18.26
C ILE A 707 10.22 -31.81 19.34
N GLN A 708 10.70 -30.79 20.04
CA GLN A 708 11.53 -30.94 21.24
C GLN A 708 10.70 -30.44 22.41
N ASP A 709 9.89 -31.33 22.98
CA ASP A 709 9.07 -30.93 24.12
C ASP A 709 9.85 -30.98 25.43
N SER A 710 10.90 -31.80 25.50
CA SER A 710 11.59 -32.07 26.75
C SER A 710 12.67 -31.05 27.09
N VAL A 711 12.95 -30.08 26.21
CA VAL A 711 13.99 -29.11 26.54
C VAL A 711 13.45 -28.00 27.43
N LEU A 712 12.21 -27.55 27.19
CA LEU A 712 11.57 -26.52 27.99
C LEU A 712 10.41 -27.14 28.74
N LYS A 713 10.53 -27.21 30.06
CA LYS A 713 9.49 -27.82 30.89
C LYS A 713 8.72 -26.81 31.73
N THR A 714 9.41 -25.89 32.41
CA THR A 714 8.74 -24.92 33.25
C THR A 714 8.02 -23.83 32.47
N GLU A 715 8.41 -23.59 31.22
CA GLU A 715 7.78 -22.55 30.42
C GLU A 715 6.50 -23.06 29.77
N LEU A 716 6.51 -24.32 29.32
CA LEU A 716 5.28 -24.99 28.92
C LEU A 716 4.33 -25.10 30.09
N GLU A 717 4.87 -25.37 31.28
CA GLU A 717 4.06 -25.39 32.50
C GLU A 717 3.50 -24.01 32.82
N THR A 718 4.27 -22.94 32.52
CA THR A 718 3.77 -21.58 32.72
C THR A 718 2.62 -21.26 31.78
N CYS A 719 2.73 -21.69 30.52
CA CYS A 719 1.62 -21.52 29.58
C CYS A 719 0.39 -22.31 30.02
N LYS A 720 0.60 -23.52 30.54
CA LYS A 720 -0.49 -24.31 31.09
C LYS A 720 -1.11 -23.63 32.32
N LYS A 721 -0.29 -22.98 33.14
CA LYS A 721 -0.80 -22.26 34.31
C LYS A 721 -1.64 -21.06 33.89
N ILE A 722 -1.22 -20.34 32.84
CA ILE A 722 -2.02 -19.23 32.33
C ILE A 722 -3.33 -19.73 31.76
N ASN A 723 -3.29 -20.87 31.05
CA ASN A 723 -4.51 -21.48 30.52
C ASN A 723 -5.45 -21.91 31.64
N LYS A 724 -4.89 -22.47 32.73
CA LYS A 724 -5.70 -22.86 33.87
C LYS A 724 -6.27 -21.66 34.61
N LEU A 725 -5.52 -20.56 34.67
CA LEU A 725 -6.03 -19.34 35.27
C LEU A 725 -7.19 -18.77 34.46
N CYS A 726 -7.09 -18.81 33.12
CA CYS A 726 -8.21 -18.40 32.28
C CYS A 726 -9.40 -19.34 32.42
N ASN A 727 -9.14 -20.64 32.63
CA ASN A 727 -10.24 -21.59 32.81
C ASN A 727 -10.97 -21.38 34.12
N ASP A 728 -10.22 -21.27 35.22
CA ASP A 728 -10.84 -21.13 36.54
C ASP A 728 -11.45 -19.74 36.73
N LEU A 729 -10.88 -18.72 36.09
CA LEU A 729 -11.40 -17.37 36.18
C LEU A 729 -12.47 -17.11 35.13
N ALA A 730 -12.75 -18.12 34.30
CA ALA A 730 -13.77 -18.09 33.23
C ALA A 730 -13.52 -16.96 32.25
N ILE A 731 -12.26 -16.79 31.85
CA ILE A 731 -11.93 -15.84 30.79
C ILE A 731 -12.51 -16.34 29.46
N TYR A 732 -12.28 -17.63 29.16
CA TYR A 732 -12.82 -18.24 27.95
C TYR A 732 -14.34 -18.30 27.98
N HIS A 733 -14.91 -18.66 29.13
CA HIS A 733 -16.36 -18.74 29.25
C HIS A 733 -17.00 -17.37 29.09
N TYR A 734 -16.45 -16.37 29.77
CA TYR A 734 -16.97 -15.00 29.70
C TYR A 734 -16.90 -14.45 28.28
N SER A 735 -15.81 -14.74 27.58
CA SER A 735 -15.73 -14.26 26.22
C SER A 735 -16.56 -15.11 25.26
N GLU A 736 -16.88 -16.35 25.63
CA GLU A 736 -17.89 -17.12 24.91
C GLU A 736 -19.25 -16.42 25.00
N ASP A 737 -19.62 -15.93 26.19
CA ASP A 737 -20.88 -15.18 26.24
C ASP A 737 -20.76 -13.84 25.52
N MET A 738 -19.54 -13.28 25.44
CA MET A 738 -19.32 -12.09 24.64
C MET A 738 -19.64 -12.35 23.16
N MET A 739 -19.15 -13.48 22.63
CA MET A 739 -19.44 -13.81 21.24
C MET A 739 -20.91 -14.11 21.02
N GLN A 740 -21.53 -14.88 21.93
CA GLN A 740 -22.94 -15.22 21.78
C GLN A 740 -23.84 -13.99 21.89
N PHE A 741 -23.52 -13.10 22.84
CA PHE A 741 -24.07 -11.76 22.96
C PHE A 741 -24.06 -11.03 21.63
N SER A 742 -22.86 -10.84 21.07
CA SER A 742 -22.71 -10.04 19.84
C SER A 742 -23.37 -10.70 18.64
N LYS A 743 -23.22 -12.02 18.51
CA LYS A 743 -23.76 -12.74 17.36
C LYS A 743 -25.29 -12.77 17.36
N GLY A 744 -25.88 -13.16 18.50
CA GLY A 744 -27.32 -13.11 18.62
C GLY A 744 -27.89 -11.72 18.56
N LEU A 745 -27.12 -10.70 18.95
CA LEU A 745 -27.58 -9.33 18.90
C LEU A 745 -27.53 -8.77 17.48
N MET A 746 -26.55 -9.19 16.68
CA MET A 746 -26.56 -8.86 15.25
C MET A 746 -27.71 -9.57 14.53
N VAL A 747 -27.82 -10.89 14.70
CA VAL A 747 -28.84 -11.67 14.01
C VAL A 747 -30.25 -11.30 14.51
N ALA A 748 -30.35 -10.74 15.71
CA ALA A 748 -31.60 -10.24 16.28
C ALA A 748 -32.16 -8.99 15.59
N ASP A 749 -31.61 -8.51 14.47
CA ASP A 749 -32.28 -7.49 13.66
C ASP A 749 -32.77 -8.20 12.40
N ARG A 750 -34.08 -8.29 12.25
CA ARG A 750 -34.70 -9.07 11.18
C ARG A 750 -35.91 -8.29 10.66
N TYR A 751 -36.79 -8.98 9.95
CA TYR A 751 -37.98 -8.43 9.29
C TYR A 751 -39.09 -8.02 10.26
N MET A 752 -38.88 -7.95 11.58
CA MET A 752 -39.95 -7.57 12.48
C MET A 752 -40.16 -6.06 12.47
N THR A 753 -41.27 -5.64 13.08
CA THR A 753 -41.66 -4.25 13.19
C THR A 753 -41.40 -3.76 14.62
N LYS A 754 -41.85 -2.53 14.91
CA LYS A 754 -41.52 -1.89 16.17
C LYS A 754 -42.24 -2.51 17.37
N GLU A 755 -43.33 -3.24 17.15
CA GLU A 755 -44.11 -3.81 18.24
C GLU A 755 -43.72 -5.25 18.56
N SER A 756 -42.44 -5.60 18.39
CA SER A 756 -41.97 -6.94 18.68
C SER A 756 -40.62 -6.86 19.37
N PHE A 757 -40.19 -8.00 19.92
CA PHE A 757 -38.88 -8.09 20.56
C PHE A 757 -38.44 -9.55 20.58
N LYS A 758 -37.15 -9.76 20.34
CA LYS A 758 -36.53 -11.06 20.48
C LYS A 758 -35.96 -11.20 21.89
N ILE A 759 -35.92 -12.43 22.38
CA ILE A 759 -35.29 -12.76 23.65
C ILE A 759 -34.03 -13.55 23.33
N LEU A 760 -32.89 -13.04 23.78
CA LEU A 760 -31.59 -13.58 23.44
C LEU A 760 -30.97 -14.29 24.64
N THR A 761 -30.41 -15.46 24.39
CA THR A 761 -29.74 -16.22 25.44
C THR A 761 -28.37 -16.66 24.95
N THR A 762 -27.36 -16.46 25.79
CA THR A 762 -26.03 -16.96 25.53
C THR A 762 -25.94 -18.40 26.05
N ALA A 763 -24.72 -18.93 26.13
CA ALA A 763 -24.53 -20.25 26.72
C ALA A 763 -24.53 -20.22 28.24
N ASN A 764 -24.64 -19.04 28.85
CA ASN A 764 -24.69 -18.94 30.29
C ASN A 764 -26.01 -19.47 30.83
N THR A 765 -25.98 -19.89 32.08
CA THR A 765 -27.17 -20.48 32.71
C THR A 765 -28.14 -19.44 33.25
N SER A 766 -27.75 -18.15 33.30
CA SER A 766 -28.68 -17.14 33.77
C SER A 766 -28.57 -15.80 33.04
N MET A 767 -27.96 -15.77 31.85
CA MET A 767 -27.88 -14.53 31.08
C MET A 767 -29.02 -14.45 30.08
N MET A 768 -29.59 -13.25 29.94
CA MET A 768 -30.65 -13.03 28.98
C MET A 768 -30.71 -11.56 28.60
N LEU A 769 -30.91 -11.31 27.30
CA LEU A 769 -31.14 -9.98 26.76
C LEU A 769 -32.53 -9.90 26.16
N LEU A 770 -33.11 -8.70 26.20
CA LEU A 770 -34.37 -8.41 25.51
C LEU A 770 -34.04 -7.51 24.32
N ALA A 771 -33.66 -8.12 23.20
CA ALA A 771 -33.25 -7.35 22.03
C ALA A 771 -34.49 -6.93 21.25
N PHE A 772 -34.83 -5.65 21.33
CA PHE A 772 -36.06 -5.14 20.74
C PHE A 772 -35.85 -4.86 19.25
N LYS A 773 -36.81 -4.15 18.64
CA LYS A 773 -36.71 -3.79 17.24
C LYS A 773 -35.58 -2.77 17.04
N GLY A 774 -34.72 -3.04 16.06
CA GLY A 774 -33.52 -2.26 15.85
C GLY A 774 -33.69 -1.15 14.84
N ASP A 775 -32.55 -0.70 14.32
CA ASP A 775 -32.44 0.40 13.37
C ASP A 775 -31.83 -0.02 12.05
N GLY A 776 -30.77 -0.82 12.08
CA GLY A 776 -29.98 -1.04 10.89
C GLY A 776 -29.99 -2.43 10.28
N MET A 777 -28.87 -3.15 10.51
CA MET A 777 -28.38 -4.38 9.86
C MET A 777 -27.86 -4.12 8.44
N ASN A 778 -28.22 -2.98 7.86
CA ASN A 778 -27.72 -2.64 6.53
C ASN A 778 -27.47 -1.16 6.34
N THR A 779 -27.68 -0.33 7.36
CA THR A 779 -27.51 1.11 7.23
C THR A 779 -26.42 1.70 8.11
N GLY A 780 -25.98 0.99 9.14
CA GLY A 780 -25.01 1.53 10.08
C GLY A 780 -25.54 2.68 10.91
N GLY A 781 -26.79 2.58 11.35
CA GLY A 781 -27.39 3.63 12.14
C GLY A 781 -27.10 3.47 13.62
N SER A 782 -28.12 3.65 14.46
CA SER A 782 -27.95 3.48 15.90
C SER A 782 -27.75 2.02 16.26
N GLY A 783 -28.61 1.14 15.74
CA GLY A 783 -28.50 -0.27 16.04
C GLY A 783 -29.70 -0.87 16.75
N VAL A 784 -29.46 -1.84 17.61
CA VAL A 784 -30.51 -2.65 18.22
C VAL A 784 -30.55 -2.34 19.71
N PRO A 785 -31.64 -1.77 20.23
CA PRO A 785 -31.77 -1.56 21.67
C PRO A 785 -32.07 -2.83 22.43
N TYR A 786 -31.54 -2.90 23.65
CA TYR A 786 -31.76 -4.09 24.45
C TYR A 786 -31.69 -3.78 25.94
N ILE A 787 -32.25 -4.72 26.71
CA ILE A 787 -32.28 -4.73 28.17
C ILE A 787 -31.57 -5.99 28.62
N ALA A 788 -30.62 -5.87 29.55
CA ALA A 788 -29.89 -7.01 30.08
C ALA A 788 -30.44 -7.39 31.46
N LEU A 789 -30.61 -8.71 31.69
CA LEU A 789 -31.13 -9.20 32.95
C LEU A 789 -30.22 -10.29 33.52
N HIS A 790 -29.99 -10.25 34.84
CA HIS A 790 -29.08 -11.18 35.49
C HIS A 790 -29.65 -11.69 36.81
N ILE A 791 -29.18 -12.88 37.23
CA ILE A 791 -29.69 -13.57 38.41
C ILE A 791 -28.49 -13.76 39.36
N VAL A 792 -27.68 -12.72 39.52
CA VAL A 792 -26.58 -12.78 40.48
C VAL A 792 -27.16 -12.95 41.89
N ASP A 793 -26.64 -13.94 42.63
CA ASP A 793 -27.20 -14.33 43.92
C ASP A 793 -26.75 -13.36 45.01
N GLU A 794 -27.11 -13.69 46.26
CA GLU A 794 -26.79 -12.82 47.39
C GLU A 794 -25.31 -12.84 47.76
N ASP A 795 -24.58 -13.88 47.35
CA ASP A 795 -23.16 -13.96 47.68
C ASP A 795 -22.37 -12.89 46.94
N MET A 796 -22.72 -12.62 45.68
CA MET A 796 -22.07 -11.59 44.89
C MET A 796 -22.97 -10.39 44.64
N SER A 797 -24.02 -10.21 45.44
CA SER A 797 -24.99 -9.15 45.20
C SER A 797 -24.39 -7.78 45.46
N ASP A 798 -23.72 -7.61 46.61
CA ASP A 798 -23.16 -6.31 46.97
C ASP A 798 -21.98 -5.95 46.05
N GLN A 799 -21.12 -6.93 45.75
CA GLN A 799 -20.01 -6.68 44.83
C GLN A 799 -20.51 -6.38 43.42
N PHE A 800 -21.58 -7.04 43.00
CA PHE A 800 -22.21 -6.73 41.72
C PHE A 800 -22.79 -5.32 41.72
N ASN A 801 -23.32 -4.89 42.86
CA ASN A 801 -23.85 -3.53 42.98
C ASN A 801 -22.75 -2.48 42.95
N ILE A 802 -21.57 -2.78 43.50
CA ILE A 802 -20.44 -1.86 43.29
C ILE A 802 -19.98 -1.90 41.84
N CYS A 803 -20.03 -3.08 41.20
CA CYS A 803 -19.57 -3.24 39.83
C CYS A 803 -20.38 -2.40 38.85
N TYR A 804 -21.67 -2.68 38.72
CA TYR A 804 -22.46 -2.13 37.62
C TYR A 804 -23.42 -1.05 38.10
N THR A 805 -22.96 -0.23 39.05
CA THR A 805 -23.82 0.78 39.67
C THR A 805 -24.28 1.86 38.70
N LYS A 806 -23.43 2.20 37.73
CA LYS A 806 -23.78 3.22 36.74
C LYS A 806 -24.92 2.77 35.82
N GLU A 807 -25.08 1.46 35.64
CA GLU A 807 -26.02 0.92 34.67
C GLU A 807 -27.12 0.07 35.26
N ILE A 808 -27.09 -0.22 36.56
CA ILE A 808 -28.16 -0.96 37.20
C ILE A 808 -29.35 -0.03 37.34
N TYR A 809 -30.48 -0.40 36.76
CA TYR A 809 -31.69 0.38 36.85
C TYR A 809 -32.57 -0.05 38.02
N SER A 810 -32.73 -1.36 38.20
CA SER A 810 -33.50 -1.90 39.30
C SER A 810 -32.99 -3.30 39.64
N TYR A 811 -33.26 -3.72 40.88
CA TYR A 811 -32.91 -5.06 41.32
C TYR A 811 -33.84 -5.45 42.45
N PHE A 812 -34.21 -6.73 42.49
CA PHE A 812 -35.15 -7.19 43.51
C PHE A 812 -34.83 -8.62 43.92
N ARG A 813 -35.31 -9.00 45.10
CA ARG A 813 -34.99 -10.29 45.69
C ARG A 813 -36.05 -11.31 45.33
N ASN A 814 -35.63 -12.45 44.78
CA ASN A 814 -36.50 -13.58 44.51
C ASN A 814 -35.81 -14.82 45.08
N GLY A 815 -36.42 -15.40 46.10
CA GLY A 815 -35.87 -16.58 46.76
C GLY A 815 -34.53 -16.32 47.41
N SER A 816 -33.53 -17.08 47.01
CA SER A 816 -32.15 -16.87 47.45
C SER A 816 -31.33 -16.08 46.44
N ASN A 817 -31.97 -15.47 45.45
CA ASN A 817 -31.27 -14.81 44.37
C ASN A 817 -31.73 -13.37 44.23
N TYR A 818 -30.92 -12.58 43.53
CA TYR A 818 -31.25 -11.19 43.20
C TYR A 818 -31.35 -11.05 41.69
N ILE A 819 -32.31 -10.27 41.24
CA ILE A 819 -32.58 -10.07 39.82
C ILE A 819 -32.22 -8.64 39.49
N TYR A 820 -31.34 -8.46 38.50
CA TYR A 820 -30.80 -7.16 38.11
C TYR A 820 -31.23 -6.84 36.69
N ILE A 821 -31.66 -5.58 36.49
CA ILE A 821 -32.11 -5.07 35.21
C ILE A 821 -31.20 -3.90 34.83
N MET A 822 -30.65 -3.92 33.62
CA MET A 822 -29.72 -2.89 33.19
C MET A 822 -30.38 -1.84 32.29
N ARG A 823 -29.58 -0.87 31.88
CA ARG A 823 -30.07 0.28 31.12
C ARG A 823 -30.43 -0.11 29.68
N PRO A 824 -31.31 0.66 29.04
CA PRO A 824 -31.50 0.54 27.59
C PRO A 824 -30.19 0.79 26.84
N GLN A 825 -29.83 -0.11 25.94
CA GLN A 825 -28.48 -0.04 25.41
C GLN A 825 -28.47 -0.26 23.90
N ARG A 826 -27.57 0.46 23.22
CA ARG A 826 -27.39 0.42 21.77
C ARG A 826 -25.96 0.00 21.40
N LEU A 827 -25.84 -0.66 20.25
CA LEU A 827 -24.57 -0.86 19.56
C LEU A 827 -24.76 -0.69 18.06
N ASN A 828 -23.79 -0.01 17.44
CA ASN A 828 -23.70 0.03 15.99
C ASN A 828 -23.13 -1.31 15.51
N GLN A 829 -23.24 -1.58 14.20
CA GLN A 829 -22.83 -2.87 13.65
C GLN A 829 -21.32 -3.09 13.79
N VAL A 830 -20.53 -2.04 13.60
CA VAL A 830 -19.09 -2.13 13.84
C VAL A 830 -18.78 -2.41 15.31
N ARG A 831 -19.58 -1.85 16.21
CA ARG A 831 -19.40 -2.13 17.63
C ARG A 831 -19.79 -3.56 17.97
N LEU A 832 -20.81 -4.10 17.30
CA LEU A 832 -21.17 -5.50 17.52
C LEU A 832 -20.10 -6.43 16.96
N LEU A 833 -19.46 -6.06 15.86
CA LEU A 833 -18.31 -6.82 15.38
C LEU A 833 -17.14 -6.73 16.37
N SER A 834 -16.97 -5.55 16.98
CA SER A 834 -15.93 -5.38 18.00
C SER A 834 -16.17 -6.28 19.20
N LEU A 835 -17.44 -6.40 19.61
CA LEU A 835 -17.79 -7.38 20.64
C LEU A 835 -17.66 -8.81 20.15
N PHE A 836 -17.78 -9.02 18.83
CA PHE A 836 -17.64 -10.36 18.29
C PHE A 836 -16.19 -10.82 18.23
N LYS A 837 -15.24 -9.89 18.16
CA LYS A 837 -13.82 -10.23 18.19
C LYS A 837 -13.26 -10.42 19.59
N THR A 838 -14.11 -10.31 20.61
CA THR A 838 -13.68 -10.53 22.00
C THR A 838 -13.03 -11.88 22.30
N PRO A 839 -13.50 -13.04 21.81
CA PRO A 839 -12.77 -14.28 22.12
C PRO A 839 -11.41 -14.41 21.45
N SER A 840 -11.13 -13.60 20.42
CA SER A 840 -9.77 -13.47 19.95
C SER A 840 -9.01 -12.37 20.67
N LYS A 841 -9.72 -11.45 21.33
CA LYS A 841 -9.06 -10.32 21.97
C LYS A 841 -8.63 -10.58 23.41
N VAL A 842 -9.56 -10.98 24.26
CA VAL A 842 -9.37 -11.09 25.71
C VAL A 842 -8.36 -12.16 26.16
N PRO A 843 -8.40 -13.43 25.70
CA PRO A 843 -7.45 -14.41 26.26
C PRO A 843 -6.01 -14.16 25.87
N VAL A 844 -5.75 -13.62 24.68
CA VAL A 844 -4.37 -13.32 24.32
C VAL A 844 -3.89 -12.08 25.08
N CYS A 845 -4.81 -11.18 25.44
CA CYS A 845 -4.49 -10.09 26.36
C CYS A 845 -4.03 -10.63 27.70
N PHE A 846 -4.78 -11.61 28.24
CA PHE A 846 -4.41 -12.20 29.52
C PHE A 846 -3.06 -12.90 29.42
N ALA A 847 -2.82 -13.62 28.32
CA ALA A 847 -1.56 -14.34 28.15
C ALA A 847 -0.36 -13.41 28.06
N GLN A 848 -0.44 -12.39 27.18
CA GLN A 848 0.70 -11.49 27.00
C GLN A 848 0.92 -10.62 28.22
N PHE A 849 -0.15 -10.11 28.83
CA PHE A 849 0.00 -9.28 30.01
C PHE A 849 0.51 -10.08 31.21
N SER A 850 0.08 -11.33 31.36
CA SER A 850 0.56 -12.15 32.47
C SER A 850 1.99 -12.63 32.25
N LYS A 851 2.42 -12.79 30.99
CA LYS A 851 3.84 -12.99 30.74
C LYS A 851 4.64 -11.74 31.08
N LYS A 852 4.13 -10.57 30.73
CA LYS A 852 4.90 -9.35 30.93
C LYS A 852 4.80 -8.80 32.35
N ALA A 853 3.93 -9.37 33.19
CA ALA A 853 3.88 -8.99 34.59
C ALA A 853 4.96 -9.75 35.36
N ASN A 854 5.88 -9.01 35.98
CA ASN A 854 7.08 -9.62 36.54
C ASN A 854 6.78 -10.47 37.76
N GLU A 855 6.03 -9.92 38.72
CA GLU A 855 5.77 -10.65 39.97
C GLU A 855 4.80 -11.79 39.73
N MET A 856 3.80 -11.58 38.87
CA MET A 856 2.88 -12.65 38.51
C MET A 856 3.60 -13.79 37.79
N GLU A 857 4.51 -13.44 36.88
CA GLU A 857 5.23 -14.46 36.13
C GLU A 857 6.18 -15.23 37.04
N LYS A 858 6.88 -14.54 37.95
CA LYS A 858 7.80 -15.25 38.83
C LYS A 858 7.06 -16.05 39.90
N TRP A 859 5.86 -15.61 40.32
CA TRP A 859 5.05 -16.43 41.20
C TRP A 859 4.49 -17.65 40.46
N LEU A 860 4.22 -17.52 39.17
CA LEU A 860 3.78 -18.66 38.37
C LEU A 860 4.91 -19.67 38.20
N LYS A 861 6.15 -19.19 38.05
CA LYS A 861 7.29 -20.13 38.08
C LYS A 861 7.49 -20.74 39.46
N ASN A 862 7.19 -20.00 40.53
CA ASN A 862 7.37 -20.55 41.88
C ASN A 862 6.34 -21.63 42.19
N LYS A 863 5.08 -21.37 41.89
CA LYS A 863 3.99 -22.28 42.24
C LYS A 863 3.77 -23.30 41.12
N ASP A 864 3.06 -24.38 41.47
CA ASP A 864 2.81 -25.48 40.57
C ASP A 864 1.40 -25.42 40.00
N ILE A 865 1.21 -26.11 38.86
CA ILE A 865 -0.05 -26.05 38.11
C ILE A 865 -1.19 -26.68 38.90
N GLU A 866 -0.91 -27.70 39.71
CA GLU A 866 -1.95 -28.27 40.55
C GLU A 866 -2.16 -27.52 41.85
N LYS A 867 -1.39 -26.46 42.11
CA LYS A 867 -1.56 -25.65 43.30
C LYS A 867 -1.84 -24.18 43.01
N VAL A 868 -1.93 -23.78 41.75
CA VAL A 868 -2.34 -22.41 41.44
C VAL A 868 -3.85 -22.31 41.57
N ASN A 869 -4.30 -21.32 42.34
CA ASN A 869 -5.71 -21.11 42.60
C ASN A 869 -5.92 -19.65 42.95
N VAL A 870 -7.19 -19.23 42.95
CA VAL A 870 -7.55 -17.84 43.23
C VAL A 870 -7.27 -17.48 44.68
N PHE A 871 -7.34 -18.45 45.58
CA PHE A 871 -7.21 -18.22 47.02
C PHE A 871 -5.76 -18.27 47.49
N SER A 872 -4.79 -18.36 46.58
CA SER A 872 -3.42 -18.66 46.96
C SER A 872 -2.40 -17.67 46.39
N MET A 873 -2.69 -16.38 46.44
CA MET A 873 -1.65 -15.38 46.23
C MET A 873 -1.48 -14.53 47.47
N THR A 874 -0.44 -13.70 47.44
CA THR A 874 -0.32 -12.61 48.39
C THR A 874 -1.12 -11.41 47.88
N MET A 875 -1.06 -10.31 48.64
CA MET A 875 -1.81 -9.12 48.27
C MET A 875 -1.26 -8.47 47.01
N THR A 876 0.06 -8.46 46.84
CA THR A 876 0.67 -7.81 45.68
C THR A 876 0.37 -8.56 44.39
N VAL A 877 0.55 -9.88 44.39
CA VAL A 877 0.26 -10.70 43.22
C VAL A 877 -1.25 -10.74 42.96
N LYS A 878 -2.07 -10.75 44.02
CA LYS A 878 -3.51 -10.70 43.83
C LYS A 878 -3.96 -9.38 43.21
N GLN A 879 -3.37 -8.26 43.65
CA GLN A 879 -3.67 -6.95 43.09
C GLN A 879 -3.22 -6.86 41.63
N ILE A 880 -2.09 -7.50 41.32
CA ILE A 880 -1.63 -7.63 39.94
C ILE A 880 -2.66 -8.39 39.11
N LEU A 881 -3.22 -9.46 39.68
CA LEU A 881 -4.22 -10.25 38.97
C LEU A 881 -5.52 -9.46 38.77
N ILE A 882 -5.93 -8.66 39.76
CA ILE A 882 -7.11 -7.80 39.58
C ILE A 882 -6.89 -6.78 38.47
N ASN A 883 -5.74 -6.10 38.50
CA ASN A 883 -5.44 -5.11 37.47
C ASN A 883 -5.30 -5.76 36.09
N ILE A 884 -4.87 -7.01 36.05
CA ILE A 884 -4.62 -7.64 34.76
C ILE A 884 -5.92 -8.20 34.17
N VAL A 885 -6.88 -8.63 35.01
CA VAL A 885 -8.20 -8.99 34.51
C VAL A 885 -8.94 -7.74 34.06
N PHE A 886 -8.77 -6.63 34.79
CA PHE A 886 -9.34 -5.36 34.38
C PHE A 886 -8.78 -4.93 33.02
N SER A 887 -7.47 -5.06 32.84
CA SER A 887 -6.84 -4.68 31.57
C SER A 887 -7.31 -5.58 30.43
N SER A 888 -7.41 -6.89 30.67
CA SER A 888 -7.82 -7.82 29.63
C SER A 888 -9.26 -7.56 29.20
N VAL A 889 -10.17 -7.42 30.16
CA VAL A 889 -11.58 -7.14 29.84
C VAL A 889 -11.72 -5.77 29.20
N MET A 890 -11.01 -4.78 29.74
CA MET A 890 -11.15 -3.39 29.32
C MET A 890 -10.41 -3.11 28.01
N ILE A 891 -9.60 -4.04 27.51
CA ILE A 891 -8.97 -3.89 26.21
C ILE A 891 -9.73 -4.73 25.18
N GLY A 892 -10.17 -5.93 25.57
CA GLY A 892 -10.96 -6.73 24.67
C GLY A 892 -12.35 -6.15 24.43
N THR A 893 -12.79 -5.25 25.31
CA THR A 893 -14.10 -4.65 25.17
C THR A 893 -13.99 -3.12 25.13
N VAL A 894 -13.08 -2.58 24.32
CA VAL A 894 -13.16 -1.15 24.05
C VAL A 894 -14.29 -0.91 23.05
N THR A 895 -15.11 0.09 23.35
CA THR A 895 -16.20 0.44 22.46
C THR A 895 -16.42 1.95 22.43
N LYS A 896 -15.64 2.73 23.18
CA LYS A 896 -15.80 4.18 23.24
C LYS A 896 -14.50 4.87 22.90
N LEU A 897 -14.62 6.07 22.31
CA LEU A 897 -13.48 6.81 21.78
C LEU A 897 -12.57 7.39 22.86
N SER A 898 -13.01 7.38 24.13
CA SER A 898 -12.15 7.82 25.22
C SER A 898 -10.93 6.91 25.35
N ARG A 899 -11.14 5.60 25.17
CA ARG A 899 -10.04 4.64 25.24
C ARG A 899 -9.07 4.83 24.07
N MET A 900 -9.60 5.13 22.87
CA MET A 900 -8.78 5.56 21.75
C MET A 900 -7.91 6.75 22.11
N GLY A 901 -8.50 7.76 22.76
CA GLY A 901 -7.76 8.96 23.09
C GLY A 901 -6.64 8.74 24.08
N ILE A 902 -6.93 8.03 25.18
CA ILE A 902 -5.90 7.82 26.20
C ILE A 902 -4.81 6.90 25.66
N PHE A 903 -5.18 5.98 24.76
CA PHE A 903 -4.17 5.05 24.29
C PHE A 903 -3.33 5.62 23.16
N ASP A 904 -3.85 6.61 22.41
CA ASP A 904 -2.98 7.42 21.55
C ASP A 904 -2.03 8.26 22.39
N PHE A 905 -2.54 8.84 23.50
CA PHE A 905 -1.68 9.60 24.40
C PHE A 905 -0.56 8.73 24.96
N MET A 906 -0.87 7.47 25.26
CA MET A 906 0.16 6.55 25.75
C MET A 906 1.04 6.03 24.62
N ARG A 907 0.57 6.08 23.37
CA ARG A 907 1.46 5.86 22.23
C ARG A 907 2.56 6.90 22.21
N TYR A 908 2.21 8.16 22.47
CA TYR A 908 3.24 9.18 22.55
C TYR A 908 3.52 9.64 23.98
N ALA A 909 3.52 8.71 24.94
CA ALA A 909 3.97 8.98 26.30
C ALA A 909 5.21 8.16 26.67
N GLY A 910 5.76 7.39 25.74
CA GLY A 910 6.95 6.62 25.96
C GLY A 910 8.24 7.28 25.53
N PHE A 911 8.20 8.56 25.17
CA PHE A 911 9.38 9.28 24.70
C PHE A 911 10.22 9.82 25.85
N LEU A 912 9.78 9.65 27.10
CA LEU A 912 10.46 10.22 28.25
C LEU A 912 11.87 9.68 28.51
N PRO A 913 12.14 8.33 28.62
CA PRO A 913 13.37 7.92 29.31
C PRO A 913 14.68 8.11 28.53
N LEU A 914 14.63 8.66 27.33
CA LEU A 914 15.82 8.79 26.49
C LEU A 914 16.09 10.25 26.19
N SER A 915 17.09 10.81 26.89
CA SER A 915 17.71 12.11 26.65
C SER A 915 16.72 13.27 26.47
N ASP A 916 16.98 14.11 25.46
CA ASP A 916 16.14 15.27 25.20
C ASP A 916 14.84 14.82 24.57
N TYR A 917 13.76 14.84 25.36
CA TYR A 917 12.45 14.42 24.89
C TYR A 917 11.59 15.58 24.42
N SER A 918 11.59 16.69 25.17
CA SER A 918 10.82 17.92 24.91
C SER A 918 9.31 17.67 24.81
N ASN A 919 8.82 16.56 25.38
CA ASN A 919 7.40 16.29 25.42
C ASN A 919 6.96 15.66 26.74
N ILE A 920 7.83 15.67 27.76
CA ILE A 920 7.44 15.26 29.10
C ILE A 920 6.49 16.27 29.73
N LYS A 921 6.37 17.47 29.15
CA LYS A 921 5.38 18.46 29.56
C LYS A 921 4.58 18.95 28.35
N GLU A 922 5.26 19.06 27.20
CA GLU A 922 4.69 19.77 26.06
C GLU A 922 3.60 18.97 25.37
N TYR A 923 3.81 17.67 25.18
CA TYR A 923 2.78 16.82 24.56
C TYR A 923 1.53 16.73 25.42
N ILE A 924 1.73 16.66 26.73
CA ILE A 924 0.62 16.63 27.67
C ILE A 924 -0.14 17.95 27.66
N ARG A 925 0.60 19.06 27.54
CA ARG A 925 -0.04 20.38 27.46
C ARG A 925 -0.85 20.53 26.18
N ASP A 926 -0.32 20.07 25.05
CA ASP A 926 -0.91 20.39 23.75
C ASP A 926 -1.82 19.29 23.21
N LYS A 927 -1.27 18.09 23.00
CA LYS A 927 -1.96 17.07 22.22
C LYS A 927 -2.62 15.97 23.05
N PHE A 928 -2.54 16.05 24.38
CA PHE A 928 -3.32 15.14 25.21
C PHE A 928 -4.79 15.51 25.13
N ASP A 929 -5.65 14.51 24.91
CA ASP A 929 -7.07 14.76 24.77
C ASP A 929 -7.80 14.27 26.02
N PRO A 930 -8.24 15.18 26.90
CA PRO A 930 -9.03 14.75 28.07
C PRO A 930 -10.51 14.57 27.72
N ASP A 931 -10.82 13.42 27.14
CA ASP A 931 -12.20 13.05 26.81
C ASP A 931 -12.69 11.90 27.68
N ILE A 932 -12.35 11.92 28.97
CA ILE A 932 -12.68 10.85 29.90
C ILE A 932 -14.17 10.97 30.19
N THR A 933 -14.99 10.20 29.49
CA THR A 933 -16.44 10.34 29.59
C THR A 933 -17.05 9.48 30.68
N ASN A 934 -16.24 8.71 31.39
CA ASN A 934 -16.71 7.81 32.44
C ASN A 934 -15.54 7.51 33.38
N VAL A 935 -15.67 6.44 34.15
CA VAL A 935 -14.52 5.84 34.81
C VAL A 935 -14.31 4.51 34.10
N ALA A 936 -13.29 3.76 34.54
CA ALA A 936 -12.65 2.55 33.98
C ALA A 936 -11.66 2.91 32.88
N ASP A 937 -11.54 4.19 32.50
CA ASP A 937 -10.37 4.71 31.82
C ASP A 937 -9.54 5.62 32.71
N ILE A 938 -10.10 6.04 33.85
CA ILE A 938 -9.34 6.76 34.85
C ILE A 938 -8.28 5.85 35.46
N TYR A 939 -8.48 4.53 35.41
CA TYR A 939 -7.42 3.60 35.79
C TYR A 939 -6.22 3.71 34.85
N PHE A 940 -6.47 3.75 33.54
CA PHE A 940 -5.39 3.94 32.57
C PHE A 940 -4.70 5.28 32.75
N VAL A 941 -5.51 6.33 33.02
CA VAL A 941 -4.95 7.66 33.23
C VAL A 941 -4.10 7.70 34.49
N ASN A 942 -4.54 7.03 35.55
CA ASN A 942 -3.76 6.98 36.78
C ASN A 942 -2.49 6.16 36.60
N GLY A 943 -2.54 5.08 35.82
CA GLY A 943 -1.35 4.29 35.56
C GLY A 943 -0.30 5.05 34.76
N ILE A 944 -0.74 5.74 33.70
CA ILE A 944 0.22 6.55 32.95
C ILE A 944 0.70 7.73 33.77
N LYS A 945 -0.15 8.33 34.61
CA LYS A 945 0.30 9.45 35.44
C LYS A 945 1.29 9.01 36.50
N LYS A 946 1.13 7.79 37.01
CA LYS A 946 2.11 7.23 37.94
C LYS A 946 3.44 6.98 37.23
N LEU A 947 3.40 6.47 36.00
CA LEU A 947 4.64 6.29 35.23
C LEU A 947 5.29 7.64 34.93
N LEU A 948 4.48 8.65 34.60
CA LEU A 948 4.98 10.00 34.35
C LEU A 948 5.65 10.59 35.58
N PHE A 949 5.03 10.41 36.75
CA PHE A 949 5.59 10.96 37.98
C PHE A 949 6.85 10.22 38.40
N ARG A 950 6.89 8.90 38.17
CA ARG A 950 8.10 8.15 38.50
C ARG A 950 9.25 8.48 37.54
N MET A 951 8.94 8.75 36.27
CA MET A 951 9.99 9.16 35.34
C MET A 951 10.42 10.60 35.60
N GLU A 952 9.53 11.44 36.10
CA GLU A 952 9.90 12.79 36.51
C GLU A 952 10.79 12.76 37.75
N ASP A 953 10.53 11.84 38.68
CA ASP A 953 11.35 11.69 39.87
C ASP A 953 12.66 10.96 39.62
N LEU A 954 12.96 10.61 38.36
CA LEU A 954 14.19 9.98 37.90
C LEU A 954 14.48 8.66 38.60
N ASP A 970 18.53 -3.78 24.74
CA ASP A 970 19.58 -4.04 25.72
C ASP A 970 19.50 -3.06 26.90
N ILE A 971 18.95 -1.89 26.65
CA ILE A 971 18.72 -0.92 27.72
C ILE A 971 17.60 -1.45 28.61
N ILE A 972 17.90 -1.59 29.90
CA ILE A 972 16.98 -2.20 30.85
C ILE A 972 16.44 -1.10 31.76
N GLY A 973 15.15 -0.83 31.66
CA GLY A 973 14.49 0.15 32.48
C GLY A 973 13.46 -0.52 33.39
N GLY A 974 13.65 -0.36 34.70
CA GLY A 974 12.78 -0.95 35.69
C GLY A 974 13.50 -1.51 36.90
N ILE A 975 14.76 -1.95 36.74
CA ILE A 975 15.51 -2.39 37.91
C ILE A 975 16.09 -1.21 38.68
N THR A 976 16.45 -0.13 38.00
CA THR A 976 16.95 1.08 38.64
C THR A 976 15.95 2.23 38.61
N ASP A 977 15.13 2.32 37.57
CA ASP A 977 14.07 3.33 37.56
C ASP A 977 12.97 2.97 38.55
N LEU A 978 12.67 1.67 38.68
CA LEU A 978 11.55 1.14 39.47
C LEU A 978 10.23 1.79 39.07
N ASN A 979 10.00 1.83 37.76
CA ASN A 979 8.84 2.50 37.18
C ASN A 979 7.62 1.57 37.26
N ILE A 980 6.50 2.04 36.72
CA ILE A 980 5.22 1.35 36.83
C ILE A 980 4.66 1.15 35.42
N LYS A 981 4.28 -0.08 35.10
CA LYS A 981 3.63 -0.37 33.82
C LYS A 981 2.30 0.34 33.74
N CYS A 982 1.94 0.75 32.53
CA CYS A 982 0.72 1.55 32.40
C CYS A 982 -0.56 0.71 32.48
N PRO A 983 -0.76 -0.38 31.67
CA PRO A 983 -2.08 -1.04 31.73
C PRO A 983 -2.22 -2.04 32.87
N ILE A 984 -1.11 -2.63 33.32
CA ILE A 984 -1.16 -3.76 34.24
C ILE A 984 -0.35 -3.50 35.51
N THR A 985 -0.28 -2.21 35.91
CA THR A 985 0.60 -1.62 36.93
C THR A 985 1.99 -2.26 37.05
N GLY A 986 2.08 -3.54 37.43
CA GLY A 986 3.24 -4.41 37.21
C GLY A 986 4.65 -3.90 37.45
N SER A 987 5.00 -3.65 38.70
CA SER A 987 6.29 -3.03 39.04
C SER A 987 7.45 -4.00 38.79
N THR A 988 8.66 -3.50 39.04
CA THR A 988 9.93 -4.18 38.75
C THR A 988 9.98 -4.67 37.30
N LEU A 989 9.97 -3.69 36.39
CA LEU A 989 9.93 -3.97 34.97
C LEU A 989 11.22 -4.65 34.52
N LEU A 990 11.08 -5.83 33.91
CA LEU A 990 12.25 -6.60 33.50
C LEU A 990 12.96 -5.94 32.32
N THR A 991 12.20 -5.47 31.33
CA THR A 991 12.80 -4.93 30.12
C THR A 991 11.79 -3.98 29.47
N LEU A 992 12.30 -2.85 28.98
CA LEU A 992 11.50 -1.83 28.27
C LEU A 992 10.78 -2.37 27.04
N GLU A 993 11.29 -3.46 26.45
CA GLU A 993 10.61 -4.17 25.36
C GLU A 993 9.22 -4.65 25.80
N ASP A 994 9.11 -5.15 27.03
CA ASP A 994 7.83 -5.63 27.55
C ASP A 994 6.82 -4.49 27.69
N LEU A 995 7.28 -3.33 28.15
CA LEU A 995 6.41 -2.17 28.31
C LEU A 995 5.89 -1.68 26.97
N TYR A 996 6.79 -1.58 25.97
CA TYR A 996 6.33 -1.17 24.65
C TYR A 996 5.45 -2.22 23.98
N ASN A 997 5.71 -3.50 24.22
CA ASN A 997 4.83 -4.54 23.67
C ASN A 997 3.43 -4.46 24.25
N ASN A 998 3.32 -4.26 25.58
CA ASN A 998 2.01 -4.13 26.21
C ASN A 998 1.26 -2.90 25.71
N VAL A 999 1.95 -1.75 25.67
CA VAL A 999 1.30 -0.50 25.31
C VAL A 999 0.88 -0.53 23.84
N TYR A 1000 1.80 -0.93 22.95
CA TYR A 1000 1.51 -0.93 21.53
C TYR A 1000 0.52 -2.03 21.13
N LEU A 1001 0.46 -3.15 21.88
CA LEU A 1001 -0.60 -4.12 21.66
C LEU A 1001 -1.96 -3.56 22.02
N ALA A 1002 -2.06 -2.88 23.17
CA ALA A 1002 -3.32 -2.28 23.55
C ALA A 1002 -3.72 -1.15 22.63
N ILE A 1003 -2.75 -0.55 21.93
CA ILE A 1003 -3.09 0.41 20.88
C ILE A 1003 -3.63 -0.31 19.65
N TYR A 1004 -2.85 -1.25 19.11
CA TYR A 1004 -3.12 -1.82 17.79
C TYR A 1004 -4.20 -2.89 17.78
N MET A 1005 -4.70 -3.32 18.93
CA MET A 1005 -5.62 -4.45 18.97
C MET A 1005 -7.08 -3.98 19.03
N MET A 1006 -7.26 -2.68 18.85
CA MET A 1006 -8.51 -1.94 18.88
C MET A 1006 -9.22 -2.00 17.53
N PRO A 1007 -10.55 -1.80 17.49
CA PRO A 1007 -11.27 -1.86 16.22
C PRO A 1007 -11.09 -0.58 15.41
N LYS A 1008 -11.59 -0.63 14.18
CA LYS A 1008 -11.23 0.40 13.21
C LYS A 1008 -12.24 1.53 13.14
N SER A 1009 -13.45 1.25 12.68
CA SER A 1009 -14.41 2.29 12.31
C SER A 1009 -15.46 2.55 13.39
N LEU A 1010 -15.05 2.90 14.60
CA LEU A 1010 -16.01 3.21 15.66
C LEU A 1010 -16.57 4.62 15.55
N HIS A 1011 -16.08 5.44 14.62
CA HIS A 1011 -16.45 6.84 14.56
C HIS A 1011 -17.84 7.01 13.97
N ASN A 1012 -18.59 7.96 14.52
CA ASN A 1012 -19.84 8.38 13.89
C ASN A 1012 -19.53 9.07 12.57
N HIS A 1013 -20.35 8.77 11.55
CA HIS A 1013 -20.02 9.15 10.18
C HIS A 1013 -20.07 10.67 9.99
N VAL A 1014 -21.12 11.31 10.48
CA VAL A 1014 -21.30 12.75 10.25
C VAL A 1014 -20.24 13.55 11.00
N HIS A 1015 -20.00 13.22 12.27
CA HIS A 1015 -18.99 13.92 13.07
C HIS A 1015 -17.59 13.69 12.52
N ASN A 1016 -17.29 12.46 12.13
CA ASN A 1016 -15.97 12.14 11.59
C ASN A 1016 -15.71 12.86 10.27
N LEU A 1017 -16.71 12.88 9.39
CA LEU A 1017 -16.52 13.55 8.11
C LEU A 1017 -16.47 15.07 8.26
N THR A 1018 -17.23 15.65 9.20
CA THR A 1018 -17.17 17.09 9.40
C THR A 1018 -15.84 17.52 10.01
N SER A 1019 -15.28 16.72 10.93
CA SER A 1019 -13.95 17.04 11.46
C SER A 1019 -12.87 16.85 10.38
N LEU A 1020 -12.99 15.78 9.58
CA LEU A 1020 -12.03 15.50 8.54
C LEU A 1020 -12.11 16.47 7.38
N LEU A 1021 -13.22 17.20 7.25
CA LEU A 1021 -13.28 18.31 6.31
C LEU A 1021 -12.94 19.65 6.95
N ASN A 1022 -13.07 19.75 8.28
CA ASN A 1022 -12.61 20.94 8.97
C ASN A 1022 -11.09 21.06 8.94
N VAL A 1023 -10.39 19.93 8.93
CA VAL A 1023 -8.92 19.97 8.95
C VAL A 1023 -8.31 20.66 7.73
N PRO A 1024 -8.62 20.27 6.47
CA PRO A 1024 -7.93 20.93 5.35
C PRO A 1024 -8.45 22.33 5.07
N ALA A 1025 -9.71 22.61 5.35
CA ALA A 1025 -10.24 23.96 5.18
C ALA A 1025 -9.57 24.94 6.13
N GLU A 1026 -9.39 24.54 7.40
CA GLU A 1026 -8.66 25.37 8.34
C GLU A 1026 -7.19 25.51 7.95
N TRP A 1027 -6.55 24.42 7.52
CA TRP A 1027 -5.15 24.50 7.18
C TRP A 1027 -4.88 25.20 5.84
N GLU A 1028 -5.91 25.44 5.03
CA GLU A 1028 -5.73 26.29 3.86
C GLU A 1028 -6.11 27.73 4.14
N LEU A 1029 -7.14 27.95 4.97
CA LEU A 1029 -7.50 29.32 5.34
C LEU A 1029 -6.42 29.96 6.21
N LYS A 1030 -5.65 29.15 6.94
CA LYS A 1030 -4.52 29.67 7.70
C LYS A 1030 -3.48 30.29 6.76
N PHE A 1031 -3.14 29.59 5.67
CA PHE A 1031 -2.24 30.15 4.67
C PHE A 1031 -2.86 31.37 4.00
N ARG A 1032 -4.16 31.30 3.66
CA ARG A 1032 -4.76 32.37 2.85
C ARG A 1032 -4.85 33.67 3.64
N LYS A 1033 -5.21 33.57 4.92
CA LYS A 1033 -5.20 34.74 5.79
C LYS A 1033 -3.81 35.12 6.28
N GLU A 1034 -2.83 34.22 6.19
CA GLU A 1034 -1.47 34.58 6.56
C GLU A 1034 -0.73 35.31 5.45
N LEU A 1035 -0.88 34.89 4.20
CA LEU A 1035 -0.23 35.52 3.06
C LEU A 1035 -1.14 36.47 2.29
N GLY A 1036 -2.38 36.68 2.74
CA GLY A 1036 -3.14 37.81 2.27
C GLY A 1036 -3.85 37.66 0.94
N PHE A 1037 -4.21 36.45 0.53
CA PHE A 1037 -5.07 36.31 -0.63
C PHE A 1037 -6.54 36.30 -0.22
N ASN A 1038 -7.40 36.51 -1.21
CA ASN A 1038 -8.84 36.57 -1.00
C ASN A 1038 -9.45 35.20 -1.30
N ILE A 1039 -10.64 34.97 -0.74
CA ILE A 1039 -11.33 33.70 -0.92
C ILE A 1039 -11.78 33.52 -2.37
N PHE A 1040 -12.38 34.56 -2.95
CA PHE A 1040 -12.99 34.45 -4.26
C PHE A 1040 -11.94 34.36 -5.37
N GLU A 1041 -10.85 35.10 -5.22
CA GLU A 1041 -9.79 35.13 -6.21
C GLU A 1041 -9.05 33.79 -6.21
N ASP A 1042 -8.37 33.50 -7.31
CA ASP A 1042 -7.67 32.22 -7.48
C ASP A 1042 -6.37 32.21 -6.68
N ILE A 1043 -5.51 31.23 -6.98
CA ILE A 1043 -4.38 30.92 -6.11
C ILE A 1043 -3.36 32.04 -6.08
N TYR A 1044 -3.08 32.67 -7.24
CA TYR A 1044 -2.01 33.66 -7.47
C TYR A 1044 -0.70 33.04 -6.99
N PRO A 1045 -0.14 32.10 -7.75
CA PRO A 1045 0.73 31.06 -7.17
C PRO A 1045 2.02 31.56 -6.53
N LYS A 1046 2.63 32.61 -7.05
CA LYS A 1046 3.91 33.09 -6.55
C LYS A 1046 3.79 34.57 -6.20
N LYS A 1047 3.69 34.86 -4.90
CA LYS A 1047 3.66 36.22 -4.39
C LYS A 1047 5.02 36.65 -3.86
N ALA A 1048 6.05 35.84 -4.07
CA ALA A 1048 7.43 36.05 -3.60
C ALA A 1048 7.51 36.17 -2.08
N MET A 1049 6.56 35.60 -1.36
CA MET A 1049 6.66 35.46 0.09
C MET A 1049 7.24 34.10 0.49
N PHE A 1050 7.63 33.28 -0.47
CA PHE A 1050 8.35 32.04 -0.20
C PHE A 1050 9.86 32.25 -0.29
N ASP A 1051 10.37 33.20 0.49
CA ASP A 1051 11.81 33.45 0.61
C ASP A 1051 12.25 33.50 2.08
N ASP A 1052 12.48 32.30 2.65
CA ASP A 1052 13.03 32.08 3.99
C ASP A 1052 12.18 32.70 5.10
N LYS A 1053 10.87 32.79 4.90
CA LYS A 1053 9.96 33.24 5.95
C LYS A 1053 9.56 32.03 6.80
N ASP A 1054 8.57 32.21 7.68
CA ASP A 1054 8.28 31.19 8.70
C ASP A 1054 7.21 30.20 8.25
N LEU A 1055 5.99 30.68 8.05
CA LEU A 1055 4.82 29.80 8.08
C LEU A 1055 4.75 28.93 6.82
N PHE A 1056 4.64 29.56 5.64
CA PHE A 1056 4.56 28.84 4.37
C PHE A 1056 5.60 29.45 3.45
N SER A 1057 6.85 28.97 3.54
CA SER A 1057 7.93 29.56 2.77
C SER A 1057 9.10 28.59 2.70
N ILE A 1058 9.85 28.69 1.61
CA ILE A 1058 11.10 27.96 1.42
C ILE A 1058 12.21 28.98 1.22
N ASN A 1059 13.46 28.51 1.24
CA ASN A 1059 14.58 29.43 1.08
C ASN A 1059 14.89 29.73 -0.38
N GLY A 1060 14.50 28.86 -1.31
CA GLY A 1060 14.71 29.20 -2.70
C GLY A 1060 16.05 28.78 -3.26
N ALA A 1061 17.01 29.72 -3.19
CA ALA A 1061 18.37 29.49 -3.70
C ALA A 1061 19.04 28.30 -2.99
N LEU A 1062 18.83 28.20 -1.67
CA LEU A 1062 19.30 27.04 -0.92
C LEU A 1062 18.65 25.76 -1.44
N ASN A 1063 17.35 25.83 -1.76
CA ASN A 1063 16.64 24.65 -2.27
C ASN A 1063 17.19 24.20 -3.62
N VAL A 1064 17.42 25.14 -4.54
CA VAL A 1064 17.88 24.73 -5.87
C VAL A 1064 19.33 24.22 -5.81
N LYS A 1065 20.17 24.82 -4.96
CA LYS A 1065 21.52 24.29 -4.79
C LYS A 1065 21.50 22.91 -4.15
N ALA A 1066 20.62 22.72 -3.17
CA ALA A 1066 20.48 21.42 -2.50
C ALA A 1066 19.98 20.35 -3.45
N LEU A 1067 19.04 20.70 -4.32
CA LEU A 1067 18.48 19.72 -5.24
C LEU A 1067 19.47 19.37 -6.35
N SER A 1068 20.24 20.35 -6.82
CA SER A 1068 21.30 20.07 -7.79
C SER A 1068 22.38 19.17 -7.17
N ASP A 1069 22.75 19.45 -5.92
CA ASP A 1069 23.69 18.60 -5.21
C ASP A 1069 23.16 17.19 -4.96
N TYR A 1070 21.86 17.08 -4.63
CA TYR A 1070 21.27 15.76 -4.39
C TYR A 1070 21.20 14.95 -5.67
N TYR A 1071 20.89 15.59 -6.80
CA TYR A 1071 20.87 14.87 -8.06
C TYR A 1071 22.27 14.48 -8.50
N LEU A 1072 23.27 15.34 -8.22
CA LEU A 1072 24.67 14.98 -8.46
C LEU A 1072 25.10 13.79 -7.62
N GLY A 1073 24.72 13.76 -6.34
CA GLY A 1073 25.12 12.69 -5.46
C GLY A 1073 24.29 11.43 -5.54
N ASN A 1074 23.13 11.48 -6.19
CA ASN A 1074 22.24 10.34 -6.27
C ASN A 1074 22.11 9.77 -7.68
N ILE A 1075 21.75 10.59 -8.66
CA ILE A 1075 21.43 10.09 -10.00
C ILE A 1075 22.75 9.83 -10.73
N GLU A 1076 23.16 8.57 -10.73
CA GLU A 1076 24.31 8.09 -11.49
C GLU A 1076 23.80 7.18 -12.59
N ASN A 1077 24.43 7.26 -13.77
CA ASN A 1077 24.05 6.52 -14.98
C ASN A 1077 22.62 6.85 -15.37
N VAL A 1078 22.46 8.10 -15.82
CA VAL A 1078 21.16 8.68 -16.14
C VAL A 1078 20.46 7.90 -17.24
N GLY A 1079 21.22 7.45 -18.26
CA GLY A 1079 20.62 6.68 -19.34
C GLY A 1079 20.11 5.33 -18.89
N LEU A 1080 20.88 4.63 -18.05
CA LEU A 1080 20.42 3.34 -17.51
C LEU A 1080 19.23 3.55 -16.60
N MET A 1081 19.23 4.64 -15.82
CA MET A 1081 18.11 4.93 -14.92
C MET A 1081 16.83 5.22 -15.70
N ARG A 1082 16.92 5.98 -16.79
CA ARG A 1082 15.78 6.20 -17.67
C ARG A 1082 15.31 4.90 -18.32
N SER A 1083 16.27 4.04 -18.69
CA SER A 1083 15.93 2.75 -19.30
C SER A 1083 15.16 1.87 -18.32
N GLU A 1084 15.64 1.73 -17.08
CA GLU A 1084 14.88 0.90 -16.15
C GLU A 1084 13.63 1.60 -15.64
N ILE A 1085 13.55 2.94 -15.72
CA ILE A 1085 12.29 3.61 -15.42
C ILE A 1085 11.23 3.20 -16.43
N GLU A 1086 11.56 3.30 -17.73
CA GLU A 1086 10.61 2.99 -18.78
C GLU A 1086 10.39 1.49 -18.96
N ASN A 1087 11.27 0.66 -18.38
CA ASN A 1087 11.05 -0.78 -18.41
C ASN A 1087 10.24 -1.25 -17.20
N LYS A 1088 10.74 -0.97 -15.99
CA LYS A 1088 10.14 -1.53 -14.77
C LYS A 1088 8.85 -0.83 -14.38
N GLU A 1089 8.71 0.47 -14.65
CA GLU A 1089 7.50 1.17 -14.24
C GLU A 1089 6.40 1.12 -15.29
N ASP A 1090 6.56 0.27 -16.31
CA ASP A 1090 5.53 -0.03 -17.31
C ASP A 1090 5.06 1.22 -18.05
N PHE A 1091 6.01 2.11 -18.37
CA PHE A 1091 5.67 3.36 -19.02
C PHE A 1091 5.31 3.14 -20.49
N LEU A 1092 6.08 2.31 -21.19
CA LEU A 1092 5.76 1.93 -22.56
C LEU A 1092 4.90 0.68 -22.63
N SER A 1093 4.61 0.06 -21.51
CA SER A 1093 3.63 -1.03 -21.44
C SER A 1093 2.22 -0.46 -21.48
N PRO A 1094 1.22 -1.27 -21.85
CA PRO A 1094 -0.16 -0.81 -21.78
C PRO A 1094 -0.60 -0.51 -20.35
N CYS A 1095 -1.51 0.47 -20.23
CA CYS A 1095 -1.84 1.07 -18.94
C CYS A 1095 -2.55 0.10 -18.01
N TYR A 1096 -3.30 -0.86 -18.55
CA TYR A 1096 -3.93 -1.87 -17.71
C TYR A 1096 -2.94 -2.88 -17.16
N LYS A 1097 -1.72 -2.94 -17.69
CA LYS A 1097 -0.71 -3.83 -17.16
C LYS A 1097 -0.13 -3.33 -15.84
N ILE A 1098 -0.40 -2.09 -15.46
CA ILE A 1098 0.08 -1.53 -14.21
C ILE A 1098 -0.94 -1.84 -13.11
N SER A 1099 -0.44 -2.39 -12.00
CA SER A 1099 -1.32 -2.78 -10.90
C SER A 1099 -1.95 -1.58 -10.21
N THR A 1100 -1.25 -0.46 -10.15
CA THR A 1100 -1.79 0.74 -9.50
C THR A 1100 -2.95 1.32 -10.29
N LEU A 1101 -2.91 1.20 -11.62
CA LEU A 1101 -3.99 1.69 -12.46
C LEU A 1101 -5.02 0.62 -12.81
N LYS A 1102 -4.77 -0.65 -12.45
CA LYS A 1102 -5.69 -1.74 -12.75
C LYS A 1102 -6.47 -2.22 -11.53
N SER A 1103 -5.89 -2.12 -10.33
CA SER A 1103 -6.47 -2.72 -9.14
C SER A 1103 -7.79 -2.05 -8.75
N SER A 1104 -8.70 -2.86 -8.22
CA SER A 1104 -10.08 -2.44 -7.96
C SER A 1104 -10.11 -1.55 -6.72
N LYS A 1105 -9.82 -0.27 -6.95
CA LYS A 1105 -9.95 0.77 -5.94
C LYS A 1105 -10.98 1.78 -6.43
N LYS A 1106 -11.13 2.88 -5.69
CA LYS A 1106 -12.10 3.90 -6.01
C LYS A 1106 -11.39 5.14 -6.55
N CYS A 1107 -11.99 5.74 -7.57
CA CYS A 1107 -11.43 6.92 -8.22
C CYS A 1107 -12.29 8.17 -8.07
N SER A 1108 -13.62 8.02 -7.98
CA SER A 1108 -14.58 9.11 -7.81
C SER A 1108 -14.45 10.15 -8.93
N GLN A 1109 -14.85 9.72 -10.12
CA GLN A 1109 -14.98 10.66 -11.22
C GLN A 1109 -16.22 11.54 -11.01
N SER A 1110 -16.18 12.72 -11.63
CA SER A 1110 -17.32 13.63 -11.57
C SER A 1110 -18.43 13.11 -12.47
N ASN A 1111 -19.67 13.11 -11.96
CA ASN A 1111 -20.80 12.60 -12.71
C ASN A 1111 -22.06 13.33 -12.23
N ILE A 1112 -22.58 14.23 -13.06
CA ILE A 1112 -23.82 14.93 -12.78
C ILE A 1112 -24.69 14.83 -14.04
N ILE A 1113 -25.99 14.96 -13.84
CA ILE A 1113 -26.93 15.03 -14.95
C ILE A 1113 -26.92 16.44 -15.51
N SER A 1114 -27.02 16.56 -16.83
CA SER A 1114 -26.93 17.86 -17.47
C SER A 1114 -28.21 18.66 -17.27
N THR A 1115 -28.03 19.97 -17.16
CA THR A 1115 -29.18 20.88 -17.02
C THR A 1115 -30.08 20.84 -18.25
N ASP A 1116 -29.50 20.59 -19.43
CA ASP A 1116 -30.31 20.39 -20.62
C ASP A 1116 -31.21 19.16 -20.48
N GLU A 1117 -30.65 18.06 -19.96
CA GLU A 1117 -31.44 16.85 -19.71
C GLU A 1117 -32.55 17.11 -18.70
N ILE A 1118 -32.26 17.96 -17.71
CA ILE A 1118 -33.30 18.39 -16.77
C ILE A 1118 -34.42 19.15 -17.50
N ILE A 1119 -34.03 20.02 -18.46
CA ILE A 1119 -35.02 20.81 -19.20
C ILE A 1119 -35.92 19.92 -20.06
N GLU A 1120 -35.34 19.02 -20.88
CA GLU A 1120 -36.26 18.19 -21.67
C GLU A 1120 -36.95 17.10 -20.85
N CYS A 1121 -36.40 16.69 -19.70
CA CYS A 1121 -37.13 15.76 -18.85
C CYS A 1121 -38.35 16.44 -18.23
N LEU A 1122 -38.24 17.74 -17.93
CA LEU A 1122 -39.43 18.49 -17.52
C LEU A 1122 -40.36 18.72 -18.70
N GLN A 1123 -39.82 18.93 -19.89
CA GLN A 1123 -40.64 19.31 -21.04
C GLN A 1123 -41.48 18.15 -21.56
N ASN A 1124 -40.92 16.94 -21.62
CA ASN A 1124 -41.69 15.82 -22.14
C ASN A 1124 -42.55 15.14 -21.08
N ALA A 1125 -42.64 15.72 -19.89
CA ALA A 1125 -43.47 15.18 -18.83
C ALA A 1125 -44.95 15.29 -19.20
N LYS A 1126 -45.71 14.23 -18.92
CA LYS A 1126 -47.13 14.17 -19.24
C LYS A 1126 -47.91 14.12 -17.93
N ILE A 1127 -48.66 15.20 -17.65
CA ILE A 1127 -49.43 15.30 -16.42
C ILE A 1127 -50.57 14.29 -16.38
N GLN A 1128 -51.03 13.83 -17.54
CA GLN A 1128 -52.02 12.75 -17.60
C GLN A 1128 -51.42 11.39 -17.24
N ASP A 1129 -50.10 11.28 -17.09
CA ASP A 1129 -49.45 10.02 -16.79
C ASP A 1129 -48.75 10.10 -15.43
N ILE A 1130 -49.46 10.61 -14.43
CA ILE A 1130 -48.90 10.75 -13.09
C ILE A 1130 -48.64 9.38 -12.47
N GLU A 1131 -49.51 8.41 -12.75
CA GLU A 1131 -49.35 7.05 -12.25
C GLU A 1131 -48.48 6.18 -13.16
N ASN A 1132 -47.95 6.75 -14.24
CA ASN A 1132 -47.10 6.02 -15.17
C ASN A 1132 -45.63 6.33 -15.02
N TRP A 1133 -45.27 7.40 -14.32
CA TRP A 1133 -43.87 7.76 -14.14
C TRP A 1133 -43.16 6.76 -13.24
N LYS A 1134 -41.97 6.34 -13.65
CA LYS A 1134 -41.14 5.43 -12.86
C LYS A 1134 -39.68 5.74 -13.14
N GLY A 1135 -38.90 5.84 -12.07
CA GLY A 1135 -37.44 5.91 -12.19
C GLY A 1135 -36.94 7.32 -12.41
N ASN A 1136 -36.39 7.57 -13.61
CA ASN A 1136 -35.62 8.80 -13.84
C ASN A 1136 -36.51 10.03 -13.89
N ASN A 1137 -37.62 9.95 -14.63
CA ASN A 1137 -38.51 11.10 -14.75
C ASN A 1137 -39.16 11.45 -13.42
N LEU A 1138 -39.56 10.42 -12.66
CA LEU A 1138 -40.13 10.63 -11.33
C LEU A 1138 -39.09 11.22 -10.39
N ALA A 1139 -37.83 10.78 -10.52
CA ALA A 1139 -36.75 11.31 -9.69
C ALA A 1139 -36.49 12.78 -9.97
N ILE A 1140 -36.45 13.17 -11.25
CA ILE A 1140 -36.24 14.57 -11.61
C ILE A 1140 -37.42 15.43 -11.17
N ILE A 1141 -38.64 14.89 -11.29
CA ILE A 1141 -39.84 15.60 -10.87
C ILE A 1141 -39.82 15.83 -9.36
N LYS A 1142 -39.43 14.80 -8.58
CA LYS A 1142 -39.35 14.97 -7.13
C LYS A 1142 -38.24 15.93 -6.71
N GLY A 1143 -37.11 15.93 -7.43
CA GLY A 1143 -36.07 16.90 -7.14
C GLY A 1143 -36.51 18.33 -7.40
N LEU A 1144 -37.20 18.54 -8.52
CA LEU A 1144 -37.74 19.87 -8.83
C LEU A 1144 -38.81 20.28 -7.82
N ILE A 1145 -39.63 19.33 -7.37
CA ILE A 1145 -40.67 19.62 -6.38
C ILE A 1145 -40.04 20.00 -5.03
N ARG A 1146 -39.01 19.28 -4.60
CA ARG A 1146 -38.33 19.60 -3.35
C ARG A 1146 -37.61 20.94 -3.43
N THR A 1147 -36.98 21.23 -4.56
CA THR A 1147 -36.28 22.50 -4.68
C THR A 1147 -37.28 23.66 -4.81
N TYR A 1148 -38.47 23.41 -5.36
CA TYR A 1148 -39.52 24.42 -5.33
C TYR A 1148 -40.05 24.63 -3.93
N ASN A 1149 -40.14 23.55 -3.15
CA ASN A 1149 -40.59 23.66 -1.77
C ASN A 1149 -39.59 24.42 -0.90
N GLU A 1150 -38.30 24.34 -1.25
CA GLU A 1150 -37.29 25.05 -0.46
C GLU A 1150 -37.00 26.46 -0.97
N GLU A 1151 -36.53 26.58 -2.21
CA GLU A 1151 -36.08 27.87 -2.76
C GLU A 1151 -36.65 28.06 -4.16
N LYS A 1152 -37.65 28.93 -4.28
CA LYS A 1152 -38.34 29.15 -5.56
C LYS A 1152 -37.50 30.00 -6.52
N ASN A 1153 -36.80 31.01 -5.99
CA ASN A 1153 -36.09 31.95 -6.85
C ASN A 1153 -34.90 31.30 -7.54
N ARG A 1154 -34.33 30.26 -6.95
CA ARG A 1154 -33.25 29.52 -7.60
C ARG A 1154 -33.74 28.81 -8.86
N LEU A 1155 -34.93 28.17 -8.80
CA LEU A 1155 -35.52 27.63 -10.02
C LEU A 1155 -35.94 28.73 -10.99
N VAL A 1156 -36.35 29.89 -10.48
CA VAL A 1156 -36.73 31.00 -11.35
C VAL A 1156 -35.54 31.43 -12.21
N GLU A 1157 -34.39 31.68 -11.57
CA GLU A 1157 -33.21 32.08 -12.33
C GLU A 1157 -32.61 30.90 -13.12
N PHE A 1158 -32.79 29.67 -12.62
CA PHE A 1158 -32.31 28.49 -13.34
C PHE A 1158 -33.02 28.30 -14.66
N PHE A 1159 -34.36 28.36 -14.64
CA PHE A 1159 -35.13 28.23 -15.86
C PHE A 1159 -34.99 29.46 -16.74
N GLU A 1160 -34.78 30.65 -16.14
CA GLU A 1160 -34.53 31.84 -16.94
C GLU A 1160 -33.22 31.74 -17.71
N ASP A 1161 -32.17 31.23 -17.08
CA ASP A 1161 -30.86 31.17 -17.70
C ASP A 1161 -30.62 29.89 -18.50
N ASN A 1162 -31.50 28.88 -18.39
CA ASN A 1162 -31.33 27.66 -19.15
C ASN A 1162 -32.52 27.33 -20.05
N CYS A 1163 -33.52 28.19 -20.15
CA CYS A 1163 -34.64 27.97 -21.06
C CYS A 1163 -35.20 29.32 -21.49
N VAL A 1164 -35.91 29.30 -22.61
CA VAL A 1164 -36.49 30.53 -23.14
C VAL A 1164 -37.93 30.74 -22.64
N ASN A 1165 -38.72 29.66 -22.54
CA ASN A 1165 -40.09 29.75 -22.03
C ASN A 1165 -40.10 29.21 -20.61
N SER A 1166 -39.74 30.09 -19.67
CA SER A 1166 -39.67 29.68 -18.27
C SER A 1166 -41.05 29.65 -17.61
N LEU A 1167 -42.01 30.41 -18.15
CA LEU A 1167 -43.35 30.45 -17.58
C LEU A 1167 -44.08 29.12 -17.76
N TYR A 1168 -43.83 28.43 -18.88
CA TYR A 1168 -44.38 27.10 -19.10
C TYR A 1168 -43.86 26.13 -18.05
N LEU A 1169 -42.56 26.20 -17.74
CA LEU A 1169 -41.98 25.29 -16.76
C LEU A 1169 -42.46 25.62 -15.35
N VAL A 1170 -42.63 26.92 -15.03
CA VAL A 1170 -43.14 27.31 -13.72
C VAL A 1170 -44.58 26.86 -13.53
N GLU A 1171 -45.42 27.05 -14.56
CA GLU A 1171 -46.81 26.62 -14.45
C GLU A 1171 -46.93 25.10 -14.49
N LYS A 1172 -45.97 24.41 -15.12
CA LYS A 1172 -45.96 22.96 -15.06
C LYS A 1172 -45.57 22.46 -13.68
N LEU A 1173 -44.63 23.15 -13.01
CA LEU A 1173 -44.31 22.86 -11.63
C LEU A 1173 -45.50 23.08 -10.72
N LYS A 1174 -46.26 24.16 -10.95
CA LYS A 1174 -47.46 24.41 -10.17
C LYS A 1174 -48.53 23.34 -10.42
N GLU A 1175 -48.68 22.92 -11.68
CA GLU A 1175 -49.64 21.88 -12.02
C GLU A 1175 -49.25 20.53 -11.45
N ILE A 1176 -47.95 20.27 -11.26
CA ILE A 1176 -47.54 18.98 -10.76
C ILE A 1176 -47.45 18.96 -9.22
N ILE A 1177 -47.35 20.12 -8.56
CA ILE A 1177 -47.53 20.08 -7.11
C ILE A 1177 -49.01 20.07 -6.76
N ASN A 1178 -49.83 20.76 -7.55
CA ASN A 1178 -51.27 20.81 -7.30
C ASN A 1178 -52.00 19.55 -7.77
N SER A 1179 -51.30 18.60 -8.41
CA SER A 1179 -51.93 17.35 -8.82
C SER A 1179 -52.32 16.51 -7.62
N GLY A 1180 -51.46 16.46 -6.60
CA GLY A 1180 -51.74 15.70 -5.39
C GLY A 1180 -51.43 14.23 -5.46
N SER A 1181 -50.93 13.73 -6.60
CA SER A 1181 -50.55 12.33 -6.74
C SER A 1181 -49.07 12.10 -6.48
N ILE A 1182 -48.33 13.13 -6.08
CA ILE A 1182 -46.92 13.00 -5.79
C ILE A 1182 -46.73 12.96 -4.28
N THR A 1183 -45.57 12.45 -3.86
CA THR A 1183 -45.24 12.28 -2.45
C THR A 1183 -44.15 13.27 -2.08
N VAL A 1184 -44.54 14.39 -1.48
CA VAL A 1184 -43.61 15.41 -1.06
C VAL A 1184 -42.89 14.94 0.19
N GLY A 1185 -41.80 15.62 0.53
CA GLY A 1185 -41.03 15.27 1.70
C GLY A 1185 -40.60 16.51 2.46
N LYS A 1186 -40.45 16.33 3.77
CA LYS A 1186 -39.92 17.37 4.64
C LYS A 1186 -38.41 17.21 4.75
N SER A 1187 -37.81 17.87 5.73
CA SER A 1187 -36.37 17.73 5.99
C SER A 1187 -36.10 16.40 6.67
N VAL A 1188 -35.67 15.40 5.90
CA VAL A 1188 -35.40 14.06 6.44
C VAL A 1188 -33.92 13.73 6.26
N THR A 1189 -33.06 14.78 6.28
CA THR A 1189 -31.59 14.78 6.40
C THR A 1189 -30.88 13.73 5.56
N SER A 1190 -29.96 12.96 6.16
CA SER A 1190 -29.24 11.91 5.43
C SER A 1190 -30.10 10.69 5.12
N LYS A 1191 -31.24 10.52 5.78
CA LYS A 1191 -32.16 9.47 5.35
C LYS A 1191 -32.81 9.80 4.02
N PHE A 1192 -32.95 11.10 3.70
CA PHE A 1192 -33.35 11.51 2.35
C PHE A 1192 -32.33 11.06 1.32
N ILE A 1193 -31.04 11.02 1.69
CA ILE A 1193 -30.04 10.40 0.84
C ILE A 1193 -30.25 8.89 0.81
N ARG A 1194 -30.63 8.30 1.96
CA ARG A 1194 -30.61 6.85 2.10
C ARG A 1194 -31.72 6.17 1.31
N ASN A 1195 -32.96 6.63 1.45
CA ASN A 1195 -34.11 5.88 0.95
C ASN A 1195 -34.66 6.43 -0.37
N ASN A 1196 -33.77 6.92 -1.24
CA ASN A 1196 -34.18 7.55 -2.48
C ASN A 1196 -33.21 7.20 -3.60
N HIS A 1197 -33.66 7.43 -4.83
CA HIS A 1197 -32.78 7.31 -5.98
C HIS A 1197 -31.71 8.40 -5.93
N PRO A 1198 -30.50 8.10 -6.41
CA PRO A 1198 -29.47 9.15 -6.48
C PRO A 1198 -29.81 10.29 -7.41
N LEU A 1199 -30.63 10.04 -8.43
CA LEU A 1199 -30.94 11.06 -9.43
C LEU A 1199 -31.71 12.22 -8.80
N THR A 1200 -32.56 11.92 -7.82
CA THR A 1200 -33.34 12.96 -7.13
C THR A 1200 -32.44 13.93 -6.39
N VAL A 1201 -31.46 13.43 -5.65
CA VAL A 1201 -30.62 14.34 -4.89
C VAL A 1201 -29.64 15.07 -5.82
N GLU A 1202 -29.22 14.44 -6.94
CA GLU A 1202 -28.41 15.21 -7.91
C GLU A 1202 -29.20 16.35 -8.54
N THR A 1203 -30.46 16.14 -8.95
CA THR A 1203 -31.17 17.27 -9.54
C THR A 1203 -31.56 18.30 -8.48
N TYR A 1204 -31.82 17.85 -7.24
CA TYR A 1204 -32.12 18.77 -6.15
C TYR A 1204 -30.92 19.66 -5.83
N LEU A 1205 -29.72 19.07 -5.79
CA LEU A 1205 -28.53 19.85 -5.50
C LEU A 1205 -28.15 20.75 -6.66
N LYS A 1206 -28.36 20.29 -7.90
CA LYS A 1206 -28.06 21.11 -9.07
C LYS A 1206 -29.01 22.29 -9.16
N THR A 1207 -30.29 22.10 -8.86
CA THR A 1207 -31.24 23.20 -8.89
C THR A 1207 -31.23 24.04 -7.62
N LYS A 1208 -30.58 23.59 -6.56
CA LYS A 1208 -30.41 24.39 -5.36
C LYS A 1208 -29.14 25.23 -5.38
N LEU A 1209 -28.07 24.73 -6.01
CA LEU A 1209 -26.77 25.37 -5.88
C LEU A 1209 -26.35 26.11 -7.14
N TYR A 1210 -27.27 26.79 -7.81
CA TYR A 1210 -26.95 27.57 -8.98
C TYR A 1210 -26.76 29.01 -8.49
N TYR A 1211 -25.50 29.43 -8.37
CA TYR A 1211 -25.16 30.84 -8.19
C TYR A 1211 -24.20 31.20 -9.32
N ARG A 1212 -24.76 31.45 -10.51
CA ARG A 1212 -24.04 31.86 -11.72
C ARG A 1212 -22.84 30.95 -12.05
N ASN A 1213 -22.96 29.66 -11.75
CA ASN A 1213 -21.83 28.73 -11.85
C ASN A 1213 -22.36 27.36 -12.23
N ASN A 1214 -21.46 26.38 -12.25
CA ASN A 1214 -21.78 24.99 -12.55
C ASN A 1214 -21.40 24.14 -11.36
N VAL A 1215 -22.32 23.30 -10.90
CA VAL A 1215 -22.11 22.47 -9.71
C VAL A 1215 -22.05 21.01 -10.13
N THR A 1216 -21.14 20.25 -9.52
CA THR A 1216 -20.92 18.86 -9.87
C THR A 1216 -20.86 18.03 -8.59
N VAL A 1217 -21.31 16.78 -8.69
CA VAL A 1217 -21.28 15.83 -7.58
C VAL A 1217 -20.46 14.62 -8.00
N LEU A 1218 -19.45 14.28 -7.22
CA LEU A 1218 -18.58 13.14 -7.48
C LEU A 1218 -19.20 11.86 -6.95
N LYS A 1219 -19.22 10.82 -7.79
CA LYS A 1219 -19.73 9.51 -7.43
C LYS A 1219 -18.57 8.52 -7.50
N SER A 1220 -18.39 7.73 -6.44
CA SER A 1220 -17.23 6.86 -6.33
C SER A 1220 -17.39 5.66 -7.24
N LYS A 1221 -16.67 5.68 -8.36
CA LYS A 1221 -16.65 4.58 -9.32
C LYS A 1221 -15.39 3.75 -9.11
N LYS A 1222 -15.28 2.67 -9.88
CA LYS A 1222 -14.16 1.75 -9.76
C LYS A 1222 -13.05 2.15 -10.73
N VAL A 1223 -11.81 1.88 -10.30
CA VAL A 1223 -10.64 2.30 -11.06
C VAL A 1223 -10.54 1.53 -12.37
N SER A 1224 -10.75 0.21 -12.33
CA SER A 1224 -10.67 -0.61 -13.54
C SER A 1224 -11.80 -0.28 -14.51
N GLU A 1225 -13.01 -0.06 -13.99
CA GLU A 1225 -14.15 0.31 -14.84
C GLU A 1225 -13.93 1.66 -15.49
N GLU A 1226 -13.39 2.62 -14.75
CA GLU A 1226 -13.15 3.94 -15.32
C GLU A 1226 -11.98 3.92 -16.30
N LEU A 1227 -10.97 3.06 -16.07
CA LEU A 1227 -9.91 2.88 -17.05
C LEU A 1227 -10.45 2.23 -18.32
N TYR A 1228 -11.41 1.31 -18.18
CA TYR A 1228 -12.12 0.77 -19.35
C TYR A 1228 -12.85 1.87 -20.12
N ASP A 1229 -13.51 2.77 -19.39
CA ASP A 1229 -14.18 3.91 -20.03
C ASP A 1229 -13.19 4.81 -20.76
N LEU A 1230 -12.02 5.02 -20.18
CA LEU A 1230 -11.02 5.87 -20.81
C LEU A 1230 -10.39 5.21 -22.03
N VAL A 1231 -10.23 3.88 -21.99
CA VAL A 1231 -9.77 3.15 -23.18
C VAL A 1231 -10.81 3.26 -24.29
N LYS A 1232 -12.11 3.20 -23.92
CA LYS A 1232 -13.18 3.43 -24.90
C LYS A 1232 -13.12 4.84 -25.49
N GLN A 1233 -12.86 5.84 -24.65
CA GLN A 1233 -12.79 7.22 -25.13
C GLN A 1233 -11.57 7.44 -26.00
N PHE A 1234 -10.47 6.74 -25.73
CA PHE A 1234 -9.29 6.86 -26.57
C PHE A 1234 -9.54 6.21 -27.93
N HIS A 1235 -10.08 4.99 -27.93
CA HIS A 1235 -10.21 4.22 -29.17
C HIS A 1235 -11.47 4.56 -29.96
N ASN A 1236 -12.17 5.64 -29.59
CA ASN A 1236 -13.30 6.25 -30.26
C ASN A 1236 -14.55 5.36 -30.27
N MET A 1237 -14.69 4.44 -29.31
CA MET A 1237 -16.01 3.86 -29.02
C MET A 1237 -16.67 4.73 -27.95
N MET A 1238 -17.37 5.77 -28.40
CA MET A 1238 -18.22 6.52 -27.48
C MET A 1238 -19.37 5.65 -26.97
N GLU A 1239 -19.93 4.82 -27.84
CA GLU A 1239 -20.88 3.78 -27.47
C GLU A 1239 -20.35 2.45 -28.00
N ILE A 1240 -20.55 1.39 -27.22
CA ILE A 1240 -19.88 0.13 -27.50
C ILE A 1240 -20.56 -0.58 -28.67
N ASP A 1241 -19.74 -1.04 -29.62
CA ASP A 1241 -20.20 -1.86 -30.72
C ASP A 1241 -19.53 -3.23 -30.60
N LEU A 1242 -20.32 -4.30 -30.78
CA LEU A 1242 -19.79 -5.65 -30.65
C LEU A 1242 -18.80 -5.99 -31.75
N ASP A 1243 -19.07 -5.53 -32.98
CA ASP A 1243 -18.21 -5.86 -34.10
C ASP A 1243 -16.97 -4.97 -34.17
N SER A 1244 -17.06 -3.73 -33.67
CA SER A 1244 -15.96 -2.78 -33.81
C SER A 1244 -14.76 -3.19 -32.97
N VAL A 1245 -14.99 -3.72 -31.77
CA VAL A 1245 -13.88 -4.18 -30.95
C VAL A 1245 -13.26 -5.44 -31.53
N MET A 1246 -14.09 -6.39 -31.98
CA MET A 1246 -13.58 -7.67 -32.46
C MET A 1246 -12.95 -7.58 -33.86
N ASN A 1247 -13.26 -6.53 -34.62
CA ASN A 1247 -12.71 -6.40 -35.97
C ASN A 1247 -11.24 -5.99 -35.98
N LEU A 1248 -10.72 -5.45 -34.88
CA LEU A 1248 -9.35 -4.98 -34.81
C LEU A 1248 -8.71 -5.44 -33.52
N GLY A 1249 -7.49 -5.96 -33.61
CA GLY A 1249 -6.76 -6.36 -32.42
C GLY A 1249 -6.45 -7.84 -32.31
N LYS A 1250 -6.21 -8.49 -33.45
CA LYS A 1250 -5.92 -9.93 -33.46
C LYS A 1250 -4.47 -10.15 -33.03
N GLY A 1251 -4.29 -10.78 -31.86
CA GLY A 1251 -2.97 -11.14 -31.38
C GLY A 1251 -2.17 -9.96 -30.88
N THR A 1252 -0.89 -10.24 -30.59
CA THR A 1252 0.02 -9.21 -30.08
C THR A 1252 0.32 -8.14 -31.13
N GLU A 1253 0.17 -8.47 -32.42
CA GLU A 1253 0.33 -7.49 -33.49
C GLU A 1253 -0.90 -6.58 -33.64
N GLY A 1254 -1.94 -6.79 -32.86
CA GLY A 1254 -3.12 -5.95 -32.92
C GLY A 1254 -2.91 -4.60 -32.28
N LYS A 1255 -4.01 -3.85 -32.17
CA LYS A 1255 -3.94 -2.49 -31.66
C LYS A 1255 -3.69 -2.47 -30.16
N LYS A 1256 -2.73 -1.64 -29.74
CA LYS A 1256 -2.39 -1.48 -28.34
C LYS A 1256 -2.38 -0.01 -27.97
N HIS A 1257 -1.90 0.30 -26.77
CA HIS A 1257 -1.64 1.67 -26.38
C HIS A 1257 -0.49 1.68 -25.38
N THR A 1258 0.05 2.87 -25.14
CA THR A 1258 1.04 3.06 -24.09
C THR A 1258 0.46 3.97 -23.02
N PHE A 1259 1.04 3.85 -21.82
CA PHE A 1259 0.63 4.69 -20.70
C PHE A 1259 0.87 6.15 -20.99
N LEU A 1260 1.98 6.47 -21.69
CA LEU A 1260 2.24 7.84 -22.08
C LEU A 1260 1.20 8.35 -23.06
N GLN A 1261 0.81 7.52 -24.04
CA GLN A 1261 -0.22 7.94 -25.00
C GLN A 1261 -1.56 8.19 -24.30
N MET A 1262 -1.89 7.34 -23.33
CA MET A 1262 -3.10 7.57 -22.52
C MET A 1262 -2.98 8.86 -21.71
N LEU A 1263 -1.76 9.17 -21.23
CA LEU A 1263 -1.56 10.37 -20.41
C LEU A 1263 -1.74 11.64 -21.24
N GLU A 1264 -1.10 11.72 -22.41
CA GLU A 1264 -1.34 12.86 -23.30
C GLU A 1264 -2.76 12.91 -23.85
N PHE A 1265 -3.44 11.78 -24.00
CA PHE A 1265 -4.87 11.85 -24.33
C PHE A 1265 -5.67 12.44 -23.17
N VAL A 1266 -5.27 12.15 -21.93
CA VAL A 1266 -5.91 12.74 -20.76
C VAL A 1266 -5.70 14.25 -20.73
N MET A 1267 -4.48 14.73 -21.00
CA MET A 1267 -4.29 16.18 -21.03
C MET A 1267 -5.00 16.83 -22.23
N SER A 1268 -5.10 16.13 -23.35
CA SER A 1268 -5.87 16.65 -24.48
C SER A 1268 -7.35 16.80 -24.12
N LYS A 1269 -7.91 15.84 -23.39
CA LYS A 1269 -9.29 15.96 -22.94
C LYS A 1269 -9.45 16.93 -21.77
N ALA A 1270 -8.38 17.22 -21.03
CA ALA A 1270 -8.50 18.03 -19.83
C ALA A 1270 -8.18 19.51 -20.06
N LYS A 1271 -7.44 19.86 -21.11
CA LYS A 1271 -7.12 21.26 -21.34
C LYS A 1271 -8.31 22.06 -21.86
N ASN A 1272 -9.38 21.41 -22.30
CA ASN A 1272 -10.57 22.11 -22.75
C ASN A 1272 -11.30 22.73 -21.57
N VAL A 1273 -12.10 23.76 -21.87
CA VAL A 1273 -12.84 24.47 -20.83
C VAL A 1273 -14.09 23.70 -20.49
N THR A 1274 -14.00 22.82 -19.48
CA THR A 1274 -15.13 22.03 -19.03
C THR A 1274 -15.50 22.33 -17.58
N GLY A 1275 -15.01 23.44 -17.04
CA GLY A 1275 -15.18 23.75 -15.64
C GLY A 1275 -14.16 23.13 -14.73
N SER A 1276 -13.21 22.36 -15.28
CA SER A 1276 -12.13 21.68 -14.54
C SER A 1276 -12.68 20.74 -13.46
N VAL A 1277 -13.57 19.84 -13.89
CA VAL A 1277 -14.09 18.82 -12.97
C VAL A 1277 -13.13 17.64 -12.81
N ASP A 1278 -11.99 17.66 -13.52
CA ASP A 1278 -11.04 16.55 -13.42
C ASP A 1278 -10.28 16.60 -12.11
N PHE A 1279 -9.90 17.79 -11.65
CA PHE A 1279 -9.11 17.95 -10.42
C PHE A 1279 -10.03 18.19 -9.23
N LEU A 1280 -10.92 17.23 -9.01
CA LEU A 1280 -11.84 17.26 -7.87
C LEU A 1280 -11.57 16.03 -7.03
N VAL A 1281 -11.24 16.24 -5.76
CA VAL A 1281 -10.87 15.16 -4.86
C VAL A 1281 -11.97 14.99 -3.82
N SER A 1282 -12.31 13.74 -3.53
CA SER A 1282 -13.32 13.42 -2.53
C SER A 1282 -12.65 12.96 -1.25
N VAL A 1283 -13.05 13.52 -0.13
CA VAL A 1283 -12.50 13.17 1.18
C VAL A 1283 -13.36 12.07 1.78
N PHE A 1284 -12.74 10.96 2.18
CA PHE A 1284 -13.44 9.92 2.89
C PHE A 1284 -12.68 9.55 4.15
N GLU A 1285 -13.37 8.89 5.07
CA GLU A 1285 -12.81 8.58 6.37
C GLU A 1285 -11.94 7.33 6.30
N LYS A 1286 -10.65 7.50 6.54
CA LYS A 1286 -9.80 6.36 6.82
C LYS A 1286 -10.16 5.81 8.19
N MET A 1287 -9.98 4.51 8.36
CA MET A 1287 -10.37 3.83 9.60
C MET A 1287 -9.07 3.63 10.37
N GLN A 1288 -8.67 4.65 11.13
CA GLN A 1288 -7.30 4.81 11.60
C GLN A 1288 -7.06 4.24 12.99
N ARG A 1289 -8.07 3.60 13.61
CA ARG A 1289 -7.98 2.98 14.94
C ARG A 1289 -7.62 4.00 16.02
N THR A 1290 -8.02 5.25 15.82
CA THR A 1290 -7.63 6.38 16.66
C THR A 1290 -8.85 7.26 16.94
N LYS A 1291 -8.77 8.03 18.02
CA LYS A 1291 -9.81 9.03 18.27
C LYS A 1291 -9.70 10.19 17.30
N THR A 1292 -8.49 10.74 17.15
CA THR A 1292 -8.24 11.77 16.15
C THR A 1292 -7.99 11.06 14.83
N ASP A 1293 -8.98 11.11 13.94
CA ASP A 1293 -8.97 10.31 12.73
C ASP A 1293 -8.11 10.93 11.65
N ARG A 1294 -7.40 10.08 10.91
CA ARG A 1294 -6.82 10.47 9.64
C ARG A 1294 -7.85 10.26 8.54
N GLU A 1295 -7.45 10.47 7.30
CA GLU A 1295 -8.39 10.49 6.20
C GLU A 1295 -7.78 9.86 4.95
N ILE A 1296 -8.65 9.34 4.09
CA ILE A 1296 -8.24 8.80 2.80
C ILE A 1296 -8.88 9.67 1.72
N TYR A 1297 -8.29 9.63 0.53
CA TYR A 1297 -8.68 10.51 -0.54
C TYR A 1297 -8.98 9.73 -1.80
N LEU A 1298 -9.99 10.20 -2.53
CA LEU A 1298 -10.35 9.65 -3.83
C LEU A 1298 -10.11 10.75 -4.85
N MET A 1299 -8.92 10.72 -5.46
CA MET A 1299 -8.62 11.58 -6.59
C MET A 1299 -9.03 10.88 -7.87
N SER A 1300 -9.47 11.67 -8.85
CA SER A 1300 -10.00 11.16 -10.11
C SER A 1300 -8.92 10.39 -10.88
N MET A 1301 -9.38 9.60 -11.87
CA MET A 1301 -8.48 8.69 -12.56
C MET A 1301 -7.45 9.44 -13.41
N LYS A 1302 -7.82 10.59 -13.96
CA LYS A 1302 -6.86 11.46 -14.63
C LYS A 1302 -5.76 11.89 -13.67
N VAL A 1303 -6.16 12.35 -12.47
CA VAL A 1303 -5.22 12.78 -11.45
C VAL A 1303 -4.37 11.61 -10.98
N LYS A 1304 -4.96 10.41 -10.92
CA LYS A 1304 -4.22 9.23 -10.49
C LYS A 1304 -3.18 8.83 -11.52
N MET A 1305 -3.50 8.95 -12.81
CA MET A 1305 -2.54 8.66 -13.86
C MET A 1305 -1.40 9.67 -13.88
N MET A 1306 -1.75 10.97 -13.81
CA MET A 1306 -0.73 12.01 -13.76
C MET A 1306 0.13 11.89 -12.51
N LEU A 1307 -0.48 11.60 -11.36
CA LEU A 1307 0.25 11.51 -10.11
C LEU A 1307 1.03 10.22 -10.00
N TYR A 1308 0.60 9.17 -10.70
CA TYR A 1308 1.41 7.97 -10.83
C TYR A 1308 2.66 8.24 -11.65
N PHE A 1309 2.53 9.02 -12.73
CA PHE A 1309 3.72 9.44 -13.47
C PHE A 1309 4.64 10.28 -12.60
N ILE A 1310 4.03 11.24 -11.87
CA ILE A 1310 4.72 12.16 -10.97
C ILE A 1310 5.54 11.39 -9.94
N GLU A 1311 4.91 10.39 -9.32
CA GLU A 1311 5.48 9.64 -8.23
C GLU A 1311 6.48 8.59 -8.71
N HIS A 1312 6.15 7.86 -9.77
CA HIS A 1312 6.90 6.69 -10.18
C HIS A 1312 7.99 7.00 -11.20
N THR A 1313 8.12 8.25 -11.66
CA THR A 1313 9.40 8.57 -12.30
C THR A 1313 10.46 8.93 -11.27
N PHE A 1314 10.09 9.10 -10.01
CA PHE A 1314 11.03 9.28 -8.91
C PHE A 1314 11.20 8.04 -8.06
N LYS A 1315 10.53 6.94 -8.42
CA LYS A 1315 10.70 5.69 -7.70
C LYS A 1315 12.11 5.15 -7.86
N HIS A 1316 12.68 5.27 -9.05
CA HIS A 1316 14.05 4.81 -9.25
C HIS A 1316 15.08 5.80 -8.69
N VAL A 1317 14.72 7.08 -8.59
CA VAL A 1317 15.56 8.03 -7.86
C VAL A 1317 15.60 7.67 -6.39
N ALA A 1318 14.46 7.22 -5.83
CA ALA A 1318 14.45 6.69 -4.48
C ALA A 1318 15.20 5.37 -4.38
N GLN A 1319 15.12 4.54 -5.42
CA GLN A 1319 15.78 3.24 -5.41
C GLN A 1319 17.30 3.36 -5.47
N SER A 1320 17.81 4.38 -6.16
CA SER A 1320 19.24 4.60 -6.21
C SER A 1320 19.76 5.35 -4.99
N ASP A 1321 18.88 5.79 -4.10
CA ASP A 1321 19.29 6.51 -2.90
C ASP A 1321 19.47 5.53 -1.74
N PRO A 1322 20.67 5.41 -1.16
CA PRO A 1322 20.85 4.48 -0.05
C PRO A 1322 20.32 4.98 1.27
N SER A 1323 20.13 6.29 1.42
CA SER A 1323 19.68 6.90 2.67
C SER A 1323 18.18 7.19 2.65
N GLU A 1324 17.40 6.33 2.01
CA GLU A 1324 15.99 6.58 1.81
C GLU A 1324 15.24 5.25 1.88
N ALA A 1325 14.06 5.28 2.48
CA ALA A 1325 13.32 4.05 2.78
C ALA A 1325 11.83 4.18 2.45
N ILE A 1326 11.51 4.69 1.26
CA ILE A 1326 10.17 4.54 0.72
C ILE A 1326 10.14 3.54 -0.44
N SER A 1327 11.27 3.28 -1.11
CA SER A 1327 11.37 2.22 -2.10
C SER A 1327 11.86 0.95 -1.39
N ILE A 1328 10.95 0.36 -0.65
CA ILE A 1328 11.27 -0.71 0.29
C ILE A 1328 10.80 -2.06 -0.28
N SER A 1329 11.67 -3.06 -0.17
CA SER A 1329 11.33 -4.42 -0.59
C SER A 1329 10.51 -5.06 0.53
N GLY A 1330 9.22 -4.75 0.53
CA GLY A 1330 8.35 -5.16 1.61
C GLY A 1330 8.62 -4.33 2.86
N ASP A 1331 8.21 -4.88 4.01
CA ASP A 1331 8.44 -4.24 5.29
C ASP A 1331 9.80 -4.58 5.88
N ASN A 1332 10.58 -5.44 5.22
CA ASN A 1332 11.88 -5.84 5.75
C ASN A 1332 12.91 -4.73 5.61
N LYS A 1333 12.84 -3.96 4.52
CA LYS A 1333 13.84 -2.95 4.21
C LYS A 1333 13.83 -1.82 5.23
N ILE A 1334 12.68 -1.56 5.85
CA ILE A 1334 12.54 -0.58 6.94
C ILE A 1334 13.53 -0.90 8.07
N ARG A 1335 13.36 -2.08 8.68
CA ARG A 1335 14.19 -2.47 9.82
C ARG A 1335 15.63 -2.71 9.38
N ALA A 1336 15.82 -3.25 8.16
CA ALA A 1336 17.16 -3.53 7.67
C ALA A 1336 17.97 -2.26 7.46
N LEU A 1337 17.36 -1.21 6.92
CA LEU A 1337 18.12 -0.02 6.59
C LEU A 1337 18.26 0.92 7.79
N SER A 1338 17.29 0.90 8.72
CA SER A 1338 17.55 1.50 10.03
C SER A 1338 18.66 0.77 10.78
N THR A 1339 18.75 -0.55 10.58
CA THR A 1339 19.82 -1.33 11.16
C THR A 1339 21.18 -0.95 10.58
N LEU A 1340 21.25 -0.74 9.24
CA LEU A 1340 22.50 -0.26 8.65
C LEU A 1340 22.88 1.11 9.20
N SER A 1341 21.89 1.99 9.39
CA SER A 1341 22.16 3.31 9.98
C SER A 1341 22.78 3.20 11.36
N LEU A 1342 22.13 2.45 12.26
CA LEU A 1342 22.62 2.41 13.64
C LEU A 1342 23.92 1.61 13.77
N ASP A 1343 24.05 0.51 13.01
CA ASP A 1343 25.28 -0.28 13.09
C ASP A 1343 26.47 0.49 12.52
N THR A 1344 26.28 1.16 11.37
CA THR A 1344 27.35 1.94 10.78
C THR A 1344 27.72 3.14 11.65
N ILE A 1345 26.72 3.77 12.28
CA ILE A 1345 26.99 4.93 13.12
C ILE A 1345 27.71 4.52 14.41
N THR A 1346 27.30 3.39 15.01
CA THR A 1346 27.97 2.91 16.22
C THR A 1346 29.40 2.46 15.93
N SER A 1347 29.62 1.82 14.78
CA SER A 1347 30.98 1.49 14.36
C SER A 1347 31.80 2.75 14.10
N TYR A 1348 31.18 3.77 13.52
CA TYR A 1348 31.86 5.04 13.28
C TYR A 1348 32.25 5.73 14.58
N ASN A 1349 31.36 5.70 15.59
CA ASN A 1349 31.67 6.31 16.87
C ASN A 1349 32.76 5.54 17.61
N ASP A 1350 32.74 4.21 17.53
CA ASP A 1350 33.79 3.42 18.17
C ASP A 1350 35.12 3.57 17.44
N ILE A 1351 35.09 3.87 16.15
CA ILE A 1351 36.31 4.20 15.43
C ILE A 1351 36.83 5.57 15.88
N LEU A 1352 35.93 6.55 15.97
CA LEU A 1352 36.32 7.91 16.34
C LEU A 1352 36.64 8.06 17.82
N ASN A 1353 36.35 7.06 18.65
CA ASN A 1353 36.73 7.11 20.05
C ASN A 1353 38.14 6.58 20.31
N LYS A 1354 38.88 6.22 19.26
CA LYS A 1354 40.25 5.74 19.38
C LYS A 1354 41.20 6.86 18.98
N ASN A 1355 41.95 7.37 19.95
CA ASN A 1355 42.99 8.41 19.77
C ASN A 1355 42.40 9.68 19.15
N SER A 1356 41.49 10.30 19.89
CA SER A 1356 40.87 11.55 19.47
C SER A 1356 40.74 12.47 20.68
N LYS A 1357 40.66 13.78 20.40
CA LYS A 1357 40.51 14.76 21.47
C LYS A 1357 39.15 14.65 22.14
N LYS A 1358 38.08 14.65 21.36
CA LYS A 1358 36.72 14.53 21.88
C LYS A 1358 35.79 14.11 20.75
N SER A 1359 34.82 13.26 21.09
CA SER A 1359 33.80 12.84 20.13
C SER A 1359 32.50 12.61 20.88
N ARG A 1360 31.39 12.89 20.19
CA ARG A 1360 30.06 12.78 20.79
C ARG A 1360 29.09 12.22 19.76
N LEU A 1361 27.97 11.69 20.26
CA LEU A 1361 27.02 10.94 19.46
C LEU A 1361 25.59 11.38 19.80
N ALA A 1362 24.73 11.43 18.78
CA ALA A 1362 23.32 11.75 18.99
C ALA A 1362 22.45 11.13 17.91
N PHE A 1363 21.15 11.02 18.21
CA PHE A 1363 20.16 10.50 17.30
C PHE A 1363 18.88 11.31 17.45
N LEU A 1364 18.06 11.31 16.41
CA LEU A 1364 16.76 11.96 16.47
C LEU A 1364 15.74 11.11 15.73
N SER A 1365 14.65 10.76 16.43
CA SER A 1365 13.48 10.14 15.82
C SER A 1365 12.45 11.24 15.64
N ALA A 1366 12.13 11.55 14.38
CA ALA A 1366 11.37 12.74 14.03
C ALA A 1366 10.09 12.37 13.30
N ASP A 1367 8.99 12.99 13.71
CA ASP A 1367 7.72 12.92 13.01
C ASP A 1367 7.31 14.35 12.70
N GLN A 1368 7.12 14.66 11.42
CA GLN A 1368 6.80 16.03 11.03
C GLN A 1368 5.35 16.34 11.40
N SER A 1369 5.10 17.61 11.73
CA SER A 1369 3.81 18.07 12.24
C SER A 1369 2.69 17.90 11.21
N LYS A 1370 2.79 18.61 10.09
CA LYS A 1370 1.83 18.49 8.99
C LYS A 1370 2.65 18.36 7.72
N TRP A 1371 2.94 17.12 7.33
CA TRP A 1371 3.80 16.85 6.19
C TRP A 1371 3.12 17.23 4.88
N SER A 1372 1.79 17.24 4.85
CA SER A 1372 1.05 17.59 3.64
C SER A 1372 0.50 19.01 3.68
N ALA A 1373 -0.14 19.39 4.78
CA ALA A 1373 -0.82 20.69 4.83
C ALA A 1373 0.17 21.84 4.96
N SER A 1374 1.17 21.71 5.82
CA SER A 1374 2.10 22.80 6.08
C SER A 1374 3.22 22.87 5.05
N ASP A 1375 3.32 21.91 4.14
CA ASP A 1375 4.39 21.88 3.16
C ASP A 1375 4.03 22.72 1.94
N LEU A 1376 4.97 23.55 1.50
CA LEU A 1376 4.86 24.20 0.20
C LEU A 1376 4.94 23.15 -0.90
N THR A 1377 4.15 23.35 -1.96
CA THR A 1377 4.17 22.44 -3.10
C THR A 1377 4.91 23.01 -4.30
N TYR A 1378 5.26 24.30 -4.30
CA TYR A 1378 5.92 24.86 -5.46
C TYR A 1378 7.41 24.58 -5.46
N LYS A 1379 7.94 24.02 -4.37
CA LYS A 1379 9.26 23.41 -4.43
C LYS A 1379 9.29 22.23 -5.37
N TYR A 1380 8.16 21.51 -5.53
CA TYR A 1380 8.08 20.45 -6.53
C TYR A 1380 8.18 21.01 -7.95
N VAL A 1381 7.50 22.14 -8.21
CA VAL A 1381 7.60 22.81 -9.51
C VAL A 1381 9.02 23.29 -9.75
N LEU A 1382 9.64 23.87 -8.71
CA LEU A 1382 11.02 24.31 -8.73
C LEU A 1382 12.01 23.15 -8.90
N ALA A 1383 11.64 21.93 -8.50
CA ALA A 1383 12.56 20.81 -8.43
C ALA A 1383 12.44 19.79 -9.54
N ILE A 1384 11.33 19.76 -10.26
CA ILE A 1384 11.22 18.83 -11.39
C ILE A 1384 12.17 19.26 -12.52
N ILE A 1385 12.32 20.57 -12.73
CA ILE A 1385 13.17 21.10 -13.80
C ILE A 1385 14.63 20.74 -13.63
N LEU A 1386 15.07 20.45 -12.40
CA LEU A 1386 16.46 20.09 -12.13
C LEU A 1386 16.76 18.63 -12.42
N ASN A 1387 15.76 17.84 -12.80
CA ASN A 1387 15.97 16.41 -13.08
C ASN A 1387 16.81 16.21 -14.33
N PRO A 1388 17.94 15.50 -14.25
CA PRO A 1388 18.67 15.15 -15.47
C PRO A 1388 18.06 13.95 -16.18
N ILE A 1389 17.20 13.19 -15.52
CA ILE A 1389 16.53 12.04 -16.14
C ILE A 1389 15.63 12.51 -17.27
N LEU A 1390 14.86 13.57 -17.03
CA LEU A 1390 13.88 14.06 -17.96
C LEU A 1390 14.53 14.82 -19.12
N THR A 1391 13.71 15.15 -20.09
CA THR A 1391 14.01 16.19 -21.07
C THR A 1391 12.78 17.08 -21.22
N THR A 1392 13.02 18.29 -21.69
CA THR A 1392 11.95 19.25 -21.94
C THR A 1392 11.03 18.72 -23.02
N GLY A 1393 9.79 18.41 -22.65
CA GLY A 1393 8.86 17.77 -23.55
C GLY A 1393 8.03 16.73 -22.83
N GLU A 1394 8.63 16.09 -21.83
CA GLU A 1394 7.86 15.50 -20.75
C GLU A 1394 8.07 16.23 -19.44
N ALA A 1395 9.18 16.95 -19.28
CA ALA A 1395 9.39 17.79 -18.10
C ALA A 1395 8.39 18.93 -18.07
N SER A 1396 8.11 19.53 -19.23
CA SER A 1396 7.07 20.53 -19.33
C SER A 1396 5.70 19.95 -18.99
N LEU A 1397 5.47 18.69 -19.38
CA LEU A 1397 4.26 17.98 -18.98
C LEU A 1397 4.20 17.79 -17.47
N MET A 1398 5.35 17.56 -16.83
CA MET A 1398 5.44 17.37 -15.39
C MET A 1398 5.14 18.67 -14.63
N ILE A 1399 5.74 19.78 -15.05
CA ILE A 1399 5.44 21.09 -14.45
C ILE A 1399 3.99 21.48 -14.70
N GLU A 1400 3.47 21.26 -15.92
CA GLU A 1400 2.07 21.60 -16.20
C GLU A 1400 1.12 20.71 -15.41
N CYS A 1401 1.51 19.45 -15.18
CA CYS A 1401 0.77 18.55 -14.29
C CYS A 1401 0.66 19.10 -12.88
N ILE A 1402 1.80 19.46 -12.27
CA ILE A 1402 1.77 19.97 -10.90
C ILE A 1402 1.07 21.33 -10.85
N LEU A 1403 1.24 22.14 -11.90
CA LEU A 1403 0.66 23.48 -11.93
C LEU A 1403 -0.86 23.42 -12.01
N MET A 1404 -1.40 22.61 -12.91
CA MET A 1404 -2.85 22.47 -12.99
C MET A 1404 -3.41 21.74 -11.78
N TYR A 1405 -2.71 20.71 -11.32
CA TYR A 1405 -3.08 19.95 -10.13
C TYR A 1405 -3.09 20.79 -8.87
N VAL A 1406 -2.36 21.89 -8.83
CA VAL A 1406 -2.35 22.74 -7.64
C VAL A 1406 -3.23 23.98 -7.82
N LYS A 1407 -3.23 24.59 -9.00
CA LYS A 1407 -4.03 25.80 -9.20
C LYS A 1407 -5.52 25.48 -9.28
N LEU A 1408 -5.90 24.37 -9.91
CA LEU A 1408 -7.30 24.07 -10.15
C LEU A 1408 -7.82 22.95 -9.27
N LYS A 1409 -7.28 22.82 -8.05
CA LYS A 1409 -7.68 21.75 -7.15
C LYS A 1409 -8.70 22.27 -6.15
N LYS A 1410 -9.79 21.53 -6.01
CA LYS A 1410 -10.85 21.83 -5.05
C LYS A 1410 -11.35 20.51 -4.49
N VAL A 1411 -11.49 20.43 -3.16
CA VAL A 1411 -12.10 19.24 -2.59
C VAL A 1411 -13.60 19.46 -2.55
N CYS A 1412 -14.36 18.37 -2.56
CA CYS A 1412 -15.81 18.45 -2.62
C CYS A 1412 -16.42 17.80 -1.38
N ILE A 1413 -17.37 18.48 -0.77
CA ILE A 1413 -18.07 17.93 0.39
C ILE A 1413 -18.92 16.75 -0.06
N PRO A 1414 -18.90 15.62 0.64
CA PRO A 1414 -19.88 14.55 0.36
C PRO A 1414 -21.29 15.03 0.62
N THR A 1415 -22.25 14.43 -0.10
CA THR A 1415 -23.58 15.01 -0.24
C THR A 1415 -24.38 14.95 1.06
N ASP A 1416 -24.25 13.86 1.83
CA ASP A 1416 -25.02 13.71 3.05
C ASP A 1416 -24.61 14.72 4.12
N ILE A 1417 -23.31 14.84 4.38
CA ILE A 1417 -22.85 15.83 5.35
C ILE A 1417 -22.93 17.24 4.78
N PHE A 1418 -22.96 17.39 3.45
CA PHE A 1418 -23.20 18.70 2.86
C PHE A 1418 -24.62 19.17 3.13
N LEU A 1419 -25.60 18.28 2.97
CA LEU A 1419 -26.97 18.67 3.27
C LEU A 1419 -27.21 18.80 4.76
N ASN A 1420 -26.42 18.08 5.58
CA ASN A 1420 -26.45 18.33 7.03
C ASN A 1420 -25.94 19.73 7.35
N LEU A 1421 -24.86 20.16 6.69
CA LEU A 1421 -24.33 21.51 6.88
C LEU A 1421 -25.31 22.56 6.37
N ARG A 1422 -25.99 22.27 5.27
CA ARG A 1422 -26.99 23.21 4.75
C ARG A 1422 -28.21 23.27 5.67
N LYS A 1423 -28.56 22.15 6.31
CA LYS A 1423 -29.60 22.15 7.32
C LYS A 1423 -29.23 23.03 8.51
N ALA A 1424 -27.98 22.90 8.97
CA ALA A 1424 -27.49 23.74 10.07
C ALA A 1424 -27.48 25.21 9.67
N GLN A 1425 -27.09 25.51 8.43
CA GLN A 1425 -27.16 26.88 7.90
C GLN A 1425 -28.59 27.39 7.88
N GLY A 1426 -29.54 26.56 7.45
CA GLY A 1426 -30.89 27.03 7.26
C GLY A 1426 -31.65 27.24 8.55
N THR A 1427 -31.39 26.41 9.57
CA THR A 1427 -32.23 26.46 10.75
C THR A 1427 -31.50 26.76 12.07
N PHE A 1428 -30.18 26.67 12.13
CA PHE A 1428 -29.50 26.96 13.40
C PHE A 1428 -28.50 28.11 13.29
N GLY A 1429 -27.53 28.03 12.38
CA GLY A 1429 -26.38 28.90 12.48
C GLY A 1429 -26.49 30.31 11.95
N GLN A 1430 -26.67 30.44 10.62
CA GLN A 1430 -26.50 31.66 9.83
C GLN A 1430 -25.09 32.26 9.93
N ASN A 1431 -24.13 31.47 10.39
CA ASN A 1431 -22.70 31.81 10.41
C ASN A 1431 -21.95 30.49 10.49
N GLU A 1432 -20.67 30.52 10.16
CA GLU A 1432 -19.96 29.27 9.92
C GLU A 1432 -18.48 29.43 10.20
N THR A 1433 -17.80 28.29 10.24
CA THR A 1433 -16.35 28.18 10.45
C THR A 1433 -15.64 28.22 9.09
N ALA A 1434 -14.38 27.76 9.06
CA ALA A 1434 -13.50 27.92 7.89
C ALA A 1434 -14.06 27.28 6.62
N ILE A 1435 -14.84 26.20 6.74
CA ILE A 1435 -15.51 25.65 5.57
C ILE A 1435 -16.52 26.65 5.01
N GLY A 1436 -17.28 27.30 5.90
CA GLY A 1436 -18.24 28.30 5.50
C GLY A 1436 -17.66 29.67 5.21
N LEU A 1437 -16.35 29.83 5.33
CA LEU A 1437 -15.66 31.01 4.81
C LEU A 1437 -14.95 30.75 3.50
N LEU A 1438 -14.38 29.55 3.32
CA LEU A 1438 -13.86 29.15 2.02
C LEU A 1438 -14.98 29.00 1.00
N THR A 1439 -16.11 28.46 1.43
CA THR A 1439 -17.32 28.41 0.62
C THR A 1439 -18.17 29.64 0.94
N LYS A 1440 -18.82 30.20 -0.07
CA LYS A 1440 -19.59 31.42 0.11
C LYS A 1440 -20.89 31.17 0.85
N GLY A 1441 -20.80 30.86 2.14
CA GLY A 1441 -21.98 30.57 2.95
C GLY A 1441 -22.68 29.27 2.59
N LEU A 1442 -21.90 28.22 2.30
CA LEU A 1442 -22.40 26.85 2.03
C LEU A 1442 -23.38 26.81 0.86
N THR A 1443 -23.15 27.63 -0.16
CA THR A 1443 -23.90 27.55 -1.41
C THR A 1443 -23.10 26.90 -2.53
N THR A 1444 -21.99 26.23 -2.20
CA THR A 1444 -21.25 25.41 -3.14
C THR A 1444 -20.85 24.12 -2.43
N ASN A 1445 -20.89 23.01 -3.14
CA ASN A 1445 -20.56 21.72 -2.55
C ASN A 1445 -19.06 21.46 -2.51
N THR A 1446 -18.25 22.38 -2.99
CA THR A 1446 -16.81 22.19 -3.10
C THR A 1446 -16.08 23.45 -2.68
N TYR A 1447 -14.95 23.29 -2.00
CA TYR A 1447 -14.14 24.41 -1.58
C TYR A 1447 -12.68 24.18 -1.99
N PRO A 1448 -11.95 25.25 -2.33
CA PRO A 1448 -10.58 25.08 -2.81
C PRO A 1448 -9.57 24.95 -1.70
N VAL A 1449 -8.70 23.94 -1.85
CA VAL A 1449 -7.44 23.86 -1.12
C VAL A 1449 -6.35 24.07 -2.16
N SER A 1450 -5.24 24.68 -1.75
CA SER A 1450 -4.29 25.20 -2.72
C SER A 1450 -2.99 24.42 -2.78
N MET A 1451 -2.19 24.38 -1.71
CA MET A 1451 -0.93 23.65 -1.76
C MET A 1451 -0.83 22.54 -0.73
N ASN A 1452 -1.93 22.21 -0.06
CA ASN A 1452 -1.92 21.00 0.73
C ASN A 1452 -1.95 19.86 -0.29
N TRP A 1453 -0.75 19.39 -0.67
CA TRP A 1453 -0.64 18.27 -1.58
C TRP A 1453 -1.23 17.04 -0.93
N LEU A 1454 -1.92 16.24 -1.74
CA LEU A 1454 -2.92 15.33 -1.21
C LEU A 1454 -2.21 14.11 -0.62
N GLN A 1455 -2.38 13.92 0.69
CA GLN A 1455 -1.50 13.08 1.47
C GLN A 1455 -1.63 11.61 1.11
N GLY A 1456 -0.50 10.95 0.93
CA GLY A 1456 -0.43 9.55 0.58
C GLY A 1456 -0.26 9.29 -0.91
N ASN A 1457 -0.58 10.27 -1.75
CA ASN A 1457 -0.41 10.13 -3.19
C ASN A 1457 0.97 10.52 -3.66
N LEU A 1458 1.66 11.37 -2.91
CA LEU A 1458 3.04 11.77 -3.20
C LEU A 1458 3.93 11.17 -2.11
N ASN A 1459 4.34 9.93 -2.34
CA ASN A 1459 5.11 9.20 -1.34
C ASN A 1459 6.58 9.06 -1.71
N TYR A 1460 6.90 9.05 -3.00
CA TYR A 1460 8.29 8.95 -3.45
C TYR A 1460 8.93 10.31 -3.63
N LEU A 1461 8.18 11.28 -4.19
CA LEU A 1461 8.72 12.61 -4.44
C LEU A 1461 9.04 13.34 -3.14
N SER A 1462 8.10 13.31 -2.19
CA SER A 1462 8.28 13.98 -0.91
C SER A 1462 9.39 13.34 -0.09
N SER A 1463 9.51 12.01 -0.12
CA SER A 1463 10.57 11.33 0.62
C SER A 1463 11.93 11.60 -0.03
N VAL A 1464 11.99 11.62 -1.36
CA VAL A 1464 13.23 11.94 -2.06
C VAL A 1464 13.67 13.36 -1.72
N TYR A 1465 12.73 14.30 -1.65
CA TYR A 1465 13.11 15.68 -1.35
C TYR A 1465 13.41 15.88 0.13
N HIS A 1466 12.83 15.06 1.01
CA HIS A 1466 13.21 15.04 2.41
C HIS A 1466 14.65 14.57 2.58
N SER A 1467 15.04 13.53 1.83
CA SER A 1467 16.44 13.09 1.85
C SER A 1467 17.37 14.14 1.25
N CYS A 1468 16.90 14.86 0.23
CA CYS A 1468 17.66 15.99 -0.30
C CYS A 1468 17.83 17.09 0.74
N ALA A 1469 16.79 17.35 1.53
CA ALA A 1469 16.88 18.31 2.62
C ALA A 1469 17.88 17.88 3.68
N MET A 1470 17.96 16.59 3.98
CA MET A 1470 18.96 16.16 4.94
C MET A 1470 20.38 16.18 4.36
N LYS A 1471 20.53 15.97 3.05
CA LYS A 1471 21.85 16.17 2.45
C LYS A 1471 22.26 17.64 2.47
N ALA A 1472 21.27 18.53 2.30
CA ALA A 1472 21.50 19.95 2.50
C ALA A 1472 21.92 20.25 3.94
N TYR A 1473 21.31 19.55 4.89
CA TYR A 1473 21.70 19.68 6.30
C TYR A 1473 23.15 19.23 6.51
N HIS A 1474 23.55 18.14 5.84
CA HIS A 1474 24.91 17.63 5.97
C HIS A 1474 25.93 18.63 5.43
N LYS A 1475 25.70 19.16 4.22
CA LYS A 1475 26.68 20.11 3.70
C LYS A 1475 26.55 21.49 4.33
N THR A 1476 25.42 21.80 4.96
CA THR A 1476 25.32 23.03 5.73
C THR A 1476 26.12 22.93 7.02
N LEU A 1477 25.98 21.80 7.72
CA LEU A 1477 26.60 21.66 9.03
C LEU A 1477 28.09 21.41 8.90
N GLU A 1478 28.53 20.78 7.80
CA GLU A 1478 29.97 20.58 7.62
C GLU A 1478 30.70 21.85 7.22
N CYS A 1479 29.98 22.93 6.90
CA CYS A 1479 30.60 24.23 6.67
C CYS A 1479 31.09 24.88 7.96
N TYR A 1480 30.75 24.32 9.13
CA TYR A 1480 31.31 24.72 10.41
C TYR A 1480 32.82 24.48 10.41
N LYS A 1481 33.60 25.55 10.42
CA LYS A 1481 35.05 25.44 10.31
C LYS A 1481 35.70 24.94 11.59
N ASP A 1482 35.04 25.09 12.73
CA ASP A 1482 35.65 24.71 14.01
C ASP A 1482 35.66 23.20 14.22
N CYS A 1483 34.58 22.52 13.82
CA CYS A 1483 34.35 21.12 14.17
C CYS A 1483 34.05 20.32 12.91
N ASP A 1484 34.01 18.99 13.05
CA ASP A 1484 33.61 18.12 11.95
C ASP A 1484 32.49 17.18 12.38
N PHE A 1485 31.50 17.05 11.52
CA PHE A 1485 30.26 16.33 11.79
C PHE A 1485 30.00 15.31 10.69
N GLN A 1486 29.43 14.17 11.09
CA GLN A 1486 29.05 13.12 10.15
C GLN A 1486 27.64 12.64 10.48
N THR A 1487 26.78 12.56 9.47
CA THR A 1487 25.38 12.20 9.68
C THR A 1487 24.95 11.11 8.70
N ARG A 1488 23.99 10.31 9.14
CA ARG A 1488 23.40 9.24 8.32
C ARG A 1488 21.91 9.22 8.60
N TRP A 1489 21.10 9.49 7.59
CA TRP A 1489 19.68 9.73 7.78
C TRP A 1489 18.84 8.69 7.06
N ILE A 1490 17.70 8.37 7.67
CA ILE A 1490 16.72 7.41 7.14
C ILE A 1490 15.41 8.16 6.99
N VAL A 1491 14.80 8.04 5.81
CA VAL A 1491 13.70 8.91 5.41
C VAL A 1491 12.50 8.07 4.99
N HIS A 1492 11.34 8.36 5.59
CA HIS A 1492 10.04 7.90 5.13
C HIS A 1492 9.16 9.13 4.93
N SER A 1493 8.09 8.96 4.17
CA SER A 1493 7.07 10.00 4.08
C SER A 1493 6.52 10.29 5.46
N ASP A 1494 6.79 11.53 5.92
CA ASP A 1494 6.46 12.13 7.22
C ASP A 1494 7.36 11.62 8.35
N ASP A 1495 8.18 10.58 8.12
CA ASP A 1495 8.96 9.99 9.21
C ASP A 1495 10.46 10.15 8.95
N ASN A 1496 11.24 10.27 10.03
CA ASN A 1496 12.66 10.52 9.88
C ASN A 1496 13.42 9.91 11.05
N ALA A 1497 14.63 9.45 10.75
CA ALA A 1497 15.58 9.00 11.79
C ALA A 1497 16.96 9.51 11.38
N THR A 1498 17.41 10.58 12.03
CA THR A 1498 18.65 11.25 11.65
C THR A 1498 19.67 11.11 12.78
N SER A 1499 20.82 10.54 12.45
CA SER A 1499 21.90 10.38 13.41
C SER A 1499 22.94 11.47 13.22
N LEU A 1500 23.84 11.60 14.20
CA LEU A 1500 24.86 12.64 14.15
C LEU A 1500 26.04 12.22 15.01
N ILE A 1501 27.25 12.48 14.50
CA ILE A 1501 28.50 12.22 15.21
C ILE A 1501 29.32 13.49 15.10
N ALA A 1502 29.84 13.98 16.23
CA ALA A 1502 30.51 15.27 16.30
C ALA A 1502 31.92 15.09 16.86
N SER A 1503 32.86 15.87 16.32
CA SER A 1503 34.20 15.92 16.91
C SER A 1503 34.76 17.33 16.70
N GLY A 1504 35.72 17.70 17.53
CA GLY A 1504 36.36 19.01 17.47
C GLY A 1504 36.16 19.78 18.77
N GLU A 1505 35.87 21.07 18.64
CA GLU A 1505 35.62 21.92 19.79
C GLU A 1505 34.14 21.83 20.17
N VAL A 1506 33.83 20.70 20.82
CA VAL A 1506 32.45 20.26 20.98
C VAL A 1506 31.69 21.19 21.92
N ASP A 1507 32.25 21.49 23.09
CA ASP A 1507 31.55 22.30 24.09
C ASP A 1507 31.33 23.73 23.59
N LYS A 1508 32.32 24.28 22.88
CA LYS A 1508 32.13 25.59 22.28
C LYS A 1508 31.05 25.57 21.20
N MET A 1509 30.96 24.48 20.44
CA MET A 1509 29.92 24.42 19.42
C MET A 1509 28.53 24.29 20.05
N LEU A 1510 28.43 23.62 21.21
CA LEU A 1510 27.16 23.64 21.94
C LEU A 1510 26.85 25.04 22.48
N THR A 1511 27.89 25.81 22.85
CA THR A 1511 27.62 27.19 23.28
C THR A 1511 27.14 28.06 22.13
N ASP A 1512 27.68 27.87 20.92
CA ASP A 1512 27.16 28.64 19.78
C ASP A 1512 25.77 28.17 19.38
N PHE A 1513 25.48 26.87 19.51
CA PHE A 1513 24.17 26.35 19.13
C PHE A 1513 23.13 26.49 20.24
N SER A 1514 23.51 27.04 21.40
CA SER A 1514 22.62 27.30 22.54
C SER A 1514 21.91 26.03 23.00
N SER A 1515 22.69 24.98 23.23
CA SER A 1515 22.15 23.68 23.58
C SER A 1515 22.90 23.12 24.77
N SER A 1516 22.20 22.30 25.56
CA SER A 1516 22.85 21.63 26.69
C SER A 1516 23.62 20.40 26.24
N SER A 1517 23.26 19.82 25.09
CA SER A 1517 23.90 18.59 24.63
C SER A 1517 23.79 18.48 23.11
N LEU A 1518 24.57 17.54 22.58
CA LEU A 1518 24.50 17.22 21.15
C LEU A 1518 23.12 16.75 20.68
N PRO A 1519 22.36 15.89 21.41
CA PRO A 1519 20.96 15.66 20.97
C PRO A 1519 20.09 16.89 20.96
N GLU A 1520 20.29 17.81 21.90
CA GLU A 1520 19.51 19.04 21.92
C GLU A 1520 19.83 19.92 20.73
N MET A 1521 21.13 20.04 20.38
CA MET A 1521 21.47 20.81 19.19
C MET A 1521 21.01 20.10 17.92
N LEU A 1522 21.01 18.77 17.91
CA LEU A 1522 20.50 18.03 16.75
C LEU A 1522 19.02 18.30 16.55
N PHE A 1523 18.25 18.27 17.64
CA PHE A 1523 16.82 18.56 17.58
C PHE A 1523 16.55 19.98 17.09
N ARG A 1524 17.25 20.97 17.67
CA ARG A 1524 16.97 22.35 17.30
C ARG A 1524 17.49 22.69 15.91
N SER A 1525 18.63 22.13 15.51
CA SER A 1525 19.17 22.38 14.17
C SER A 1525 18.32 21.72 13.10
N ILE A 1526 17.83 20.50 13.35
CA ILE A 1526 16.92 19.87 12.40
C ILE A 1526 15.61 20.64 12.31
N GLU A 1527 15.11 21.14 13.45
CA GLU A 1527 13.87 21.92 13.44
C GLU A 1527 14.02 23.21 12.64
N ALA A 1528 15.11 23.95 12.86
CA ALA A 1528 15.32 25.20 12.12
C ALA A 1528 15.62 24.96 10.65
N HIS A 1529 16.44 23.94 10.35
CA HIS A 1529 16.80 23.62 8.97
C HIS A 1529 15.59 23.14 8.18
N PHE A 1530 14.75 22.30 8.78
CA PHE A 1530 13.53 21.86 8.12
C PHE A 1530 12.54 23.01 8.00
N LYS A 1531 12.54 23.92 8.98
CA LYS A 1531 11.63 25.04 8.93
C LYS A 1531 12.04 26.04 7.86
N SER A 1532 13.31 26.00 7.43
CA SER A 1532 13.76 26.72 6.24
C SER A 1532 13.44 25.97 4.95
N PHE A 1533 12.92 24.74 5.02
CA PHE A 1533 12.55 23.95 3.85
C PHE A 1533 11.04 23.76 3.74
N CYS A 1534 10.27 24.57 4.47
CA CYS A 1534 8.81 24.43 4.63
C CYS A 1534 8.44 23.04 5.11
N ILE A 1535 9.23 22.51 6.04
CA ILE A 1535 8.97 21.23 6.67
C ILE A 1535 8.83 21.49 8.16
N THR A 1536 7.62 21.31 8.68
CA THR A 1536 7.33 21.64 10.07
C THR A 1536 7.58 20.41 10.93
N LEU A 1537 8.71 20.40 11.62
CA LEU A 1537 8.98 19.34 12.59
C LEU A 1537 8.09 19.54 13.81
N ASN A 1538 7.42 18.47 14.24
CA ASN A 1538 6.60 18.54 15.44
C ASN A 1538 7.50 18.44 16.66
N PRO A 1539 7.51 19.46 17.53
CA PRO A 1539 8.36 19.38 18.72
C PRO A 1539 7.87 18.39 19.77
N LYS A 1540 6.61 17.96 19.68
CA LYS A 1540 6.09 17.02 20.67
C LYS A 1540 6.44 15.57 20.33
N LYS A 1541 5.96 15.09 19.19
CA LYS A 1541 6.15 13.69 18.83
C LYS A 1541 7.44 13.46 18.04
N SER A 1542 8.55 13.95 18.58
CA SER A 1542 9.87 13.77 17.98
C SER A 1542 10.90 13.92 19.10
N TYR A 1543 11.71 12.90 19.32
CA TYR A 1543 12.62 12.92 20.45
C TYR A 1543 14.05 12.63 19.99
N ALA A 1544 15.00 13.34 20.59
CA ALA A 1544 16.41 13.15 20.31
C ALA A 1544 17.05 12.37 21.45
N SER A 1545 17.66 11.25 21.12
CA SER A 1545 18.26 10.36 22.09
C SER A 1545 19.76 10.25 21.87
N SER A 1546 20.42 9.45 22.70
CA SER A 1546 21.80 9.08 22.50
C SER A 1546 21.98 7.60 22.22
N SER A 1547 20.91 6.80 22.34
CA SER A 1547 21.01 5.37 22.10
C SER A 1547 19.85 4.76 21.34
N GLU A 1548 18.71 5.44 21.20
CA GLU A 1548 17.50 4.85 20.65
C GLU A 1548 17.19 5.44 19.28
N VAL A 1549 16.70 4.61 18.37
CA VAL A 1549 16.23 5.05 17.06
C VAL A 1549 14.82 4.52 16.84
N GLU A 1550 13.90 5.42 16.49
CA GLU A 1550 12.49 5.08 16.24
C GLU A 1550 12.11 5.64 14.87
N PHE A 1551 12.31 4.84 13.82
CA PHE A 1551 12.16 5.37 12.47
C PHE A 1551 10.69 5.46 12.06
N ILE A 1552 9.99 4.33 12.02
CA ILE A 1552 8.53 4.38 11.91
C ILE A 1552 7.94 3.66 13.11
N SER A 1553 8.68 2.67 13.62
CA SER A 1553 8.32 1.80 14.73
C SER A 1553 9.52 0.93 15.03
N GLU A 1554 9.41 0.06 16.04
CA GLU A 1554 10.40 -0.98 16.36
C GLU A 1554 11.77 -0.37 16.64
N ARG A 1555 11.81 0.38 17.75
CA ARG A 1555 12.99 1.13 18.15
C ARG A 1555 14.19 0.21 18.33
N ILE A 1556 15.35 0.65 17.86
CA ILE A 1556 16.58 -0.14 17.94
C ILE A 1556 17.55 0.62 18.82
N VAL A 1557 18.13 -0.08 19.79
CA VAL A 1557 19.00 0.48 20.82
C VAL A 1557 20.36 -0.19 20.71
N ASN A 1558 21.39 0.61 20.40
CA ASN A 1558 22.80 0.17 20.27
C ASN A 1558 22.96 -0.97 19.27
N GLY A 1559 22.13 -1.00 18.23
CA GLY A 1559 22.16 -2.10 17.30
C GLY A 1559 21.36 -3.32 17.70
N ALA A 1560 20.40 -3.18 18.62
CA ALA A 1560 19.52 -4.27 19.02
C ALA A 1560 18.08 -3.81 18.88
N ILE A 1561 17.33 -4.44 17.99
CA ILE A 1561 15.94 -4.04 17.76
C ILE A 1561 15.08 -4.54 18.91
N ILE A 1562 14.34 -3.63 19.54
CA ILE A 1562 13.21 -3.99 20.39
C ILE A 1562 12.18 -4.60 19.46
N PRO A 1563 11.82 -5.88 19.67
CA PRO A 1563 11.21 -6.67 18.57
C PRO A 1563 9.85 -6.18 18.09
N LEU A 1564 8.94 -5.86 19.01
CA LEU A 1564 7.59 -5.35 18.73
C LEU A 1564 6.83 -6.35 17.84
N TYR A 1565 6.60 -7.52 18.44
CA TYR A 1565 5.74 -8.55 17.87
C TYR A 1565 4.27 -8.30 18.11
N CYS A 1566 3.97 -7.28 18.92
CA CYS A 1566 2.60 -7.02 19.36
C CYS A 1566 1.72 -6.51 18.23
N ARG A 1567 2.31 -5.85 17.23
CA ARG A 1567 1.52 -5.45 16.06
C ARG A 1567 0.99 -6.67 15.32
N HIS A 1568 1.83 -7.69 15.14
CA HIS A 1568 1.36 -8.94 14.56
C HIS A 1568 0.42 -9.68 15.52
N LEU A 1569 0.64 -9.55 16.83
CA LEU A 1569 -0.25 -10.15 17.81
C LEU A 1569 -1.63 -9.49 17.79
N ALA A 1570 -1.70 -8.23 17.40
CA ALA A 1570 -2.96 -7.52 17.28
C ALA A 1570 -3.63 -7.78 15.94
N ASN A 1571 -2.82 -7.90 14.88
CA ASN A 1571 -3.33 -8.20 13.55
C ASN A 1571 -3.82 -9.65 13.45
N CYS A 1572 -3.31 -10.53 14.31
CA CYS A 1572 -3.80 -11.90 14.40
C CYS A 1572 -5.20 -11.99 14.97
N CYS A 1573 -5.65 -10.97 15.70
CA CYS A 1573 -6.92 -11.03 16.39
C CYS A 1573 -7.96 -10.05 15.89
N THR A 1574 -7.54 -8.91 15.31
CA THR A 1574 -8.50 -7.90 14.90
C THR A 1574 -8.86 -7.98 13.42
N GLU A 1575 -7.87 -7.96 12.53
CA GLU A 1575 -8.10 -7.82 11.09
C GLU A 1575 -8.04 -9.19 10.43
N SER A 1576 -9.16 -9.61 9.84
CA SER A 1576 -9.20 -10.77 8.97
C SER A 1576 -9.79 -10.36 7.62
N SER A 1577 -9.60 -11.23 6.62
CA SER A 1577 -9.99 -10.88 5.26
C SER A 1577 -11.51 -10.92 5.07
N HIS A 1578 -12.20 -11.85 5.74
CA HIS A 1578 -13.62 -12.13 5.58
C HIS A 1578 -14.00 -12.41 4.13
N ILE A 1579 -13.38 -13.44 3.56
CA ILE A 1579 -13.76 -13.94 2.25
C ILE A 1579 -14.13 -15.43 2.29
N SER A 1580 -13.34 -16.24 3.00
CA SER A 1580 -13.70 -17.62 3.26
C SER A 1580 -13.06 -18.04 4.57
N TYR A 1581 -13.39 -19.25 5.04
CA TYR A 1581 -12.78 -19.77 6.27
C TYR A 1581 -11.31 -20.08 6.04
N PHE A 1582 -11.01 -20.81 4.96
CA PHE A 1582 -9.63 -21.16 4.64
C PHE A 1582 -8.82 -19.91 4.30
N ASP A 1583 -9.45 -18.95 3.62
CA ASP A 1583 -8.81 -17.68 3.30
C ASP A 1583 -8.51 -16.89 4.57
N ASP A 1584 -9.45 -16.85 5.53
CA ASP A 1584 -9.20 -16.15 6.78
C ASP A 1584 -8.11 -16.82 7.60
N LEU A 1585 -8.11 -18.15 7.63
CA LEU A 1585 -7.07 -18.89 8.33
C LEU A 1585 -5.70 -18.67 7.68
N MET A 1586 -5.68 -18.61 6.34
CA MET A 1586 -4.44 -18.34 5.60
C MET A 1586 -3.89 -16.95 5.93
N SER A 1587 -4.77 -15.95 5.90
CA SER A 1587 -4.35 -14.56 6.12
C SER A 1587 -3.90 -14.34 7.56
N LEU A 1588 -4.56 -14.98 8.52
CA LEU A 1588 -4.10 -14.88 9.90
C LEU A 1588 -2.85 -15.71 10.15
N SER A 1589 -2.65 -16.80 9.41
CA SER A 1589 -1.44 -17.60 9.59
C SER A 1589 -0.22 -16.90 9.01
N ILE A 1590 -0.40 -16.02 8.02
CA ILE A 1590 0.69 -15.14 7.59
C ILE A 1590 1.18 -14.28 8.75
N HIS A 1591 0.25 -13.68 9.50
CA HIS A 1591 0.64 -12.86 10.65
C HIS A 1591 1.16 -13.70 11.80
N VAL A 1592 0.69 -14.95 11.92
CA VAL A 1592 1.27 -15.89 12.89
C VAL A 1592 2.73 -16.17 12.57
N THR A 1593 3.03 -16.43 11.30
CA THR A 1593 4.42 -16.70 10.88
C THR A 1593 5.29 -15.47 11.07
N MET A 1594 4.77 -14.28 10.74
CA MET A 1594 5.51 -13.04 10.95
C MET A 1594 5.73 -12.77 12.45
N LEU A 1595 4.75 -13.12 13.27
CA LEU A 1595 4.87 -12.97 14.72
C LEU A 1595 5.96 -13.87 15.27
N LEU A 1596 6.01 -15.13 14.81
CA LEU A 1596 7.06 -16.03 15.22
C LEU A 1596 8.43 -15.53 14.75
N ARG A 1597 8.49 -15.02 13.53
CA ARG A 1597 9.74 -14.51 12.96
C ARG A 1597 10.24 -13.26 13.67
N LYS A 1598 9.35 -12.47 14.27
CA LYS A 1598 9.78 -11.26 14.96
C LYS A 1598 10.02 -11.47 16.45
N GLY A 1599 9.92 -12.71 16.94
CA GLY A 1599 10.28 -13.01 18.31
C GLY A 1599 9.12 -12.86 19.30
N CYS A 1600 8.79 -13.94 20.01
CA CYS A 1600 7.64 -13.97 20.90
C CYS A 1600 7.96 -14.88 22.08
N PRO A 1601 7.52 -14.54 23.29
CA PRO A 1601 7.86 -15.37 24.46
C PRO A 1601 7.15 -16.72 24.48
N ASN A 1602 7.37 -17.43 25.59
CA ASN A 1602 7.10 -18.87 25.65
C ASN A 1602 5.62 -19.18 25.77
N GLU A 1603 4.83 -18.26 26.30
CA GLU A 1603 3.48 -18.60 26.73
C GLU A 1603 2.40 -17.97 25.86
N VAL A 1604 2.78 -17.14 24.89
CA VAL A 1604 1.79 -16.37 24.15
C VAL A 1604 1.45 -17.00 22.79
N ILE A 1605 2.35 -17.77 22.21
CA ILE A 1605 2.09 -18.37 20.90
C ILE A 1605 1.02 -19.46 20.85
N PRO A 1606 0.82 -20.34 21.87
CA PRO A 1606 -0.40 -21.18 21.83
C PRO A 1606 -1.67 -20.36 21.92
N PHE A 1607 -1.65 -19.26 22.66
CA PHE A 1607 -2.81 -18.37 22.71
C PHE A 1607 -3.02 -17.65 21.39
N ALA A 1608 -1.95 -17.35 20.66
CA ALA A 1608 -2.09 -16.74 19.34
C ALA A 1608 -2.66 -17.74 18.33
N TYR A 1609 -2.22 -19.00 18.42
CA TYR A 1609 -2.81 -20.07 17.62
C TYR A 1609 -4.30 -20.21 17.92
N GLY A 1610 -4.64 -20.20 19.21
CA GLY A 1610 -6.02 -20.22 19.61
C GLY A 1610 -6.80 -19.01 19.13
N ALA A 1611 -6.19 -17.83 19.17
CA ALA A 1611 -6.90 -16.61 18.79
C ALA A 1611 -7.21 -16.57 17.30
N VAL A 1612 -6.26 -16.98 16.46
CA VAL A 1612 -6.55 -17.02 15.02
C VAL A 1612 -7.56 -18.13 14.71
N GLN A 1613 -7.51 -19.25 15.45
CA GLN A 1613 -8.52 -20.29 15.25
C GLN A 1613 -9.91 -19.83 15.65
N VAL A 1614 -10.02 -19.13 16.79
CA VAL A 1614 -11.32 -18.59 17.22
C VAL A 1614 -11.84 -17.55 16.25
N GLN A 1615 -10.97 -16.67 15.74
CA GLN A 1615 -11.42 -15.66 14.79
C GLN A 1615 -11.98 -16.29 13.51
N ALA A 1616 -11.20 -17.21 12.90
CA ALA A 1616 -11.64 -17.84 11.67
C ALA A 1616 -12.88 -18.73 11.88
N LEU A 1617 -12.90 -19.53 12.95
CA LEU A 1617 -14.01 -20.44 13.17
C LEU A 1617 -15.27 -19.71 13.61
N SER A 1618 -15.15 -18.73 14.52
CA SER A 1618 -16.31 -17.98 14.98
C SER A 1618 -16.92 -17.15 13.86
N ILE A 1619 -16.10 -16.61 12.95
CA ILE A 1619 -16.66 -15.86 11.85
C ILE A 1619 -17.31 -16.80 10.83
N TYR A 1620 -16.54 -17.74 10.27
CA TYR A 1620 -17.02 -18.46 9.09
C TYR A 1620 -17.65 -19.82 9.38
N SER A 1621 -16.87 -20.78 9.88
CA SER A 1621 -17.33 -22.16 10.05
C SER A 1621 -17.30 -22.46 11.54
N MET A 1622 -18.48 -22.54 12.15
CA MET A 1622 -18.64 -22.35 13.59
C MET A 1622 -17.88 -23.36 14.43
N LEU A 1623 -17.18 -22.85 15.43
CA LEU A 1623 -16.28 -23.64 16.27
C LEU A 1623 -17.10 -24.64 17.10
N PRO A 1624 -16.50 -25.78 17.48
CA PRO A 1624 -17.31 -26.98 17.77
C PRO A 1624 -18.22 -26.86 18.99
N GLY A 1625 -19.18 -27.78 19.05
CA GLY A 1625 -20.32 -27.67 19.92
C GLY A 1625 -21.57 -27.13 19.23
N GLU A 1626 -21.45 -26.69 17.99
CA GLU A 1626 -22.57 -26.14 17.23
C GLU A 1626 -22.57 -26.71 15.82
N VAL A 1627 -23.61 -26.35 15.07
CA VAL A 1627 -23.71 -26.74 13.67
C VAL A 1627 -22.69 -25.95 12.85
N ASN A 1628 -22.47 -26.41 11.61
CA ASN A 1628 -21.45 -25.89 10.68
C ASN A 1628 -20.05 -25.97 11.29
N ASP A 1629 -19.79 -27.06 12.00
CA ASP A 1629 -18.45 -27.45 12.41
C ASP A 1629 -17.88 -28.36 11.32
N SER A 1630 -16.56 -28.51 11.31
CA SER A 1630 -15.95 -29.44 10.37
C SER A 1630 -15.46 -30.72 11.03
N ILE A 1631 -14.98 -30.65 12.27
CA ILE A 1631 -14.62 -31.87 13.01
C ILE A 1631 -15.87 -32.71 13.25
N ARG A 1632 -16.98 -32.07 13.60
CA ARG A 1632 -18.25 -32.77 13.82
C ARG A 1632 -18.77 -33.39 12.53
N ILE A 1633 -18.66 -32.67 11.41
CA ILE A 1633 -19.13 -33.19 10.13
C ILE A 1633 -18.26 -34.36 9.66
N PHE A 1634 -16.94 -34.26 9.85
CA PHE A 1634 -16.05 -35.36 9.50
C PHE A 1634 -16.30 -36.59 10.37
N LYS A 1635 -16.56 -36.39 11.66
CA LYS A 1635 -16.89 -37.53 12.53
C LYS A 1635 -18.25 -38.12 12.20
N LYS A 1636 -19.21 -37.29 11.77
CA LYS A 1636 -20.52 -37.79 11.38
C LYS A 1636 -20.45 -38.59 10.09
N LEU A 1637 -19.68 -38.12 9.12
CA LEU A 1637 -19.52 -38.84 7.85
C LEU A 1637 -18.54 -39.99 7.96
N GLY A 1638 -17.80 -40.09 9.06
CA GLY A 1638 -16.90 -41.21 9.28
C GLY A 1638 -15.70 -41.25 8.37
N VAL A 1639 -15.11 -40.10 8.06
CA VAL A 1639 -13.86 -40.04 7.31
C VAL A 1639 -12.74 -40.48 8.23
N SER A 1640 -11.74 -41.18 7.66
CA SER A 1640 -10.70 -41.81 8.45
C SER A 1640 -9.71 -40.82 9.06
N LEU A 1641 -9.76 -39.54 8.68
CA LEU A 1641 -8.85 -38.56 9.27
C LEU A 1641 -9.19 -38.31 10.74
N LYS A 1642 -8.13 -38.23 11.55
CA LYS A 1642 -8.26 -37.87 12.95
C LYS A 1642 -8.46 -36.36 13.04
N SER A 1643 -8.76 -35.85 14.23
CA SER A 1643 -9.22 -34.47 14.39
C SER A 1643 -8.14 -33.44 14.13
N ASN A 1644 -6.86 -33.81 14.30
CA ASN A 1644 -5.77 -32.84 14.24
C ASN A 1644 -5.00 -32.86 12.92
N GLU A 1645 -5.55 -33.46 11.87
CA GLU A 1645 -4.92 -33.32 10.56
C GLU A 1645 -5.94 -33.14 9.44
N ILE A 1646 -7.15 -32.68 9.76
CA ILE A 1646 -8.13 -32.28 8.75
C ILE A 1646 -7.58 -31.13 7.93
N PRO A 1647 -7.64 -31.16 6.60
CA PRO A 1647 -7.13 -30.05 5.80
C PRO A 1647 -7.95 -28.78 6.00
N THR A 1648 -7.24 -27.64 5.98
CA THR A 1648 -7.84 -26.35 6.34
C THR A 1648 -8.90 -25.91 5.33
N ASN A 1649 -8.69 -26.21 4.05
CA ASN A 1649 -9.72 -25.92 3.06
C ASN A 1649 -10.94 -26.81 3.24
N MET A 1650 -10.76 -27.98 3.83
CA MET A 1650 -11.87 -28.83 4.26
C MET A 1650 -12.44 -28.41 5.60
N GLY A 1651 -11.96 -27.31 6.17
CA GLY A 1651 -12.43 -26.85 7.46
C GLY A 1651 -11.58 -27.22 8.63
N GLY A 1652 -10.37 -27.74 8.40
CA GLY A 1652 -9.51 -28.17 9.48
C GLY A 1652 -8.93 -26.99 10.25
N TRP A 1653 -8.20 -27.34 11.30
CA TRP A 1653 -7.65 -26.36 12.23
C TRP A 1653 -6.18 -26.11 11.92
N LEU A 1654 -5.66 -25.05 12.51
CA LEU A 1654 -4.24 -24.72 12.41
C LEU A 1654 -3.45 -25.72 13.24
N THR A 1655 -2.89 -26.73 12.58
CA THR A 1655 -2.25 -27.85 13.25
C THR A 1655 -0.75 -27.93 12.99
N SER A 1656 -0.18 -26.95 12.29
CA SER A 1656 1.23 -26.99 11.96
C SER A 1656 2.07 -26.78 13.21
N PRO A 1657 3.21 -27.48 13.34
CA PRO A 1657 4.12 -27.20 14.44
C PRO A 1657 4.82 -25.86 14.24
N ILE A 1658 5.36 -25.34 15.35
CA ILE A 1658 5.82 -23.96 15.35
C ILE A 1658 7.13 -23.82 14.58
N GLU A 1659 7.99 -24.86 14.56
CA GLU A 1659 9.21 -24.78 13.73
C GLU A 1659 8.91 -24.73 12.22
N PRO A 1660 8.05 -25.59 11.64
CA PRO A 1660 7.71 -25.36 10.22
C PRO A 1660 6.84 -24.14 9.99
N LEU A 1661 6.05 -23.70 10.98
CA LEU A 1661 5.30 -22.46 10.77
C LEU A 1661 6.19 -21.23 10.89
N SER A 1662 7.40 -21.38 11.44
CA SER A 1662 8.36 -20.29 11.45
C SER A 1662 9.26 -20.30 10.23
N ILE A 1663 9.70 -21.47 9.77
CA ILE A 1663 10.59 -21.54 8.62
C ILE A 1663 9.84 -21.56 7.28
N LEU A 1664 8.88 -22.47 7.16
CA LEU A 1664 8.31 -22.74 5.84
C LEU A 1664 7.33 -21.64 5.44
N GLY A 1665 6.35 -21.38 6.28
CA GLY A 1665 5.32 -20.43 5.97
C GLY A 1665 3.95 -21.00 6.27
N PRO A 1666 2.89 -20.27 5.92
CA PRO A 1666 1.55 -20.67 6.36
C PRO A 1666 0.95 -21.84 5.59
N SER A 1667 1.65 -22.40 4.60
CA SER A 1667 1.23 -23.63 3.94
C SER A 1667 1.85 -24.88 4.59
N SER A 1668 2.57 -24.69 5.69
CA SER A 1668 3.27 -25.81 6.33
C SER A 1668 2.32 -26.82 6.94
N ASN A 1669 1.10 -26.41 7.31
CA ASN A 1669 0.13 -27.36 7.83
C ASN A 1669 -0.31 -28.35 6.77
N ASP A 1670 -0.65 -27.84 5.57
CA ASP A 1670 -1.02 -28.71 4.46
C ASP A 1670 0.15 -29.58 4.02
N GLN A 1671 1.35 -29.00 3.97
CA GLN A 1671 2.52 -29.78 3.57
C GLN A 1671 2.86 -30.85 4.60
N ILE A 1672 2.69 -30.56 5.89
CA ILE A 1672 3.00 -31.52 6.94
C ILE A 1672 1.99 -32.67 6.94
N ILE A 1673 0.70 -32.37 6.77
CA ILE A 1673 -0.27 -33.46 6.76
C ILE A 1673 -0.14 -34.30 5.49
N TYR A 1674 0.23 -33.67 4.36
CA TYR A 1674 0.43 -34.45 3.15
C TYR A 1674 1.70 -35.31 3.24
N TYR A 1675 2.76 -34.78 3.82
CA TYR A 1675 3.97 -35.58 4.04
C TYR A 1675 3.70 -36.74 4.99
N ASN A 1676 2.87 -36.50 6.01
CA ASN A 1676 2.51 -37.56 6.95
C ASN A 1676 1.70 -38.66 6.27
N VAL A 1677 0.78 -38.30 5.37
CA VAL A 1677 0.00 -39.37 4.76
C VAL A 1677 0.79 -40.10 3.66
N ILE A 1678 1.72 -39.43 2.95
CA ILE A 1678 2.61 -40.16 2.05
C ILE A 1678 3.52 -41.11 2.82
N ARG A 1679 4.04 -40.66 3.97
CA ARG A 1679 4.86 -41.55 4.80
C ARG A 1679 4.03 -42.70 5.37
N ASP A 1680 2.75 -42.47 5.65
CA ASP A 1680 1.90 -43.52 6.19
C ASP A 1680 1.54 -44.56 5.13
N PHE A 1681 1.18 -44.11 3.93
CA PHE A 1681 0.79 -45.05 2.88
C PHE A 1681 2.02 -45.75 2.31
N LEU A 1682 2.93 -44.98 1.73
CA LEU A 1682 4.20 -45.56 1.29
C LEU A 1682 5.02 -45.81 2.54
N ASN A 1683 4.99 -47.05 3.04
CA ASN A 1683 5.37 -47.37 4.41
C ASN A 1683 6.87 -47.23 4.60
N LYS A 1684 7.29 -46.05 5.03
CA LYS A 1684 8.70 -45.70 5.16
C LYS A 1684 8.89 -45.05 6.53
N LYS A 1685 10.04 -44.42 6.74
CA LYS A 1685 10.34 -43.84 8.04
C LYS A 1685 10.61 -42.35 8.00
N SER A 1686 11.18 -41.83 6.92
CA SER A 1686 11.50 -40.40 6.85
C SER A 1686 11.38 -39.91 5.42
N LEU A 1687 11.56 -38.59 5.28
CA LEU A 1687 11.35 -37.92 3.99
C LEU A 1687 12.41 -38.31 2.98
N GLU A 1688 13.66 -38.49 3.41
CA GLU A 1688 14.71 -38.93 2.50
C GLU A 1688 14.45 -40.34 1.98
N GLU A 1689 13.98 -41.25 2.84
CA GLU A 1689 13.64 -42.58 2.37
C GLU A 1689 12.41 -42.57 1.46
N VAL A 1690 11.46 -41.67 1.74
CA VAL A 1690 10.28 -41.53 0.89
C VAL A 1690 10.68 -41.05 -0.50
N LYS A 1691 11.52 -40.02 -0.58
CA LYS A 1691 11.94 -39.51 -1.88
C LYS A 1691 12.89 -40.47 -2.59
N ASP A 1692 13.65 -41.27 -1.85
CA ASP A 1692 14.49 -42.29 -2.48
C ASP A 1692 13.65 -43.41 -3.07
N SER A 1693 12.55 -43.78 -2.39
CA SER A 1693 11.63 -44.75 -2.97
C SER A 1693 10.87 -44.18 -4.16
N VAL A 1694 10.56 -42.88 -4.13
CA VAL A 1694 9.81 -42.26 -5.21
C VAL A 1694 10.69 -42.03 -6.45
N SER A 1695 11.99 -41.77 -6.26
CA SER A 1695 12.88 -41.40 -7.36
C SER A 1695 13.04 -42.52 -8.40
N SER A 1696 12.85 -43.77 -8.00
CA SER A 1696 12.77 -44.85 -8.96
C SER A 1696 11.37 -44.87 -9.57
N SER A 1697 11.31 -44.92 -10.90
CA SER A 1697 10.03 -44.92 -11.58
C SER A 1697 9.36 -46.29 -11.48
N SER A 1698 8.10 -46.33 -11.94
CA SER A 1698 7.21 -47.50 -11.83
C SER A 1698 7.04 -47.96 -10.39
N TYR A 1699 7.02 -47.02 -9.46
CA TYR A 1699 6.76 -47.26 -8.05
C TYR A 1699 5.41 -46.71 -7.62
N LEU A 1700 5.14 -45.44 -7.97
CA LEU A 1700 3.82 -44.86 -7.74
C LEU A 1700 2.75 -45.57 -8.56
N GLN A 1701 3.12 -46.08 -9.74
CA GLN A 1701 2.21 -46.93 -10.50
C GLN A 1701 1.90 -48.22 -9.74
N MET A 1702 2.90 -48.81 -9.08
CA MET A 1702 2.69 -50.04 -8.33
C MET A 1702 1.81 -49.80 -7.11
N ARG A 1703 2.04 -48.71 -6.37
CA ARG A 1703 1.19 -48.40 -5.22
C ARG A 1703 -0.22 -48.00 -5.66
N PHE A 1704 -0.36 -47.36 -6.82
CA PHE A 1704 -1.69 -47.03 -7.31
C PHE A 1704 -2.44 -48.26 -7.76
N ARG A 1705 -1.74 -49.24 -8.36
CA ARG A 1705 -2.39 -50.50 -8.70
C ARG A 1705 -2.76 -51.29 -7.46
N GLU A 1706 -1.94 -51.22 -6.42
CA GLU A 1706 -2.28 -51.84 -5.14
C GLU A 1706 -3.52 -51.20 -4.52
N LEU A 1707 -3.60 -49.86 -4.60
CA LEU A 1707 -4.78 -49.15 -4.10
C LEU A 1707 -6.02 -49.47 -4.92
N LYS A 1708 -5.86 -49.61 -6.24
CA LYS A 1708 -6.97 -50.02 -7.12
C LYS A 1708 -7.46 -51.41 -6.78
N GLY A 1709 -6.53 -52.34 -6.53
CA GLY A 1709 -6.91 -53.69 -6.13
C GLY A 1709 -7.59 -53.73 -4.78
N LYS A 1710 -7.11 -52.91 -3.83
CA LYS A 1710 -7.75 -52.84 -2.53
C LYS A 1710 -9.15 -52.24 -2.61
N TYR A 1711 -9.35 -51.24 -3.48
CA TYR A 1711 -10.67 -50.68 -3.68
C TYR A 1711 -11.60 -51.65 -4.40
N GLU A 1712 -11.05 -52.48 -5.30
CA GLU A 1712 -11.86 -53.49 -5.98
C GLU A 1712 -12.28 -54.59 -5.01
N LYS A 1713 -11.36 -55.04 -4.16
CA LYS A 1713 -11.68 -56.12 -3.23
C LYS A 1713 -12.56 -55.64 -2.09
N GLY A 1714 -12.37 -54.41 -1.63
CA GLY A 1714 -13.12 -53.90 -0.50
C GLY A 1714 -12.29 -53.82 0.76
N THR A 1715 -10.99 -54.12 0.62
CA THR A 1715 -10.06 -54.07 1.76
C THR A 1715 -9.36 -52.72 1.79
N LEU A 1716 -10.16 -51.70 2.08
CA LEU A 1716 -9.66 -50.32 2.18
C LEU A 1716 -9.35 -50.04 3.64
N GLU A 1717 -8.10 -50.28 4.03
CA GLU A 1717 -7.67 -49.99 5.39
C GLU A 1717 -7.62 -48.47 5.60
N GLU A 1718 -7.76 -48.05 6.86
CA GLU A 1718 -8.03 -46.66 7.18
C GLU A 1718 -6.88 -45.73 6.82
N LYS A 1719 -5.64 -46.23 6.74
CA LYS A 1719 -4.53 -45.43 6.21
C LYS A 1719 -4.77 -45.09 4.75
N ASP A 1720 -5.27 -46.04 3.98
CA ASP A 1720 -5.57 -45.81 2.56
C ASP A 1720 -6.83 -44.97 2.36
N LYS A 1721 -7.75 -44.97 3.34
CA LYS A 1721 -8.94 -44.13 3.23
C LYS A 1721 -8.57 -42.65 3.31
N LYS A 1722 -7.59 -42.33 4.17
CA LYS A 1722 -6.96 -41.01 4.15
C LYS A 1722 -6.41 -40.69 2.77
N MET A 1723 -5.78 -41.68 2.12
CA MET A 1723 -5.11 -41.44 0.86
C MET A 1723 -6.11 -41.14 -0.26
N ILE A 1724 -7.17 -41.95 -0.38
CA ILE A 1724 -8.19 -41.69 -1.40
C ILE A 1724 -8.86 -40.35 -1.14
N PHE A 1725 -9.11 -40.01 0.14
CA PHE A 1725 -9.79 -38.74 0.43
C PHE A 1725 -8.94 -37.52 0.07
N LEU A 1726 -7.66 -37.49 0.47
CA LEU A 1726 -6.89 -36.28 0.16
C LEU A 1726 -6.37 -36.21 -1.27
N ILE A 1727 -6.09 -37.32 -1.96
CA ILE A 1727 -5.80 -37.13 -3.39
C ILE A 1727 -7.08 -36.84 -4.19
N ASN A 1728 -8.25 -37.30 -3.74
CA ASN A 1728 -9.47 -36.82 -4.39
C ASN A 1728 -9.71 -35.35 -4.08
N LEU A 1729 -9.34 -34.90 -2.89
CA LEU A 1729 -9.44 -33.48 -2.54
C LEU A 1729 -8.49 -32.63 -3.38
N PHE A 1730 -7.27 -33.12 -3.60
CA PHE A 1730 -6.32 -32.39 -4.44
C PHE A 1730 -6.75 -32.40 -5.90
N GLU A 1731 -7.34 -33.51 -6.35
CA GLU A 1731 -7.68 -33.66 -7.76
C GLU A 1731 -8.98 -32.97 -8.13
N LYS A 1732 -9.93 -32.83 -7.18
CA LYS A 1732 -11.17 -32.12 -7.43
C LYS A 1732 -11.23 -30.82 -6.65
N ALA A 1733 -10.09 -30.32 -6.17
CA ALA A 1733 -10.04 -28.97 -5.61
C ALA A 1733 -10.06 -27.90 -6.69
N SER A 1734 -9.91 -28.28 -7.96
CA SER A 1734 -9.90 -27.30 -9.04
C SER A 1734 -11.31 -26.75 -9.29
N VAL A 1735 -12.27 -27.62 -9.58
CA VAL A 1735 -13.60 -27.17 -9.95
C VAL A 1735 -14.31 -26.67 -8.70
N SER A 1736 -14.64 -27.61 -7.79
CA SER A 1736 -15.21 -27.35 -6.45
C SER A 1736 -16.43 -26.44 -6.58
N GLU A 1737 -16.49 -25.31 -5.87
CA GLU A 1737 -17.47 -24.26 -6.11
C GLU A 1737 -16.71 -22.95 -6.30
N ASP A 1738 -17.20 -22.09 -7.20
CA ASP A 1738 -16.63 -20.80 -7.54
C ASP A 1738 -15.20 -21.02 -8.06
N SER A 1739 -15.11 -21.57 -9.27
CA SER A 1739 -13.83 -21.60 -9.99
C SER A 1739 -13.86 -20.70 -11.22
N ASP A 1740 -14.84 -19.81 -11.34
CA ASP A 1740 -14.92 -18.89 -12.46
C ASP A 1740 -13.99 -17.70 -12.32
N VAL A 1741 -13.30 -17.55 -11.20
CA VAL A 1741 -12.35 -16.46 -11.04
C VAL A 1741 -11.07 -16.80 -11.80
N LEU A 1742 -10.55 -15.81 -12.53
CA LEU A 1742 -9.32 -15.95 -13.30
C LEU A 1742 -8.16 -15.26 -12.60
N THR A 1743 -8.10 -15.40 -11.28
CA THR A 1743 -7.12 -14.73 -10.45
C THR A 1743 -5.70 -15.22 -10.73
N ILE A 1744 -4.91 -14.40 -11.41
CA ILE A 1744 -3.50 -14.67 -11.63
C ILE A 1744 -2.70 -13.78 -10.68
N GLY A 1745 -1.57 -14.31 -10.22
CA GLY A 1745 -0.77 -13.63 -9.22
C GLY A 1745 -1.45 -13.52 -7.87
N MET A 1746 -2.11 -14.59 -7.43
CA MET A 1746 -2.89 -14.53 -6.21
C MET A 1746 -1.99 -14.70 -4.98
N LYS A 1747 -2.58 -14.43 -3.82
CA LYS A 1747 -1.88 -14.38 -2.55
C LYS A 1747 -1.83 -15.77 -1.90
N PHE A 1748 -1.36 -15.81 -0.65
CA PHE A 1748 -1.43 -16.88 0.34
C PHE A 1748 -0.47 -18.04 0.14
N GLN A 1749 0.39 -18.01 -0.89
CA GLN A 1749 1.50 -18.92 -1.20
C GLN A 1749 1.19 -20.39 -0.89
N THR A 1750 -0.02 -20.84 -1.24
CA THR A 1750 -0.59 -22.08 -0.73
C THR A 1750 -0.65 -23.15 -1.81
N MET A 1751 -1.11 -24.33 -1.41
CA MET A 1751 -1.15 -25.49 -2.27
C MET A 1751 -2.56 -25.79 -2.79
N LEU A 1752 -3.53 -25.84 -1.89
CA LEU A 1752 -4.90 -26.18 -2.25
C LEU A 1752 -5.67 -24.90 -2.58
N THR A 1753 -6.96 -25.04 -2.88
CA THR A 1753 -7.81 -23.91 -3.22
C THR A 1753 -8.82 -23.65 -2.11
N GLN A 1754 -9.74 -22.72 -2.35
CA GLN A 1754 -10.70 -22.31 -1.34
C GLN A 1754 -11.93 -23.20 -1.27
N ILE A 1755 -12.09 -24.12 -2.23
CA ILE A 1755 -13.19 -25.10 -2.31
C ILE A 1755 -14.57 -24.43 -2.35
N ILE A 1756 -15.01 -23.92 -1.21
CA ILE A 1756 -16.35 -23.33 -1.09
C ILE A 1756 -16.19 -21.88 -0.64
N LYS A 1757 -16.77 -20.97 -1.42
CA LYS A 1757 -16.82 -19.55 -1.07
C LYS A 1757 -18.26 -19.09 -1.16
N LEU A 1758 -18.75 -18.47 -0.09
CA LEU A 1758 -20.12 -17.99 -0.08
C LEU A 1758 -20.26 -16.77 -1.00
N PRO A 1759 -21.41 -16.58 -1.64
CA PRO A 1759 -21.58 -15.42 -2.53
C PRO A 1759 -21.67 -14.12 -1.74
N ASN A 1760 -20.90 -13.13 -2.16
CA ASN A 1760 -20.97 -11.81 -1.57
C ASN A 1760 -22.25 -11.11 -2.04
N PHE A 1761 -22.65 -10.08 -1.30
CA PHE A 1761 -23.86 -9.34 -1.63
C PHE A 1761 -23.59 -8.43 -2.82
N ILE A 1762 -24.22 -8.71 -3.95
CA ILE A 1762 -24.12 -7.90 -5.16
C ILE A 1762 -25.47 -7.27 -5.42
N ASN A 1763 -25.62 -6.00 -5.05
CA ASN A 1763 -26.84 -5.26 -5.32
C ASN A 1763 -26.93 -4.91 -6.79
N GLU A 1764 -28.15 -4.67 -7.26
CA GLU A 1764 -28.35 -4.20 -8.63
C GLU A 1764 -28.00 -2.73 -8.79
N ASN A 1765 -27.96 -1.97 -7.69
CA ASN A 1765 -27.70 -0.54 -7.78
C ASN A 1765 -26.26 -0.26 -8.19
N ALA A 1766 -25.29 -0.93 -7.56
CA ALA A 1766 -23.89 -0.73 -7.92
C ALA A 1766 -23.59 -1.29 -9.31
N LEU A 1767 -24.24 -2.40 -9.66
CA LEU A 1767 -24.10 -2.97 -11.00
C LEU A 1767 -24.59 -1.99 -12.07
N ASN A 1768 -25.81 -1.48 -11.90
CA ASN A 1768 -26.36 -0.52 -12.85
C ASN A 1768 -25.65 0.82 -12.80
N LYS A 1769 -24.97 1.14 -11.70
CA LYS A 1769 -24.12 2.32 -11.67
C LYS A 1769 -22.82 2.10 -12.42
N MET A 1770 -22.36 0.86 -12.53
CA MET A 1770 -21.11 0.60 -13.23
C MET A 1770 -21.29 0.72 -14.74
N SER A 1771 -20.46 1.55 -15.36
CA SER A 1771 -20.58 1.84 -16.79
C SER A 1771 -20.19 0.64 -17.65
N SER A 1772 -19.27 -0.18 -17.17
CA SER A 1772 -18.92 -1.38 -17.93
C SER A 1772 -20.07 -2.40 -17.92
N TYR A 1773 -20.82 -2.46 -16.82
CA TYR A 1773 -22.04 -3.26 -16.80
C TYR A 1773 -23.14 -2.64 -17.67
N LYS A 1774 -23.18 -1.30 -17.75
CA LYS A 1774 -24.09 -0.65 -18.68
C LYS A 1774 -23.77 -1.03 -20.12
N ASP A 1775 -22.47 -1.07 -20.46
CA ASP A 1775 -22.05 -1.48 -21.79
C ASP A 1775 -22.33 -2.95 -22.04
N PHE A 1776 -22.18 -3.78 -21.01
CA PHE A 1776 -22.53 -5.20 -21.12
C PHE A 1776 -24.02 -5.38 -21.40
N SER A 1777 -24.88 -4.68 -20.64
CA SER A 1777 -26.32 -4.73 -20.84
C SER A 1777 -26.76 -4.02 -22.13
N LYS A 1778 -25.91 -3.18 -22.72
CA LYS A 1778 -26.24 -2.57 -23.99
C LYS A 1778 -25.85 -3.44 -25.19
N LEU A 1779 -24.64 -3.99 -25.19
CA LEU A 1779 -24.20 -4.81 -26.32
C LEU A 1779 -24.84 -6.19 -26.29
N TYR A 1780 -25.13 -6.73 -25.11
CA TYR A 1780 -26.05 -7.84 -24.97
C TYR A 1780 -27.28 -7.36 -24.24
N PRO A 1781 -28.47 -7.38 -24.86
CA PRO A 1781 -29.64 -6.70 -24.26
C PRO A 1781 -30.17 -7.34 -22.98
N ASN A 1782 -31.30 -6.83 -22.49
CA ASN A 1782 -31.86 -7.10 -21.17
C ASN A 1782 -32.24 -8.56 -20.93
N LEU A 1783 -32.10 -9.44 -21.93
CA LEU A 1783 -32.28 -10.88 -21.75
C LEU A 1783 -31.13 -11.52 -20.98
N LYS A 1784 -30.02 -10.80 -20.79
CA LYS A 1784 -28.88 -11.28 -20.02
C LYS A 1784 -28.55 -10.29 -18.90
N LYS A 1785 -29.39 -9.27 -18.71
CA LYS A 1785 -29.14 -8.25 -17.68
C LYS A 1785 -29.19 -8.84 -16.28
N ASN A 1786 -30.16 -9.71 -16.01
CA ASN A 1786 -30.31 -10.28 -14.67
C ASN A 1786 -29.57 -11.60 -14.54
N ILE A 1813 -35.50 -18.48 -23.55
CA ILE A 1813 -34.82 -19.39 -24.48
C ILE A 1813 -33.79 -18.61 -25.29
N ALA A 1814 -34.06 -17.32 -25.51
CA ALA A 1814 -33.13 -16.49 -26.25
C ALA A 1814 -31.90 -16.10 -25.41
N SER A 1815 -32.02 -16.11 -24.09
CA SER A 1815 -30.85 -15.92 -23.23
C SER A 1815 -29.87 -17.07 -23.39
N SER A 1816 -30.38 -18.28 -23.67
CA SER A 1816 -29.52 -19.42 -23.95
C SER A 1816 -28.68 -19.19 -25.20
N LEU A 1817 -29.28 -18.65 -26.27
CA LEU A 1817 -28.49 -18.36 -27.47
C LEU A 1817 -27.60 -17.13 -27.29
N GLU A 1818 -27.99 -16.17 -26.44
CA GLU A 1818 -27.13 -15.04 -26.11
C GLU A 1818 -25.86 -15.50 -25.40
N MET A 1819 -26.02 -16.35 -24.38
CA MET A 1819 -24.86 -16.92 -23.70
C MET A 1819 -24.11 -17.89 -24.59
N GLU A 1820 -24.81 -18.50 -25.55
CA GLU A 1820 -24.15 -19.37 -26.54
C GLU A 1820 -23.22 -18.57 -27.44
N SER A 1821 -23.67 -17.40 -27.89
CA SER A 1821 -22.79 -16.51 -28.66
C SER A 1821 -21.63 -16.00 -27.80
N VAL A 1822 -21.91 -15.65 -26.55
CA VAL A 1822 -20.85 -15.16 -25.67
C VAL A 1822 -19.85 -16.25 -25.35
N HIS A 1823 -20.25 -17.52 -25.37
CA HIS A 1823 -19.31 -18.60 -25.11
C HIS A 1823 -18.63 -19.11 -26.38
N ASP A 1824 -19.26 -18.95 -27.53
CA ASP A 1824 -18.57 -19.14 -28.79
C ASP A 1824 -17.43 -18.15 -28.94
N ILE A 1825 -17.66 -16.89 -28.55
CA ILE A 1825 -16.56 -15.93 -28.58
C ILE A 1825 -15.72 -15.95 -27.30
N MET A 1826 -16.13 -16.70 -26.27
CA MET A 1826 -15.17 -17.15 -25.27
C MET A 1826 -14.14 -18.07 -25.91
N ILE A 1827 -14.63 -19.12 -26.60
CA ILE A 1827 -13.76 -20.21 -27.03
C ILE A 1827 -12.96 -19.80 -28.26
N LYS A 1828 -13.47 -18.84 -29.04
CA LYS A 1828 -12.72 -18.34 -30.18
C LYS A 1828 -11.50 -17.51 -29.75
N ASN A 1829 -11.64 -16.69 -28.70
CA ASN A 1829 -10.51 -15.94 -28.14
C ASN A 1829 -10.45 -16.11 -26.62
N PRO A 1830 -9.92 -17.23 -26.12
CA PRO A 1830 -9.86 -17.40 -24.66
C PRO A 1830 -8.66 -16.73 -24.01
N GLU A 1831 -7.83 -16.00 -24.76
CA GLU A 1831 -6.74 -15.24 -24.17
C GLU A 1831 -7.24 -14.07 -23.33
N THR A 1832 -8.47 -13.63 -23.57
CA THR A 1832 -9.04 -12.53 -22.80
C THR A 1832 -9.41 -12.99 -21.39
N ILE A 1833 -9.68 -14.28 -21.23
CA ILE A 1833 -10.12 -14.82 -19.94
C ILE A 1833 -9.07 -15.70 -19.27
N LEU A 1834 -8.06 -16.17 -19.99
CA LEU A 1834 -7.07 -17.04 -19.38
C LEU A 1834 -6.02 -16.24 -18.62
N ILE A 1835 -5.25 -15.41 -19.33
CA ILE A 1835 -4.07 -14.74 -18.78
C ILE A 1835 -4.42 -13.26 -18.78
N ALA A 1836 -3.55 -12.41 -18.22
CA ALA A 1836 -3.72 -10.97 -18.25
C ALA A 1836 -3.76 -10.46 -19.68
N PRO A 1837 -4.50 -9.37 -19.95
CA PRO A 1837 -4.72 -8.93 -21.33
C PRO A 1837 -3.44 -8.48 -22.04
N LEU A 1838 -3.37 -8.79 -23.33
CA LEU A 1838 -2.24 -8.44 -24.17
C LEU A 1838 -2.48 -7.14 -24.92
N ASN A 1839 -3.56 -7.07 -25.70
CA ASN A 1839 -3.96 -5.89 -26.43
C ASN A 1839 -5.38 -5.45 -26.00
N ASP A 1840 -5.94 -4.48 -26.73
CA ASP A 1840 -7.23 -3.92 -26.37
C ASP A 1840 -8.41 -4.81 -26.78
N ARG A 1841 -8.19 -5.81 -27.62
CA ARG A 1841 -9.17 -6.88 -27.85
C ARG A 1841 -9.07 -7.97 -26.78
N ASP A 1842 -8.24 -7.74 -25.75
CA ASP A 1842 -8.10 -8.67 -24.64
C ASP A 1842 -8.49 -8.06 -23.30
N PHE A 1843 -8.72 -6.75 -23.21
CA PHE A 1843 -8.96 -6.07 -21.95
C PHE A 1843 -10.38 -5.55 -21.81
N LEU A 1844 -10.84 -4.72 -22.76
CA LEU A 1844 -12.15 -4.09 -22.59
C LEU A 1844 -13.28 -5.10 -22.76
N LEU A 1845 -13.13 -6.03 -23.70
CA LEU A 1845 -14.12 -7.10 -23.81
C LEU A 1845 -13.96 -8.12 -22.68
N SER A 1846 -12.80 -8.19 -22.03
CA SER A 1846 -12.70 -8.95 -20.79
C SER A 1846 -13.51 -8.28 -19.68
N GLN A 1847 -13.51 -6.94 -19.64
CA GLN A 1847 -14.36 -6.23 -18.68
C GLN A 1847 -15.83 -6.40 -18.99
N LEU A 1848 -16.21 -6.52 -20.26
CA LEU A 1848 -17.58 -6.93 -20.58
C LEU A 1848 -17.85 -8.36 -20.12
N PHE A 1849 -16.90 -9.26 -20.34
CA PHE A 1849 -17.10 -10.67 -20.01
C PHE A 1849 -17.02 -10.96 -18.53
N MET A 1850 -16.62 -9.99 -17.70
CA MET A 1850 -16.46 -10.23 -16.28
C MET A 1850 -17.78 -10.42 -15.54
N TYR A 1851 -18.91 -10.06 -16.16
CA TYR A 1851 -20.22 -10.22 -15.54
C TYR A 1851 -21.00 -11.42 -16.09
N THR A 1852 -20.45 -12.15 -17.05
CA THR A 1852 -21.11 -13.33 -17.57
C THR A 1852 -21.07 -14.45 -16.54
N SER A 1853 -22.26 -15.04 -16.24
CA SER A 1853 -22.53 -16.14 -15.32
C SER A 1853 -22.35 -15.73 -13.86
N PRO A 1854 -23.06 -16.34 -12.92
CA PRO A 1854 -22.77 -16.10 -11.50
C PRO A 1854 -21.44 -16.72 -11.11
N SER A 1855 -20.94 -16.27 -9.94
CA SER A 1855 -19.61 -16.44 -9.36
C SER A 1855 -18.53 -15.69 -10.14
N LYS A 1856 -18.87 -15.00 -11.23
CA LYS A 1856 -18.02 -13.96 -11.80
C LYS A 1856 -18.45 -12.57 -11.37
N ARG A 1857 -19.72 -12.39 -11.04
CA ARG A 1857 -20.23 -11.14 -10.48
C ARG A 1857 -20.06 -11.08 -8.98
N ASN A 1858 -19.61 -12.15 -8.33
CA ASN A 1858 -19.44 -12.19 -6.89
C ASN A 1858 -18.09 -11.66 -6.43
N GLN A 1859 -17.37 -10.95 -7.28
CA GLN A 1859 -16.08 -10.38 -6.94
C GLN A 1859 -16.09 -8.85 -6.90
N LEU A 1860 -17.28 -8.24 -6.90
CA LEU A 1860 -17.41 -6.79 -6.80
C LEU A 1860 -18.17 -6.45 -5.53
N SER A 1861 -17.56 -5.60 -4.69
CA SER A 1861 -18.15 -5.25 -3.41
C SER A 1861 -17.55 -3.95 -2.91
N ASN A 1862 -18.41 -2.99 -2.55
CA ASN A 1862 -18.03 -1.80 -1.81
C ASN A 1862 -18.29 -1.98 -0.32
N GLN A 1863 -18.18 -3.21 0.15
CA GLN A 1863 -18.57 -3.60 1.50
C GLN A 1863 -17.42 -3.55 2.50
N SER A 1864 -16.21 -3.87 2.03
CA SER A 1864 -14.97 -3.86 2.81
C SER A 1864 -15.04 -4.80 4.02
N THR A 1865 -14.18 -4.56 5.00
CA THR A 1865 -14.00 -5.51 6.10
C THR A 1865 -15.16 -5.46 7.09
N GLU A 1866 -15.66 -4.26 7.39
CA GLU A 1866 -16.46 -4.05 8.59
C GLU A 1866 -17.86 -4.63 8.50
N LYS A 1867 -18.55 -4.42 7.38
CA LYS A 1867 -19.94 -4.87 7.26
C LYS A 1867 -20.07 -6.19 6.54
N LEU A 1868 -18.96 -6.86 6.25
CA LEU A 1868 -18.99 -8.17 5.60
C LEU A 1868 -19.07 -9.31 6.60
N ALA A 1869 -18.54 -9.13 7.81
CA ALA A 1869 -18.56 -10.19 8.80
C ALA A 1869 -19.96 -10.47 9.32
N LEU A 1870 -20.80 -9.44 9.43
CA LEU A 1870 -22.20 -9.66 9.82
C LEU A 1870 -22.95 -10.41 8.73
N ASP A 1871 -22.66 -10.10 7.47
CA ASP A 1871 -23.22 -10.85 6.35
C ASP A 1871 -22.79 -12.30 6.40
N ARG A 1872 -21.52 -12.56 6.74
CA ARG A 1872 -21.03 -13.93 6.73
C ARG A 1872 -21.56 -14.74 7.90
N VAL A 1873 -21.73 -14.13 9.09
CA VAL A 1873 -22.29 -14.91 10.20
C VAL A 1873 -23.79 -15.10 9.98
N LEU A 1874 -24.44 -14.19 9.25
CA LEU A 1874 -25.83 -14.41 8.86
C LEU A 1874 -25.93 -15.49 7.78
N ARG A 1875 -24.89 -15.62 6.94
CA ARG A 1875 -24.87 -16.62 5.87
C ARG A 1875 -24.56 -18.03 6.35
N SER A 1876 -23.71 -18.17 7.38
CA SER A 1876 -23.22 -19.48 7.80
C SER A 1876 -24.36 -20.37 8.30
N LYS A 1877 -25.25 -19.82 9.12
CA LYS A 1877 -26.45 -20.55 9.55
C LYS A 1877 -27.65 -20.21 8.68
N ALA A 1878 -27.51 -20.38 7.36
CA ALA A 1878 -28.58 -20.04 6.44
C ALA A 1878 -28.49 -20.94 5.22
N ARG A 1879 -29.52 -20.85 4.38
CA ARG A 1879 -29.60 -21.65 3.16
C ARG A 1879 -28.91 -20.90 2.03
N THR A 1880 -27.69 -21.33 1.69
CA THR A 1880 -26.93 -20.72 0.61
C THR A 1880 -26.58 -21.73 -0.48
N LYS A 1889 -31.79 -25.03 -2.67
CA LYS A 1889 -30.69 -24.07 -2.58
C LYS A 1889 -29.57 -24.59 -1.69
N MET A 1890 -29.87 -25.67 -0.96
CA MET A 1890 -28.98 -26.32 0.02
C MET A 1890 -28.54 -25.35 1.11
N THR A 1891 -27.52 -25.73 1.87
CA THR A 1891 -26.93 -24.85 2.88
C THR A 1891 -25.45 -25.17 2.99
N TYR A 1892 -24.78 -24.57 3.97
CA TYR A 1892 -23.33 -24.76 4.12
C TYR A 1892 -22.99 -26.18 4.53
N GLU A 1893 -23.68 -26.71 5.55
CA GLU A 1893 -23.38 -28.06 6.00
C GLU A 1893 -23.83 -29.11 5.00
N GLU A 1894 -24.92 -28.85 4.27
CA GLU A 1894 -25.34 -29.77 3.20
C GLU A 1894 -24.34 -29.78 2.05
N ASN A 1895 -23.83 -28.60 1.68
CA ASN A 1895 -22.81 -28.51 0.64
C ASN A 1895 -21.53 -29.20 1.06
N MET A 1896 -21.11 -29.00 2.30
CA MET A 1896 -19.90 -29.67 2.80
C MET A 1896 -20.08 -31.17 2.87
N GLU A 1897 -21.27 -31.64 3.29
CA GLU A 1897 -21.51 -33.07 3.38
C GLU A 1897 -21.52 -33.73 2.01
N LYS A 1898 -22.18 -33.11 1.03
CA LYS A 1898 -22.19 -33.69 -0.31
C LYS A 1898 -20.82 -33.58 -0.98
N LYS A 1899 -20.04 -32.53 -0.67
CA LYS A 1899 -18.70 -32.41 -1.22
C LYS A 1899 -17.77 -33.50 -0.66
N ILE A 1900 -17.80 -33.72 0.66
CA ILE A 1900 -16.96 -34.74 1.27
C ILE A 1900 -17.40 -36.14 0.83
N LEU A 1901 -18.71 -36.34 0.66
CA LEU A 1901 -19.22 -37.62 0.15
C LEU A 1901 -18.75 -37.85 -1.29
N GLU A 1902 -18.64 -36.79 -2.09
CA GLU A 1902 -18.10 -36.95 -3.43
C GLU A 1902 -16.59 -37.17 -3.41
N MET A 1903 -15.86 -36.54 -2.49
CA MET A 1903 -14.42 -36.80 -2.40
C MET A 1903 -14.09 -38.15 -1.79
N LEU A 1904 -15.05 -38.83 -1.18
CA LEU A 1904 -14.76 -40.18 -0.68
C LEU A 1904 -14.74 -41.23 -1.79
N LYS A 1905 -15.13 -40.88 -3.02
CA LYS A 1905 -15.16 -41.79 -4.14
C LYS A 1905 -13.76 -41.92 -4.76
N PHE A 1906 -13.64 -42.88 -5.69
CA PHE A 1906 -12.38 -43.19 -6.36
C PHE A 1906 -12.50 -42.96 -7.87
N ASP A 1907 -12.91 -41.75 -8.26
CA ASP A 1907 -12.96 -41.29 -9.64
C ASP A 1907 -11.70 -41.70 -10.42
N LEU A 1908 -11.92 -42.33 -11.57
CA LEU A 1908 -10.93 -43.19 -12.21
C LEU A 1908 -9.74 -42.39 -12.75
N ASP A 1909 -8.61 -43.09 -12.84
CA ASP A 1909 -7.31 -42.55 -13.29
C ASP A 1909 -6.87 -41.36 -12.44
N SER A 1910 -6.73 -41.60 -11.14
CA SER A 1910 -6.17 -40.63 -10.21
C SER A 1910 -4.68 -40.79 -10.03
N TYR A 1911 -4.03 -41.64 -10.85
CA TYR A 1911 -2.59 -41.86 -10.73
C TYR A 1911 -1.80 -40.60 -11.10
N CYS A 1912 -2.26 -39.85 -12.09
CA CYS A 1912 -1.60 -38.59 -12.44
C CYS A 1912 -1.68 -37.59 -11.30
N SER A 1913 -2.82 -37.55 -10.61
CA SER A 1913 -2.97 -36.67 -9.45
C SER A 1913 -2.06 -37.12 -8.31
N PHE A 1914 -1.99 -38.43 -8.07
CA PHE A 1914 -1.13 -38.94 -7.00
C PHE A 1914 0.33 -38.66 -7.31
N LYS A 1915 0.74 -38.82 -8.57
CA LYS A 1915 2.11 -38.55 -8.98
C LYS A 1915 2.45 -37.07 -8.84
N THR A 1916 1.56 -36.18 -9.25
CA THR A 1916 1.88 -34.75 -9.13
C THR A 1916 1.80 -34.28 -7.68
N CYS A 1917 0.97 -34.91 -6.85
CA CYS A 1917 0.93 -34.55 -5.43
C CYS A 1917 2.21 -34.97 -4.72
N VAL A 1918 2.65 -36.20 -4.97
CA VAL A 1918 3.89 -36.69 -4.38
C VAL A 1918 5.08 -35.90 -4.92
N ASN A 1919 5.05 -35.53 -6.20
CA ASN A 1919 6.11 -34.72 -6.79
C ASN A 1919 6.16 -33.33 -6.17
N LEU A 1920 4.99 -32.71 -5.93
CA LEU A 1920 4.94 -31.40 -5.29
C LEU A 1920 5.46 -31.45 -3.85
N VAL A 1921 5.12 -32.51 -3.12
CA VAL A 1921 5.62 -32.64 -1.75
C VAL A 1921 7.13 -32.88 -1.74
N ILE A 1922 7.62 -33.73 -2.65
CA ILE A 1922 9.02 -34.13 -2.64
C ILE A 1922 9.92 -32.99 -3.12
N LYS A 1923 9.53 -32.28 -4.19
CA LYS A 1923 10.39 -31.32 -4.85
C LYS A 1923 10.68 -30.07 -4.01
N ASP A 1924 9.98 -29.86 -2.91
CA ASP A 1924 10.19 -28.68 -2.07
C ASP A 1924 11.55 -28.80 -1.38
N VAL A 1925 12.51 -28.02 -1.85
CA VAL A 1925 13.88 -28.12 -1.35
C VAL A 1925 13.98 -27.61 0.08
N ASN A 1926 13.29 -26.51 0.39
CA ASN A 1926 13.31 -25.97 1.76
C ASN A 1926 12.63 -26.92 2.73
N PHE A 1927 11.53 -27.55 2.33
CA PHE A 1927 10.86 -28.53 3.18
C PHE A 1927 11.71 -29.77 3.38
N SER A 1928 12.34 -30.26 2.31
CA SER A 1928 13.18 -31.45 2.37
C SER A 1928 14.53 -31.18 3.02
N MET A 1929 14.89 -29.92 3.22
CA MET A 1929 16.05 -29.59 4.06
C MET A 1929 15.65 -29.33 5.50
N LEU A 1930 14.43 -28.83 5.73
CA LEU A 1930 13.98 -28.54 7.08
C LEU A 1930 13.64 -29.81 7.84
N ILE A 1931 13.00 -30.78 7.17
CA ILE A 1931 12.47 -31.96 7.87
C ILE A 1931 13.54 -32.84 8.51
N PRO A 1932 14.65 -33.23 7.84
CA PRO A 1932 15.63 -34.07 8.54
C PRO A 1932 16.38 -33.34 9.64
N ILE A 1933 16.68 -32.05 9.46
CA ILE A 1933 17.36 -31.29 10.51
C ILE A 1933 16.42 -30.82 11.60
N LEU A 1934 15.10 -30.98 11.42
CA LEU A 1934 14.18 -30.85 12.54
C LEU A 1934 14.00 -32.16 13.27
N ASP A 1935 14.02 -33.28 12.54
CA ASP A 1935 13.89 -34.59 13.17
C ASP A 1935 15.17 -34.97 13.92
N SER A 1936 16.32 -34.46 13.51
CA SER A 1936 17.59 -34.82 14.14
C SER A 1936 18.30 -33.58 14.67
N ALA A 1937 17.59 -32.70 15.35
CA ALA A 1937 18.18 -31.50 15.93
C ALA A 1937 18.64 -31.78 17.34
N TYR A 1938 19.92 -31.58 17.59
CA TYR A 1938 20.47 -31.70 18.94
C TYR A 1938 19.92 -30.57 19.81
N PRO A 1939 19.48 -30.87 21.05
CA PRO A 1939 18.65 -29.91 21.80
C PRO A 1939 19.37 -28.65 22.28
N CYS A 1940 20.50 -28.79 22.97
CA CYS A 1940 21.06 -27.66 23.69
C CYS A 1940 22.57 -27.84 23.84
N GLU A 1941 23.21 -26.79 24.38
CA GLU A 1941 24.66 -26.64 24.60
C GLU A 1941 25.50 -26.71 23.32
N SER A 1942 26.81 -26.62 23.49
CA SER A 1942 27.78 -26.39 22.41
C SER A 1942 27.42 -25.13 21.63
N ARG A 1943 27.29 -24.02 22.36
CA ARG A 1943 26.96 -22.69 21.83
C ARG A 1943 25.66 -22.69 21.04
N LYS A 1944 24.68 -23.44 21.51
CA LYS A 1944 23.37 -23.48 20.86
C LYS A 1944 22.27 -22.90 21.74
N ARG A 1945 22.05 -23.47 22.92
CA ARG A 1945 20.94 -23.07 23.78
C ARG A 1945 21.40 -22.93 25.23
N ASP A 1946 22.49 -22.19 25.43
CA ASP A 1946 22.98 -21.93 26.78
C ASP A 1946 22.06 -21.03 27.57
N ASN A 1947 21.16 -20.29 26.92
CA ASN A 1947 20.13 -19.49 27.58
C ASN A 1947 18.79 -20.18 27.46
N TYR A 1948 17.83 -19.71 28.26
CA TYR A 1948 16.48 -20.26 28.25
C TYR A 1948 15.38 -19.20 28.23
N ASN A 1949 15.69 -17.94 28.52
CA ASN A 1949 14.67 -16.88 28.53
C ASN A 1949 14.30 -16.53 27.10
N PHE A 1950 13.21 -17.16 26.62
CA PHE A 1950 12.53 -16.99 25.34
C PHE A 1950 13.46 -16.98 24.11
N ARG A 1951 14.65 -17.57 24.25
CA ARG A 1951 15.58 -17.72 23.15
C ARG A 1951 15.50 -19.09 22.49
N TRP A 1952 14.63 -19.98 22.98
CA TRP A 1952 14.48 -21.29 22.34
C TRP A 1952 13.82 -21.13 20.98
N PHE A 1953 12.79 -20.29 20.87
CA PHE A 1953 12.27 -19.95 19.56
C PHE A 1953 13.10 -18.94 18.81
N GLN A 1954 14.29 -18.61 19.28
CA GLN A 1954 15.29 -18.04 18.38
C GLN A 1954 16.09 -19.20 17.81
N THR A 1955 16.75 -19.94 18.71
CA THR A 1955 17.81 -20.85 18.33
C THR A 1955 17.26 -22.03 17.57
N GLU A 1956 16.30 -22.76 18.14
CA GLU A 1956 15.88 -23.97 17.44
C GLU A 1956 14.86 -23.68 16.35
N LYS A 1957 14.38 -22.44 16.25
CA LYS A 1957 13.61 -22.08 15.06
C LYS A 1957 14.53 -21.87 13.87
N TRP A 1958 15.63 -21.15 14.04
CA TRP A 1958 16.43 -20.79 12.87
C TRP A 1958 17.85 -21.31 12.79
N ILE A 1959 18.62 -21.41 13.87
CA ILE A 1959 20.04 -21.74 13.72
C ILE A 1959 20.31 -23.12 13.12
N PRO A 1960 19.53 -24.20 13.32
CA PRO A 1960 19.80 -25.39 12.49
C PRO A 1960 19.37 -25.17 11.05
N VAL A 1961 18.29 -24.43 10.82
CA VAL A 1961 17.83 -24.19 9.45
C VAL A 1961 18.72 -23.18 8.75
N VAL A 1962 19.19 -22.16 9.47
CA VAL A 1962 19.99 -21.11 8.84
C VAL A 1962 21.46 -21.51 8.83
N GLU A 1963 21.79 -22.68 9.39
CA GLU A 1963 23.05 -23.33 9.04
C GLU A 1963 22.91 -24.53 8.11
N GLY A 1964 21.70 -25.06 7.90
CA GLY A 1964 21.52 -26.06 6.87
C GLY A 1964 21.28 -25.47 5.49
N SER A 1965 20.74 -24.26 5.45
CA SER A 1965 20.59 -23.30 4.36
C SER A 1965 21.64 -22.23 4.56
N PRO A 1966 22.19 -21.60 3.42
CA PRO A 1966 23.51 -20.92 3.44
C PRO A 1966 23.95 -20.15 4.67
N GLY A 1967 25.17 -20.44 5.12
CA GLY A 1967 25.61 -20.21 6.49
C GLY A 1967 25.72 -18.79 6.99
N LEU A 1968 25.63 -18.64 8.31
CA LEU A 1968 25.77 -17.35 8.98
C LEU A 1968 26.57 -17.56 10.27
N VAL A 1969 26.98 -16.45 10.89
CA VAL A 1969 27.68 -16.48 12.16
C VAL A 1969 26.76 -16.14 13.33
N VAL A 1970 25.47 -15.96 13.06
CA VAL A 1970 24.52 -15.47 14.04
C VAL A 1970 24.27 -16.50 15.13
N MET A 1971 23.85 -16.03 16.32
CA MET A 1971 23.14 -16.83 17.29
C MET A 1971 21.80 -16.19 17.64
N HIS A 1972 21.80 -14.88 17.91
CA HIS A 1972 20.61 -14.14 18.26
C HIS A 1972 20.50 -12.93 17.34
N ALA A 1973 19.27 -12.54 17.06
CA ALA A 1973 18.91 -11.68 15.94
C ALA A 1973 17.42 -11.35 16.03
N VAL A 1974 16.90 -10.69 15.00
CA VAL A 1974 15.48 -10.77 14.68
C VAL A 1974 15.37 -11.07 13.19
N TYR A 1975 14.29 -11.75 12.80
CA TYR A 1975 14.22 -12.39 11.50
C TYR A 1975 13.09 -11.81 10.66
N GLY A 1976 13.44 -11.40 9.44
CA GLY A 1976 12.47 -11.18 8.38
C GLY A 1976 12.91 -11.91 7.13
N SER A 1977 12.15 -12.92 6.70
CA SER A 1977 12.63 -13.83 5.67
C SER A 1977 12.27 -13.33 4.28
N ASN A 1978 12.70 -14.09 3.28
CA ASN A 1978 12.41 -13.81 1.88
C ASN A 1978 11.12 -14.53 1.46
N TYR A 1979 10.88 -14.58 0.16
CA TYR A 1979 9.82 -15.42 -0.42
C TYR A 1979 10.41 -16.78 -0.80
N ILE A 1980 10.98 -17.45 0.21
CA ILE A 1980 11.66 -18.73 -0.02
C ILE A 1980 10.66 -19.80 -0.42
N GLU A 1981 9.56 -19.92 0.33
CA GLU A 1981 8.46 -20.81 -0.05
C GLU A 1981 7.55 -20.07 -1.02
N ASN A 1982 7.99 -20.02 -2.28
CA ASN A 1982 7.17 -19.42 -3.33
C ASN A 1982 6.34 -20.50 -4.02
N LEU A 1983 5.55 -21.20 -3.20
CA LEU A 1983 4.70 -22.28 -3.68
C LEU A 1983 3.45 -21.66 -4.28
N GLY A 1984 3.61 -21.16 -5.50
CA GLY A 1984 2.52 -20.61 -6.27
C GLY A 1984 2.65 -21.05 -7.71
N LEU A 1985 3.63 -21.92 -7.95
CA LEU A 1985 3.86 -22.46 -9.28
C LEU A 1985 2.88 -23.56 -9.64
N LYS A 1986 2.11 -24.07 -8.67
CA LYS A 1986 1.09 -25.08 -8.90
C LYS A 1986 -0.31 -24.54 -8.71
N ASN A 1987 -0.53 -23.65 -7.74
CA ASN A 1987 -1.88 -23.15 -7.50
C ASN A 1987 -2.30 -22.10 -8.50
N ILE A 1988 -1.37 -21.34 -9.08
CA ILE A 1988 -1.70 -20.42 -10.17
C ILE A 1988 -2.12 -21.17 -11.42
N PRO A 1989 -1.42 -22.22 -11.92
CA PRO A 1989 -2.04 -23.03 -12.98
C PRO A 1989 -3.21 -23.87 -12.51
N LEU A 1990 -3.39 -24.09 -11.20
CA LEU A 1990 -4.63 -24.69 -10.73
C LEU A 1990 -5.81 -23.75 -10.95
N THR A 1991 -5.62 -22.46 -10.67
CA THR A 1991 -6.68 -21.49 -10.95
C THR A 1991 -6.89 -21.32 -12.46
N ASP A 1992 -5.81 -21.32 -13.24
CA ASP A 1992 -5.93 -21.19 -14.69
C ASP A 1992 -6.60 -22.41 -15.32
N ASP A 1993 -6.26 -23.61 -14.84
CA ASP A 1993 -6.89 -24.80 -15.37
C ASP A 1993 -8.34 -24.92 -14.88
N SER A 1994 -8.62 -24.38 -13.69
CA SER A 1994 -10.00 -24.31 -13.20
C SER A 1994 -10.87 -23.41 -14.08
N ILE A 1995 -10.37 -22.21 -14.42
CA ILE A 1995 -11.18 -21.31 -15.22
C ILE A 1995 -11.30 -21.82 -16.65
N ASN A 1996 -10.25 -22.45 -17.20
CA ASN A 1996 -10.36 -23.02 -18.53
C ASN A 1996 -11.32 -24.20 -18.57
N VAL A 1997 -11.24 -25.09 -17.57
CA VAL A 1997 -12.14 -26.24 -17.46
C VAL A 1997 -13.58 -25.77 -17.33
N LEU A 1998 -13.81 -24.74 -16.52
CA LEU A 1998 -15.19 -24.38 -16.23
C LEU A 1998 -15.79 -23.51 -17.34
N THR A 1999 -14.98 -22.73 -18.07
CA THR A 1999 -15.55 -22.04 -19.22
C THR A 1999 -15.79 -23.01 -20.37
N SER A 2000 -14.96 -24.06 -20.49
CA SER A 2000 -15.26 -25.11 -21.46
C SER A 2000 -16.50 -25.89 -21.05
N THR A 2001 -16.72 -26.05 -19.73
CA THR A 2001 -17.89 -26.77 -19.24
C THR A 2001 -19.17 -25.99 -19.50
N PHE A 2002 -19.17 -24.66 -19.24
CA PHE A 2002 -20.29 -23.82 -19.67
C PHE A 2002 -20.51 -23.89 -21.17
N GLY A 2003 -19.42 -23.85 -21.97
CA GLY A 2003 -19.57 -23.90 -23.42
C GLY A 2003 -20.21 -25.19 -23.92
N THR A 2004 -19.69 -26.34 -23.44
CA THR A 2004 -20.21 -27.60 -23.95
C THR A 2004 -21.56 -27.98 -23.32
N GLY A 2005 -21.81 -27.61 -22.06
CA GLY A 2005 -23.11 -27.85 -21.47
C GLY A 2005 -24.18 -26.94 -22.02
N LEU A 2006 -23.79 -25.80 -22.57
CA LEU A 2006 -24.72 -24.95 -23.29
C LEU A 2006 -24.95 -25.48 -24.70
N ILE A 2007 -23.91 -26.04 -25.32
CA ILE A 2007 -24.02 -26.49 -26.71
C ILE A 2007 -24.81 -27.80 -26.81
N MET A 2008 -24.79 -28.62 -25.75
CA MET A 2008 -25.79 -29.68 -25.55
C MET A 2008 -25.75 -30.17 -24.10
N GLU A 2009 -26.78 -30.93 -23.75
CA GLU A 2009 -26.85 -31.61 -22.46
C GLU A 2009 -26.22 -32.99 -22.57
N ASP A 2010 -25.89 -33.55 -21.40
CA ASP A 2010 -25.27 -34.88 -21.23
C ASP A 2010 -23.95 -34.96 -21.99
N VAL A 2011 -23.00 -34.17 -21.52
CA VAL A 2011 -21.67 -34.09 -22.10
C VAL A 2011 -20.76 -35.05 -21.35
N LYS A 2012 -20.46 -36.18 -21.97
CA LYS A 2012 -19.39 -37.07 -21.54
C LYS A 2012 -18.34 -37.28 -22.61
N SER A 2013 -18.76 -37.43 -23.86
CA SER A 2013 -17.90 -37.37 -25.03
C SER A 2013 -18.66 -36.64 -26.13
N LEU A 2014 -17.96 -35.74 -26.83
CA LEU A 2014 -18.63 -34.87 -27.78
C LEU A 2014 -18.96 -35.61 -29.08
N VAL A 2015 -19.53 -34.86 -30.03
CA VAL A 2015 -20.10 -35.43 -31.25
C VAL A 2015 -19.33 -34.91 -32.46
N LYS A 2016 -18.01 -34.75 -32.29
CA LYS A 2016 -17.08 -34.26 -33.31
C LYS A 2016 -17.45 -32.83 -33.76
N GLY A 2017 -17.28 -31.92 -32.81
CA GLY A 2017 -17.46 -30.50 -33.06
C GLY A 2017 -16.25 -29.89 -33.73
N LYS A 2018 -15.72 -28.80 -33.19
CA LYS A 2018 -14.49 -28.23 -33.69
C LYS A 2018 -13.31 -28.74 -32.87
N ASP A 2019 -12.10 -28.29 -33.26
CA ASP A 2019 -10.86 -28.85 -32.71
C ASP A 2019 -10.70 -28.53 -31.23
N SER A 2020 -11.04 -27.30 -30.83
CA SER A 2020 -10.97 -26.92 -29.41
C SER A 2020 -11.94 -27.75 -28.58
N PHE A 2021 -13.14 -27.99 -29.10
CA PHE A 2021 -14.13 -28.81 -28.41
C PHE A 2021 -13.67 -30.26 -28.29
N GLU A 2022 -13.06 -30.81 -29.34
CA GLU A 2022 -12.56 -32.18 -29.27
C GLU A 2022 -11.40 -32.30 -28.29
N THR A 2023 -10.54 -31.28 -28.22
CA THR A 2023 -9.42 -31.33 -27.29
C THR A 2023 -9.88 -31.17 -25.85
N GLU A 2024 -10.90 -30.35 -25.59
CA GLU A 2024 -11.37 -30.30 -24.21
C GLU A 2024 -12.22 -31.52 -23.88
N ALA A 2025 -12.77 -32.20 -24.89
CA ALA A 2025 -13.40 -33.50 -24.66
C ALA A 2025 -12.37 -34.54 -24.23
N PHE A 2026 -11.22 -34.56 -24.92
CA PHE A 2026 -10.08 -35.38 -24.50
C PHE A 2026 -9.67 -35.00 -23.08
N SER A 2027 -9.67 -33.70 -22.78
CA SER A 2027 -9.28 -33.21 -21.46
C SER A 2027 -10.21 -33.73 -20.36
N ASN A 2028 -11.52 -33.44 -20.47
CA ASN A 2028 -12.44 -33.75 -19.39
C ASN A 2028 -12.95 -35.19 -19.42
N SER A 2029 -12.57 -36.00 -20.43
CA SER A 2029 -12.82 -37.43 -20.34
C SER A 2029 -12.05 -38.06 -19.19
N ASN A 2030 -10.82 -37.61 -18.97
CA ASN A 2030 -10.00 -37.97 -17.83
C ASN A 2030 -9.98 -36.74 -16.91
N GLU A 2031 -9.16 -36.79 -15.86
CA GLU A 2031 -8.93 -35.59 -15.06
C GLU A 2031 -8.02 -34.65 -15.84
N CYS A 2032 -8.62 -33.56 -16.34
CA CYS A 2032 -7.94 -32.65 -17.26
C CYS A 2032 -6.78 -31.92 -16.60
N GLN A 2033 -6.98 -31.48 -15.36
CA GLN A 2033 -5.96 -30.75 -14.62
C GLN A 2033 -4.73 -31.61 -14.39
N ARG A 2034 -4.94 -32.86 -13.98
CA ARG A 2034 -3.82 -33.73 -13.67
C ARG A 2034 -3.14 -34.26 -14.93
N LEU A 2035 -3.90 -34.46 -16.02
CA LEU A 2035 -3.26 -34.84 -17.27
C LEU A 2035 -2.44 -33.70 -17.86
N VAL A 2036 -2.88 -32.44 -17.69
CA VAL A 2036 -2.02 -31.37 -18.19
C VAL A 2036 -0.86 -31.12 -17.24
N LYS A 2037 -0.99 -31.48 -15.95
CA LYS A 2037 0.17 -31.41 -15.07
C LYS A 2037 1.20 -32.44 -15.45
N ALA A 2038 0.77 -33.65 -15.81
CA ALA A 2038 1.69 -34.64 -16.35
C ALA A 2038 2.28 -34.18 -17.68
N CYS A 2039 1.47 -33.57 -18.54
CA CYS A 2039 1.94 -33.09 -19.84
C CYS A 2039 3.01 -32.03 -19.68
N ASN A 2040 2.81 -31.10 -18.75
CA ASN A 2040 3.83 -30.11 -18.42
C ASN A 2040 5.00 -30.75 -17.69
N TYR A 2041 4.81 -31.93 -17.08
CA TYR A 2041 5.92 -32.59 -16.41
C TYR A 2041 6.91 -33.18 -17.42
N MET A 2042 6.42 -33.83 -18.48
CA MET A 2042 7.39 -34.13 -19.55
C MET A 2042 7.79 -32.90 -20.37
N ILE A 2043 6.83 -32.26 -21.04
CA ILE A 2043 7.20 -31.30 -22.09
C ILE A 2043 7.72 -30.00 -21.46
N ALA A 2044 8.61 -29.33 -22.20
CA ALA A 2044 9.20 -28.05 -21.80
C ALA A 2044 9.31 -27.14 -23.02
N ALA A 2045 8.22 -27.05 -23.79
CA ALA A 2045 8.24 -26.29 -25.05
C ALA A 2045 8.49 -24.81 -24.82
N GLN A 2046 7.56 -24.14 -24.14
CA GLN A 2046 7.67 -22.75 -23.67
C GLN A 2046 7.92 -21.78 -24.83
N ASN A 2047 6.90 -21.64 -25.67
CA ASN A 2047 6.94 -20.65 -26.74
C ASN A 2047 6.91 -19.24 -26.15
N ARG A 2048 7.38 -18.29 -26.95
CA ARG A 2048 7.65 -16.93 -26.48
C ARG A 2048 6.40 -16.05 -26.39
N LEU A 2049 5.20 -16.63 -26.51
CA LEU A 2049 3.91 -15.97 -26.27
C LEU A 2049 3.69 -14.78 -27.21
N LEU A 2050 3.66 -15.07 -28.50
CA LEU A 2050 3.40 -14.07 -29.52
C LEU A 2050 1.95 -14.07 -29.98
N ALA A 2051 1.09 -14.90 -29.37
CA ALA A 2051 -0.35 -15.01 -29.62
C ALA A 2051 -0.69 -15.42 -31.06
N ILE A 2052 0.28 -15.89 -31.84
CA ILE A 2052 0.05 -16.38 -33.19
C ILE A 2052 0.64 -17.77 -33.30
N ASN A 2053 1.95 -17.89 -33.00
CA ASN A 2053 2.65 -19.17 -33.11
C ASN A 2053 2.15 -20.17 -32.09
N THR A 2054 1.84 -19.72 -30.87
CA THR A 2054 1.31 -20.61 -29.85
C THR A 2054 -0.08 -21.14 -30.22
N CYS A 2055 -0.86 -20.35 -30.95
CA CYS A 2055 -2.13 -20.86 -31.47
C CYS A 2055 -1.92 -21.76 -32.68
N PHE A 2056 -0.85 -21.54 -33.45
CA PHE A 2056 -0.59 -22.37 -34.63
C PHE A 2056 -0.06 -23.75 -34.28
N THR A 2057 0.76 -23.88 -33.23
CA THR A 2057 1.24 -25.20 -32.84
C THR A 2057 0.13 -26.12 -32.36
N ARG A 2058 -0.53 -25.77 -31.25
CA ARG A 2058 -1.63 -26.57 -30.72
C ARG A 2058 -2.50 -25.67 -29.86
N LYS A 2059 -3.78 -25.98 -29.80
CA LYS A 2059 -4.73 -25.09 -29.14
C LYS A 2059 -4.76 -25.31 -27.64
N SER A 2060 -5.28 -26.45 -27.19
CA SER A 2060 -5.83 -26.49 -25.83
C SER A 2060 -4.74 -26.66 -24.79
N PHE A 2061 -4.06 -27.82 -24.80
CA PHE A 2061 -3.10 -28.15 -23.76
C PHE A 2061 -1.93 -27.15 -23.65
N PRO A 2062 -1.24 -26.71 -24.72
CA PRO A 2062 -0.24 -25.66 -24.51
C PRO A 2062 -0.83 -24.29 -24.27
N PHE A 2063 -2.03 -23.96 -24.80
CA PHE A 2063 -2.55 -22.62 -24.58
C PHE A 2063 -3.03 -22.49 -23.12
N TYR A 2064 -3.37 -23.60 -22.47
CA TYR A 2064 -3.75 -23.50 -21.05
C TYR A 2064 -2.68 -24.04 -20.10
N SER A 2065 -1.51 -24.47 -20.60
CA SER A 2065 -0.38 -24.71 -19.71
C SER A 2065 0.72 -23.66 -19.83
N LYS A 2066 1.21 -23.39 -21.05
CA LYS A 2066 2.41 -22.58 -21.22
C LYS A 2066 2.12 -21.08 -21.34
N PHE A 2067 0.85 -20.68 -21.41
CA PHE A 2067 0.49 -19.26 -21.40
C PHE A 2067 0.70 -18.62 -20.04
N ASN A 2068 0.90 -19.40 -18.99
CA ASN A 2068 1.08 -19.01 -17.60
C ASN A 2068 2.46 -18.40 -17.31
N LEU A 2069 3.27 -18.17 -18.34
CA LEU A 2069 4.63 -17.63 -18.23
C LEU A 2069 5.51 -18.49 -17.33
N GLY A 2070 5.37 -19.81 -17.46
CA GLY A 2070 6.14 -20.73 -16.64
C GLY A 2070 5.62 -22.14 -16.79
N ARG A 2071 6.17 -23.02 -15.97
CA ARG A 2071 5.82 -24.43 -15.99
C ARG A 2071 6.11 -25.02 -14.61
N GLY A 2072 5.86 -26.32 -14.47
CA GLY A 2072 6.23 -27.02 -13.26
C GLY A 2072 7.73 -27.15 -13.11
N PHE A 2073 8.29 -26.47 -12.11
CA PHE A 2073 9.74 -26.39 -11.94
C PHE A 2073 10.04 -26.49 -10.44
N ILE A 2074 11.26 -26.13 -10.05
CA ILE A 2074 11.72 -26.33 -8.68
C ILE A 2074 11.58 -25.05 -7.89
N SER A 2075 11.60 -25.17 -6.56
CA SER A 2075 11.59 -24.02 -5.67
C SER A 2075 13.02 -23.60 -5.34
N ASN A 2076 13.15 -22.57 -4.52
CA ASN A 2076 14.47 -22.04 -4.19
C ASN A 2076 14.55 -21.74 -2.71
N THR A 2077 15.78 -21.80 -2.18
CA THR A 2077 16.07 -21.52 -0.78
C THR A 2077 17.04 -20.35 -0.69
N LEU A 2078 16.87 -19.53 0.34
CA LEU A 2078 17.76 -18.38 0.54
C LEU A 2078 18.34 -18.38 1.94
N ALA A 2079 19.03 -17.30 2.31
CA ALA A 2079 19.78 -17.22 3.57
C ALA A 2079 18.96 -16.59 4.70
N LEU A 2080 17.64 -16.47 4.52
CA LEU A 2080 16.64 -16.10 5.52
C LEU A 2080 16.68 -14.64 5.96
N LEU A 2081 17.71 -13.89 5.54
CA LEU A 2081 17.86 -12.44 5.74
C LEU A 2081 17.73 -12.05 7.21
N SER A 2082 18.70 -12.51 8.00
CA SER A 2082 18.81 -12.08 9.39
C SER A 2082 19.17 -10.60 9.43
N THR A 2083 18.27 -9.78 9.96
CA THR A 2083 18.44 -8.33 9.87
C THR A 2083 19.56 -7.83 10.76
N ILE A 2084 19.44 -8.03 12.08
CA ILE A 2084 20.41 -7.51 13.02
C ILE A 2084 20.34 -8.39 14.27
N TYR A 2085 21.39 -8.34 15.09
CA TYR A 2085 21.51 -9.15 16.28
C TYR A 2085 20.78 -8.49 17.44
N SER A 2086 19.87 -9.23 18.08
CA SER A 2086 19.30 -8.81 19.35
C SER A 2086 20.33 -8.99 20.46
N LYS A 2087 19.91 -8.70 21.70
CA LYS A 2087 20.84 -8.76 22.83
C LYS A 2087 21.28 -10.19 23.11
N GLU A 2088 22.57 -10.37 23.36
CA GLU A 2088 23.20 -11.68 23.41
C GLU A 2088 23.37 -12.12 24.85
N GLU A 2089 22.78 -13.27 25.19
CA GLU A 2089 22.96 -13.90 26.48
C GLU A 2089 23.63 -15.25 26.28
N SER A 2090 24.59 -15.57 27.14
CA SER A 2090 25.32 -16.82 27.01
C SER A 2090 25.63 -17.43 28.37
#